data_2MQP
#
_entry.id   2MQP
#
loop_
_entity.id
_entity.type
_entity.pdbx_description
1 polymer 'Protein Hnrnpl'
2 polymer "RNA (5'-R(*AP*CP*AP*CP*AP*C)-3')"
#
loop_
_entity_poly.entity_id
_entity_poly.type
_entity_poly.pdbx_seq_one_letter_code
_entity_poly.pdbx_strand_id
1 'polypeptide(L)'
;QKISRPGDSDDSRSVNSVLLFTILNPIYSITTDVLYTICNPCGPVQRIVIFRKNGVQAMVEFDSVQSAQRAKASLNGADI
YSGCCTLKIEYAKPTRLNVFKNDQDTWDYTNPNLSGQG
;
A
2 'polyribonucleotide' ACACAC B
#
# COMPACT_ATOMS: atom_id res chain seq x y z
N GLN A 1 -22.61 -13.27 -6.28
CA GLN A 1 -21.45 -12.55 -6.82
C GLN A 1 -21.83 -11.15 -7.27
N LYS A 2 -20.99 -10.16 -6.95
CA LYS A 2 -21.24 -8.77 -7.34
C LYS A 2 -21.11 -8.60 -8.85
N ILE A 3 -22.14 -8.02 -9.48
CA ILE A 3 -22.11 -7.72 -10.90
C ILE A 3 -21.38 -6.40 -11.12
N SER A 4 -20.61 -6.29 -12.21
CA SER A 4 -19.85 -5.09 -12.51
C SER A 4 -20.78 -3.94 -12.89
N ARG A 5 -20.79 -2.89 -12.07
CA ARG A 5 -21.60 -1.69 -12.29
C ARG A 5 -20.92 -0.47 -11.68
N PRO A 6 -21.06 0.71 -12.30
CA PRO A 6 -20.56 1.95 -11.76
C PRO A 6 -21.40 2.37 -10.56
N GLY A 7 -20.78 3.06 -9.60
CA GLY A 7 -21.48 3.52 -8.40
C GLY A 7 -21.89 2.37 -7.48
N ASP A 8 -21.41 1.14 -7.75
CA ASP A 8 -21.75 -0.03 -6.95
C ASP A 8 -20.57 -0.96 -6.72
N SER A 9 -19.79 -1.27 -7.77
CA SER A 9 -18.60 -2.10 -7.64
C SER A 9 -17.51 -1.37 -6.86
N ASP A 10 -16.64 -2.13 -6.20
CA ASP A 10 -15.56 -1.56 -5.39
C ASP A 10 -14.69 -0.56 -6.15
N ASP A 11 -14.46 -0.84 -7.43
CA ASP A 11 -13.65 0.01 -8.30
C ASP A 11 -14.32 1.29 -8.81
N SER A 12 -15.52 1.62 -8.32
CA SER A 12 -16.24 2.78 -8.83
C SER A 12 -16.98 3.58 -7.74
N ARG A 13 -16.84 3.21 -6.46
CA ARG A 13 -17.46 3.97 -5.37
C ARG A 13 -16.67 3.91 -4.06
N SER A 14 -15.45 3.38 -4.12
CA SER A 14 -14.59 3.26 -2.94
C SER A 14 -13.15 3.65 -3.25
N VAL A 15 -12.87 4.06 -4.49
CA VAL A 15 -11.52 4.41 -4.93
C VAL A 15 -11.10 5.81 -4.50
N ASN A 16 -9.99 5.89 -3.76
CA ASN A 16 -9.43 7.17 -3.31
C ASN A 16 -7.92 7.27 -3.59
N SER A 17 -7.37 6.34 -4.37
CA SER A 17 -5.93 6.23 -4.62
C SER A 17 -5.12 5.83 -3.39
N VAL A 18 -5.77 5.24 -2.37
CA VAL A 18 -5.11 4.76 -1.17
C VAL A 18 -5.48 3.31 -0.87
N LEU A 19 -4.52 2.52 -0.39
CA LEU A 19 -4.73 1.09 -0.18
C LEU A 19 -4.17 0.64 1.17
N LEU A 20 -4.81 -0.38 1.75
CA LEU A 20 -4.32 -1.05 2.95
C LEU A 20 -3.68 -2.37 2.57
N PHE A 21 -2.53 -2.67 3.17
CA PHE A 21 -1.76 -3.90 2.97
C PHE A 21 -1.66 -4.78 4.21
N THR A 22 -2.38 -5.92 4.21
CA THR A 22 -2.29 -6.89 5.28
C THR A 22 -1.28 -8.01 5.03
N ILE A 23 -0.38 -8.25 5.99
CA ILE A 23 0.63 -9.28 5.85
C ILE A 23 0.17 -10.54 6.60
N LEU A 24 0.17 -11.69 5.92
CA LEU A 24 -0.36 -12.92 6.48
C LEU A 24 0.68 -13.72 7.25
N ASN A 25 1.96 -13.57 6.90
CA ASN A 25 3.04 -14.32 7.52
C ASN A 25 4.27 -13.42 7.70
N PRO A 26 4.25 -12.58 8.75
CA PRO A 26 5.29 -11.61 9.06
C PRO A 26 6.52 -12.27 9.70
N ILE A 27 6.98 -13.38 9.14
CA ILE A 27 8.15 -14.09 9.66
C ILE A 27 9.43 -13.28 9.41
N TYR A 28 9.31 -12.15 8.72
CA TYR A 28 10.41 -11.23 8.47
C TYR A 28 10.04 -9.76 8.65
N SER A 29 11.04 -8.91 8.93
CA SER A 29 10.82 -7.49 9.10
C SER A 29 10.42 -6.85 7.77
N ILE A 30 9.16 -6.37 7.70
CA ILE A 30 8.66 -5.68 6.52
C ILE A 30 9.18 -4.24 6.53
N THR A 31 9.53 -3.72 5.35
CA THR A 31 10.02 -2.37 5.18
C THR A 31 9.38 -1.61 4.02
N THR A 32 9.44 -0.28 4.02
CA THR A 32 8.90 0.50 2.92
C THR A 32 9.62 0.29 1.59
N ASP A 33 10.82 -0.31 1.62
CA ASP A 33 11.60 -0.57 0.42
C ASP A 33 11.04 -1.74 -0.36
N VAL A 34 10.75 -2.84 0.32
CA VAL A 34 10.20 -4.03 -0.32
C VAL A 34 8.76 -3.82 -0.78
N LEU A 35 8.01 -2.99 -0.05
CA LEU A 35 6.64 -2.65 -0.43
C LEU A 35 6.68 -1.73 -1.65
N TYR A 36 7.67 -0.84 -1.73
CA TYR A 36 7.87 -0.02 -2.91
C TYR A 36 8.36 -0.79 -4.13
N THR A 37 9.13 -1.86 -3.89
CA THR A 37 9.70 -2.68 -4.96
C THR A 37 8.55 -3.38 -5.67
N ILE A 38 7.49 -3.77 -4.95
CA ILE A 38 6.36 -4.44 -5.58
C ILE A 38 5.27 -3.45 -6.01
N CYS A 39 5.22 -2.24 -5.42
CA CYS A 39 4.21 -1.26 -5.78
C CYS A 39 4.64 -0.32 -6.90
N ASN A 40 5.95 -0.11 -7.08
CA ASN A 40 6.47 0.79 -8.10
C ASN A 40 6.15 0.33 -9.53
N PRO A 41 6.25 -0.96 -9.86
CA PRO A 41 5.91 -1.42 -11.21
C PRO A 41 4.41 -1.31 -11.48
N CYS A 42 3.60 -1.12 -10.42
CA CYS A 42 2.16 -0.96 -10.56
C CYS A 42 1.76 0.52 -10.68
N GLY A 43 2.74 1.43 -10.57
CA GLY A 43 2.50 2.85 -10.72
C GLY A 43 3.42 3.68 -9.82
N PRO A 44 3.50 4.99 -10.06
CA PRO A 44 4.32 5.90 -9.28
C PRO A 44 3.77 6.05 -7.87
N VAL A 45 4.40 5.38 -6.90
CA VAL A 45 4.01 5.45 -5.50
C VAL A 45 4.34 6.84 -4.97
N GLN A 46 3.54 7.35 -4.04
CA GLN A 46 3.74 8.66 -3.46
C GLN A 46 4.08 8.56 -1.97
N ARG A 47 3.47 7.64 -1.23
CA ARG A 47 3.75 7.47 0.20
C ARG A 47 3.56 6.03 0.65
N ILE A 48 4.30 5.63 1.69
CA ILE A 48 4.22 4.30 2.30
C ILE A 48 4.48 4.41 3.80
N VAL A 49 3.73 3.63 4.60
CA VAL A 49 3.84 3.62 6.05
C VAL A 49 3.55 2.20 6.55
N ILE A 50 4.05 1.85 7.74
CA ILE A 50 3.88 0.53 8.32
C ILE A 50 3.50 0.66 9.79
N PHE A 51 2.61 -0.22 10.26
CA PHE A 51 2.19 -0.27 11.65
C PHE A 51 1.95 -1.66 12.23
N ARG A 52 1.99 -1.78 13.56
CA ARG A 52 1.92 -3.07 14.25
C ARG A 52 0.84 -3.05 15.34
N LYS A 53 -0.07 -2.07 15.31
CA LYS A 53 -1.00 -1.81 16.42
C LYS A 53 -1.97 -2.96 16.70
N ASN A 54 -2.38 -3.72 15.68
CA ASN A 54 -3.32 -4.83 15.85
C ASN A 54 -2.83 -6.11 15.18
N GLY A 55 -1.58 -6.11 14.72
CA GLY A 55 -1.02 -7.22 13.96
C GLY A 55 0.18 -6.71 13.19
N VAL A 56 0.19 -6.91 11.86
CA VAL A 56 1.22 -6.38 10.99
C VAL A 56 0.59 -5.90 9.69
N GLN A 57 0.68 -4.59 9.44
CA GLN A 57 0.06 -3.98 8.28
C GLN A 57 0.93 -2.88 7.71
N ALA A 58 0.59 -2.45 6.50
CA ALA A 58 1.24 -1.34 5.82
C ALA A 58 0.23 -0.59 4.97
N MET A 59 0.58 0.62 4.52
CA MET A 59 -0.30 1.44 3.71
C MET A 59 0.47 2.00 2.52
N VAL A 60 -0.25 2.28 1.44
CA VAL A 60 0.33 2.82 0.22
C VAL A 60 -0.59 3.86 -0.41
N GLU A 61 -0.01 4.88 -1.04
CA GLU A 61 -0.77 5.92 -1.71
C GLU A 61 -0.18 6.17 -3.10
N PHE A 62 -1.07 6.26 -4.10
CA PHE A 62 -0.72 6.42 -5.50
C PHE A 62 -0.96 7.80 -6.09
N ASP A 63 -0.32 8.09 -7.23
CA ASP A 63 -0.48 9.36 -7.91
C ASP A 63 -1.82 9.36 -8.68
N SER A 64 -2.43 8.19 -8.86
CA SER A 64 -3.67 8.09 -9.63
C SER A 64 -4.48 6.86 -9.21
N VAL A 65 -5.79 6.91 -9.48
CA VAL A 65 -6.70 5.83 -9.15
C VAL A 65 -6.35 4.61 -10.00
N GLN A 66 -5.94 4.83 -11.25
CA GLN A 66 -5.65 3.73 -12.16
C GLN A 66 -4.46 2.92 -11.67
N SER A 67 -3.50 3.56 -11.00
CA SER A 67 -2.36 2.86 -10.44
C SER A 67 -2.78 2.04 -9.23
N ALA A 68 -3.72 2.55 -8.43
CA ALA A 68 -4.20 1.85 -7.27
C ALA A 68 -5.08 0.65 -7.66
N GLN A 69 -5.81 0.75 -8.77
CA GLN A 69 -6.68 -0.33 -9.20
C GLN A 69 -5.88 -1.56 -9.64
N ARG A 70 -4.82 -1.36 -10.43
CA ARG A 70 -4.00 -2.49 -10.89
C ARG A 70 -3.09 -3.00 -9.78
N ALA A 71 -2.72 -2.15 -8.82
CA ALA A 71 -1.90 -2.57 -7.70
C ALA A 71 -2.72 -3.46 -6.76
N LYS A 72 -3.98 -3.08 -6.52
CA LYS A 72 -4.87 -3.83 -5.64
C LYS A 72 -5.36 -5.11 -6.32
N ALA A 73 -5.32 -5.17 -7.65
CA ALA A 73 -5.76 -6.32 -8.41
C ALA A 73 -4.62 -7.27 -8.79
N SER A 74 -3.36 -6.85 -8.60
CA SER A 74 -2.21 -7.67 -8.99
C SER A 74 -1.36 -8.09 -7.79
N LEU A 75 -1.25 -7.24 -6.77
CA LEU A 75 -0.43 -7.54 -5.60
C LEU A 75 -1.24 -8.25 -4.50
N ASN A 76 -2.56 -8.37 -4.69
CA ASN A 76 -3.40 -9.08 -3.74
C ASN A 76 -3.13 -10.57 -3.85
N GLY A 77 -2.93 -11.25 -2.72
CA GLY A 77 -2.64 -12.67 -2.67
C GLY A 77 -1.20 -12.98 -3.07
N ALA A 78 -0.44 -11.95 -3.48
CA ALA A 78 0.96 -12.10 -3.84
C ALA A 78 1.82 -12.18 -2.58
N ASP A 79 3.09 -12.60 -2.74
CA ASP A 79 4.03 -12.71 -1.64
C ASP A 79 5.32 -11.92 -1.83
N ILE A 80 5.80 -11.29 -0.75
CA ILE A 80 7.03 -10.50 -0.79
C ILE A 80 8.24 -11.42 -0.86
N TYR A 81 8.20 -12.50 -0.08
CA TYR A 81 9.26 -13.51 -0.02
C TYR A 81 9.24 -14.59 -1.09
N SER A 82 8.14 -14.68 -1.85
CA SER A 82 7.90 -15.74 -2.83
C SER A 82 7.76 -17.10 -2.14
N GLY A 83 7.17 -17.08 -0.94
CA GLY A 83 6.91 -18.29 -0.16
C GLY A 83 6.29 -17.92 1.19
N CYS A 84 6.52 -16.70 1.66
CA CYS A 84 5.98 -16.17 2.91
C CYS A 84 5.71 -14.67 2.75
N CYS A 85 5.26 -14.02 3.83
CA CYS A 85 4.89 -12.61 3.79
C CYS A 85 3.79 -12.31 2.77
N THR A 86 2.84 -13.24 2.65
CA THR A 86 1.67 -13.09 1.80
C THR A 86 0.85 -11.82 2.05
N LEU A 87 0.17 -11.31 1.03
CA LEU A 87 -0.52 -10.04 1.10
C LEU A 87 -2.02 -10.16 0.86
N LYS A 88 -2.74 -9.15 1.37
CA LYS A 88 -4.15 -8.89 1.09
C LYS A 88 -4.31 -7.39 0.95
N ILE A 89 -5.12 -6.94 -0.01
CA ILE A 89 -5.23 -5.52 -0.32
C ILE A 89 -6.68 -5.09 -0.54
N GLU A 90 -7.00 -3.88 -0.08
CA GLU A 90 -8.32 -3.30 -0.28
C GLU A 90 -8.24 -1.78 -0.13
N TYR A 91 -9.25 -1.07 -0.64
CA TYR A 91 -9.31 0.38 -0.50
C TYR A 91 -9.40 0.91 0.92
N ALA A 92 -8.60 1.94 1.22
CA ALA A 92 -8.54 2.53 2.54
C ALA A 92 -9.57 3.65 2.69
N LYS A 93 -9.98 3.98 3.92
CA LYS A 93 -10.95 5.03 4.16
C LYS A 93 -10.34 6.43 4.35
N PRO A 94 -9.14 6.60 4.93
CA PRO A 94 -8.51 7.92 5.00
C PRO A 94 -7.93 8.27 3.64
N THR A 95 -7.55 9.55 3.44
CA THR A 95 -7.07 10.02 2.15
C THR A 95 -5.75 10.80 2.13
N ARG A 96 -5.11 11.00 3.28
CA ARG A 96 -3.80 11.66 3.32
C ARG A 96 -3.07 11.34 4.62
N LEU A 97 -1.75 11.15 4.54
CA LEU A 97 -0.88 10.94 5.69
C LEU A 97 -0.43 12.29 6.26
N ASN A 98 0.23 12.25 7.42
CA ASN A 98 0.91 13.40 7.98
C ASN A 98 2.37 13.05 8.29
N VAL A 99 3.04 12.39 7.32
CA VAL A 99 4.41 11.91 7.49
C VAL A 99 5.37 12.95 8.06
N PHE A 100 6.25 12.50 8.96
CA PHE A 100 7.23 13.38 9.61
C PHE A 100 8.71 13.04 9.42
N LYS A 101 9.02 11.85 8.89
CA LYS A 101 10.39 11.44 8.61
C LYS A 101 10.42 10.25 7.66
N ASN A 102 11.62 9.86 7.24
CA ASN A 102 11.85 8.70 6.39
C ASN A 102 12.76 7.69 7.10
N ASP A 103 12.33 6.42 7.14
CA ASP A 103 13.09 5.32 7.72
C ASP A 103 12.53 4.00 7.17
N GLN A 104 12.90 2.86 7.78
CA GLN A 104 12.52 1.56 7.27
C GLN A 104 11.02 1.26 7.40
N ASP A 105 10.28 2.04 8.22
CA ASP A 105 8.84 1.85 8.41
C ASP A 105 7.94 2.97 7.93
N THR A 106 8.53 4.12 7.59
CA THR A 106 7.82 5.29 7.09
C THR A 106 8.57 6.00 5.98
N TRP A 107 7.87 6.47 4.94
CA TRP A 107 8.57 7.10 3.84
C TRP A 107 7.61 7.94 3.01
N ASP A 108 8.16 8.96 2.35
CA ASP A 108 7.42 9.78 1.40
C ASP A 108 8.19 9.95 0.09
N TYR A 109 7.63 9.45 -1.00
CA TYR A 109 8.28 9.37 -2.30
C TYR A 109 8.28 10.63 -3.16
N THR A 110 7.85 11.76 -2.60
CA THR A 110 7.79 13.02 -3.33
C THR A 110 8.25 14.23 -2.51
N ASN A 111 8.19 14.15 -1.17
CA ASN A 111 8.73 15.20 -0.33
C ASN A 111 10.15 14.81 0.10
N PRO A 112 11.17 15.56 -0.34
CA PRO A 112 12.56 15.30 0.00
C PRO A 112 12.93 15.84 1.38
N ASN A 113 12.11 16.74 1.94
CA ASN A 113 12.43 17.42 3.19
C ASN A 113 12.32 16.49 4.41
N LEU A 114 11.66 15.34 4.26
CA LEU A 114 11.50 14.42 5.38
C LEU A 114 12.69 13.45 5.50
N SER A 115 13.64 13.52 4.57
CA SER A 115 14.79 12.63 4.58
C SER A 115 15.77 13.01 5.69
N GLY A 116 15.79 14.28 6.09
CA GLY A 116 16.70 14.76 7.13
C GLY A 116 16.05 14.73 8.52
N GLN A 117 14.78 14.36 8.61
CA GLN A 117 14.04 14.35 9.86
C GLN A 117 14.17 13.01 10.59
N GLY A 118 14.99 12.09 10.06
CA GLY A 118 15.16 10.76 10.61
C GLY A 118 15.65 10.79 12.05
N GLN A 1 -24.42 -14.31 -17.61
CA GLN A 1 -23.13 -13.61 -17.53
C GLN A 1 -22.73 -13.37 -16.07
N LYS A 2 -21.44 -13.10 -15.82
CA LYS A 2 -20.91 -12.85 -14.49
C LYS A 2 -21.46 -11.53 -13.94
N ILE A 3 -21.61 -11.43 -12.61
CA ILE A 3 -22.12 -10.24 -11.97
C ILE A 3 -21.15 -9.07 -12.15
N SER A 4 -21.69 -7.86 -12.33
CA SER A 4 -20.89 -6.66 -12.55
C SER A 4 -20.10 -6.30 -11.28
N ARG A 5 -18.96 -5.62 -11.46
CA ARG A 5 -18.08 -5.25 -10.35
C ARG A 5 -18.65 -4.11 -9.50
N PRO A 6 -19.27 -3.07 -10.08
CA PRO A 6 -19.86 -1.98 -9.33
C PRO A 6 -20.92 -2.45 -8.34
N GLY A 7 -21.19 -1.64 -7.30
CA GLY A 7 -22.18 -1.96 -6.29
C GLY A 7 -21.69 -3.00 -5.28
N ASP A 8 -20.44 -3.47 -5.43
CA ASP A 8 -19.86 -4.44 -4.52
C ASP A 8 -18.35 -4.29 -4.38
N SER A 9 -17.63 -4.31 -5.50
CA SER A 9 -16.19 -4.15 -5.51
C SER A 9 -15.80 -2.73 -5.11
N ASP A 10 -14.61 -2.56 -4.55
CA ASP A 10 -14.10 -1.26 -4.14
C ASP A 10 -13.68 -0.35 -5.29
N ASP A 11 -13.71 -0.88 -6.52
CA ASP A 11 -13.32 -0.17 -7.73
C ASP A 11 -14.26 0.96 -8.15
N SER A 12 -15.42 1.10 -7.50
CA SER A 12 -16.43 2.07 -7.90
C SER A 12 -17.13 2.75 -6.73
N ARG A 13 -16.66 2.52 -5.49
CA ARG A 13 -17.28 3.11 -4.31
C ARG A 13 -16.29 3.39 -3.18
N SER A 14 -15.00 3.17 -3.43
CA SER A 14 -13.96 3.42 -2.44
C SER A 14 -12.64 3.88 -3.07
N VAL A 15 -12.66 4.20 -4.36
CA VAL A 15 -11.46 4.61 -5.09
C VAL A 15 -11.06 6.00 -4.58
N ASN A 16 -9.97 6.05 -3.79
CA ASN A 16 -9.42 7.28 -3.27
C ASN A 16 -7.91 7.40 -3.51
N SER A 17 -7.35 6.50 -4.33
CA SER A 17 -5.92 6.41 -4.57
C SER A 17 -5.11 6.00 -3.34
N VAL A 18 -5.75 5.34 -2.36
CA VAL A 18 -5.08 4.83 -1.17
C VAL A 18 -5.46 3.38 -0.92
N LEU A 19 -4.48 2.56 -0.51
CA LEU A 19 -4.68 1.13 -0.29
C LEU A 19 -4.15 0.71 1.07
N LEU A 20 -4.64 -0.43 1.54
CA LEU A 20 -4.18 -1.06 2.77
C LEU A 20 -3.55 -2.40 2.43
N PHE A 21 -2.39 -2.68 3.03
CA PHE A 21 -1.63 -3.90 2.84
C PHE A 21 -1.50 -4.77 4.10
N THR A 22 -2.22 -5.88 4.15
CA THR A 22 -2.09 -6.85 5.23
C THR A 22 -1.02 -7.89 5.00
N ILE A 23 -0.22 -8.20 6.02
CA ILE A 23 0.80 -9.23 5.91
C ILE A 23 0.35 -10.47 6.69
N LEU A 24 0.18 -11.58 5.98
CA LEU A 24 -0.42 -12.79 6.55
C LEU A 24 0.62 -13.70 7.20
N ASN A 25 1.91 -13.51 6.90
CA ASN A 25 3.00 -14.30 7.48
C ASN A 25 4.21 -13.40 7.71
N PRO A 26 4.19 -12.61 8.79
CA PRO A 26 5.23 -11.66 9.14
C PRO A 26 6.46 -12.33 9.78
N ILE A 27 6.93 -13.43 9.17
CA ILE A 27 8.10 -14.14 9.69
C ILE A 27 9.38 -13.32 9.45
N TYR A 28 9.26 -12.18 8.77
CA TYR A 28 10.35 -11.25 8.53
C TYR A 28 9.99 -9.78 8.73
N SER A 29 11.00 -8.93 8.94
CA SER A 29 10.78 -7.50 9.12
C SER A 29 10.37 -6.86 7.80
N ILE A 30 9.12 -6.38 7.74
CA ILE A 30 8.60 -5.69 6.57
C ILE A 30 9.12 -4.25 6.55
N THR A 31 9.47 -3.75 5.37
CA THR A 31 9.96 -2.39 5.19
C THR A 31 9.32 -1.64 4.01
N THR A 32 9.39 -0.31 4.02
CA THR A 32 8.86 0.47 2.91
C THR A 32 9.60 0.27 1.59
N ASP A 33 10.79 -0.33 1.63
CA ASP A 33 11.60 -0.57 0.44
C ASP A 33 11.06 -1.76 -0.35
N VAL A 34 10.74 -2.86 0.35
CA VAL A 34 10.19 -4.04 -0.30
C VAL A 34 8.76 -3.81 -0.78
N LEU A 35 8.00 -2.99 -0.04
CA LEU A 35 6.63 -2.66 -0.43
C LEU A 35 6.67 -1.73 -1.64
N TYR A 36 7.67 -0.85 -1.72
CA TYR A 36 7.87 -0.02 -2.89
C TYR A 36 8.36 -0.78 -4.12
N THR A 37 9.13 -1.85 -3.88
CA THR A 37 9.70 -2.64 -4.96
C THR A 37 8.55 -3.34 -5.69
N ILE A 38 7.50 -3.74 -4.97
CA ILE A 38 6.36 -4.40 -5.60
C ILE A 38 5.28 -3.39 -6.02
N CYS A 39 5.21 -2.22 -5.39
CA CYS A 39 4.19 -1.23 -5.73
C CYS A 39 4.61 -0.28 -6.84
N ASN A 40 5.92 -0.06 -7.02
CA ASN A 40 6.42 0.85 -8.04
C ASN A 40 6.07 0.40 -9.46
N PRO A 41 6.22 -0.88 -9.84
CA PRO A 41 5.86 -1.33 -11.17
C PRO A 41 4.36 -1.27 -11.41
N CYS A 42 3.57 -1.15 -10.33
CA CYS A 42 2.13 -1.02 -10.45
C CYS A 42 1.70 0.42 -10.70
N GLY A 43 2.61 1.38 -10.47
CA GLY A 43 2.34 2.80 -10.71
C GLY A 43 3.17 3.68 -9.79
N PRO A 44 3.19 5.00 -10.04
CA PRO A 44 3.93 5.96 -9.25
C PRO A 44 3.46 6.00 -7.81
N VAL A 45 4.24 5.42 -6.90
CA VAL A 45 3.97 5.46 -5.46
C VAL A 45 4.35 6.84 -4.94
N GLN A 46 3.59 7.35 -3.96
CA GLN A 46 3.87 8.65 -3.38
C GLN A 46 4.22 8.54 -1.89
N ARG A 47 3.56 7.64 -1.15
CA ARG A 47 3.83 7.47 0.28
C ARG A 47 3.59 6.03 0.74
N ILE A 48 4.31 5.63 1.79
CA ILE A 48 4.19 4.32 2.40
C ILE A 48 4.48 4.42 3.91
N VAL A 49 3.67 3.76 4.72
CA VAL A 49 3.87 3.67 6.16
C VAL A 49 3.51 2.28 6.68
N ILE A 50 4.00 1.91 7.86
CA ILE A 50 3.82 0.58 8.43
C ILE A 50 3.44 0.67 9.90
N PHE A 51 2.53 -0.21 10.34
CA PHE A 51 2.11 -0.29 11.73
C PHE A 51 1.88 -1.70 12.26
N ARG A 52 1.95 -1.84 13.59
CA ARG A 52 1.87 -3.13 14.26
C ARG A 52 0.80 -3.12 15.36
N LYS A 53 -0.09 -2.11 15.34
CA LYS A 53 -1.02 -1.86 16.43
C LYS A 53 -2.02 -2.99 16.70
N ASN A 54 -2.41 -3.74 15.68
CA ASN A 54 -3.36 -4.85 15.84
C ASN A 54 -2.86 -6.13 15.17
N GLY A 55 -1.61 -6.12 14.68
CA GLY A 55 -1.05 -7.20 13.91
C GLY A 55 0.15 -6.68 13.14
N VAL A 56 0.15 -6.85 11.82
CA VAL A 56 1.19 -6.32 10.95
C VAL A 56 0.56 -5.84 9.64
N GLN A 57 0.62 -4.53 9.40
CA GLN A 57 0.01 -3.93 8.23
C GLN A 57 0.87 -2.79 7.70
N ALA A 58 0.53 -2.34 6.48
CA ALA A 58 1.16 -1.19 5.85
C ALA A 58 0.11 -0.47 5.01
N MET A 59 0.41 0.78 4.61
CA MET A 59 -0.49 1.56 3.78
C MET A 59 0.29 2.16 2.62
N VAL A 60 -0.40 2.43 1.51
CA VAL A 60 0.22 2.97 0.30
C VAL A 60 -0.66 4.03 -0.34
N GLU A 61 -0.04 5.06 -0.90
CA GLU A 61 -0.74 6.14 -1.57
C GLU A 61 -0.17 6.35 -2.97
N PHE A 62 -1.08 6.44 -3.96
CA PHE A 62 -0.73 6.57 -5.38
C PHE A 62 -1.00 7.92 -6.01
N ASP A 63 -0.37 8.17 -7.16
CA ASP A 63 -0.54 9.42 -7.91
C ASP A 63 -1.85 9.36 -8.72
N SER A 64 -2.46 8.18 -8.84
CA SER A 64 -3.64 8.01 -9.67
C SER A 64 -4.50 6.82 -9.21
N VAL A 65 -5.81 6.90 -9.48
CA VAL A 65 -6.74 5.85 -9.08
C VAL A 65 -6.45 4.60 -9.91
N GLN A 66 -6.11 4.76 -11.19
CA GLN A 66 -5.86 3.63 -12.06
C GLN A 66 -4.58 2.89 -11.64
N SER A 67 -3.65 3.59 -11.01
CA SER A 67 -2.43 2.97 -10.50
C SER A 67 -2.76 2.13 -9.28
N ALA A 68 -3.72 2.57 -8.46
CA ALA A 68 -4.13 1.85 -7.28
C ALA A 68 -5.02 0.65 -7.63
N GLN A 69 -5.79 0.74 -8.73
CA GLN A 69 -6.65 -0.36 -9.14
C GLN A 69 -5.83 -1.56 -9.60
N ARG A 70 -4.78 -1.32 -10.40
CA ARG A 70 -3.97 -2.42 -10.91
C ARG A 70 -3.01 -2.93 -9.82
N ALA A 71 -2.67 -2.10 -8.84
CA ALA A 71 -1.84 -2.54 -7.74
C ALA A 71 -2.63 -3.46 -6.80
N LYS A 72 -3.90 -3.10 -6.54
CA LYS A 72 -4.76 -3.87 -5.64
C LYS A 72 -5.24 -5.16 -6.31
N ALA A 73 -5.25 -5.20 -7.64
CA ALA A 73 -5.69 -6.38 -8.38
C ALA A 73 -4.53 -7.31 -8.73
N SER A 74 -3.28 -6.83 -8.66
CA SER A 74 -2.12 -7.63 -9.03
C SER A 74 -1.32 -8.10 -7.82
N LEU A 75 -1.21 -7.26 -6.79
CA LEU A 75 -0.40 -7.60 -5.62
C LEU A 75 -1.20 -8.34 -4.56
N ASN A 76 -2.53 -8.43 -4.72
CA ASN A 76 -3.35 -9.17 -3.77
C ASN A 76 -3.07 -10.66 -3.91
N GLY A 77 -2.89 -11.36 -2.79
CA GLY A 77 -2.59 -12.78 -2.77
C GLY A 77 -1.14 -13.08 -3.15
N ALA A 78 -0.38 -12.04 -3.54
CA ALA A 78 1.03 -12.19 -3.87
C ALA A 78 1.87 -12.26 -2.61
N ASP A 79 3.13 -12.66 -2.75
CA ASP A 79 4.07 -12.77 -1.64
C ASP A 79 5.36 -11.97 -1.81
N ILE A 80 5.81 -11.31 -0.73
CA ILE A 80 7.03 -10.52 -0.77
C ILE A 80 8.25 -11.43 -0.85
N TYR A 81 8.21 -12.52 -0.07
CA TYR A 81 9.27 -13.52 0.00
C TYR A 81 9.25 -14.60 -1.08
N SER A 82 8.15 -14.70 -1.83
CA SER A 82 7.93 -15.77 -2.81
C SER A 82 7.81 -17.12 -2.12
N GLY A 83 7.23 -17.12 -0.92
CA GLY A 83 6.99 -18.31 -0.13
C GLY A 83 6.34 -17.95 1.22
N CYS A 84 6.56 -16.73 1.68
CA CYS A 84 6.01 -16.20 2.93
C CYS A 84 5.70 -14.71 2.76
N CYS A 85 5.24 -14.06 3.84
CA CYS A 85 4.84 -12.65 3.79
C CYS A 85 3.75 -12.40 2.75
N THR A 86 2.81 -13.35 2.63
CA THR A 86 1.65 -13.20 1.76
C THR A 86 0.84 -11.93 2.02
N LEU A 87 0.23 -11.37 0.96
CA LEU A 87 -0.45 -10.10 1.04
C LEU A 87 -1.95 -10.20 0.81
N LYS A 88 -2.67 -9.23 1.36
CA LYS A 88 -4.07 -8.97 1.11
C LYS A 88 -4.26 -7.47 0.97
N ILE A 89 -5.07 -7.02 0.02
CA ILE A 89 -5.17 -5.60 -0.30
C ILE A 89 -6.60 -5.17 -0.55
N GLU A 90 -6.94 -3.96 -0.10
CA GLU A 90 -8.24 -3.35 -0.34
C GLU A 90 -8.12 -1.83 -0.19
N TYR A 91 -9.11 -1.08 -0.69
CA TYR A 91 -9.11 0.37 -0.53
C TYR A 91 -9.20 0.87 0.91
N ALA A 92 -8.41 1.90 1.22
CA ALA A 92 -8.39 2.50 2.55
C ALA A 92 -9.45 3.58 2.67
N LYS A 93 -9.94 3.85 3.90
CA LYS A 93 -10.95 4.88 4.08
C LYS A 93 -10.39 6.29 4.30
N PRO A 94 -9.21 6.50 4.92
CA PRO A 94 -8.62 7.83 5.02
C PRO A 94 -7.94 8.19 3.71
N THR A 95 -7.67 9.49 3.51
CA THR A 95 -7.08 9.98 2.27
C THR A 95 -5.99 11.04 2.40
N ARG A 96 -5.36 11.17 3.58
CA ARG A 96 -4.31 12.17 3.77
C ARG A 96 -3.35 11.78 4.89
N LEU A 97 -2.13 11.37 4.53
CA LEU A 97 -1.06 11.11 5.48
C LEU A 97 -0.48 12.43 5.99
N ASN A 98 0.16 12.35 7.16
CA ASN A 98 0.92 13.46 7.73
C ASN A 98 2.33 12.98 8.09
N VAL A 99 3.04 12.42 7.10
CA VAL A 99 4.37 11.86 7.29
C VAL A 99 5.36 12.87 7.90
N PHE A 100 6.26 12.38 8.77
CA PHE A 100 7.22 13.24 9.47
C PHE A 100 8.70 12.86 9.37
N LYS A 101 9.02 11.71 8.78
CA LYS A 101 10.40 11.25 8.63
C LYS A 101 10.48 10.16 7.57
N ASN A 102 11.70 9.75 7.23
CA ASN A 102 11.96 8.64 6.32
C ASN A 102 12.87 7.61 6.98
N ASP A 103 12.41 6.36 7.06
CA ASP A 103 13.16 5.24 7.62
C ASP A 103 12.56 3.93 7.09
N GLN A 104 12.92 2.80 7.69
CA GLN A 104 12.49 1.48 7.21
C GLN A 104 10.99 1.25 7.38
N ASP A 105 10.29 2.05 8.20
CA ASP A 105 8.85 1.87 8.43
C ASP A 105 7.96 3.01 7.93
N THR A 106 8.57 4.14 7.57
CA THR A 106 7.86 5.30 7.05
C THR A 106 8.61 5.99 5.93
N TRP A 107 7.92 6.44 4.88
CA TRP A 107 8.63 7.06 3.77
C TRP A 107 7.67 7.90 2.93
N ASP A 108 8.22 8.88 2.21
CA ASP A 108 7.49 9.67 1.24
C ASP A 108 8.33 9.83 -0.02
N TYR A 109 7.82 9.30 -1.13
CA TYR A 109 8.53 9.22 -2.40
C TYR A 109 8.56 10.50 -3.24
N THR A 110 8.07 11.61 -2.69
CA THR A 110 8.04 12.88 -3.41
C THR A 110 8.44 14.09 -2.55
N ASN A 111 8.36 13.97 -1.22
CA ASN A 111 8.82 15.02 -0.32
C ASN A 111 10.25 14.71 0.13
N PRO A 112 11.23 15.53 -0.28
CA PRO A 112 12.63 15.35 0.07
C PRO A 112 12.95 15.87 1.47
N ASN A 113 12.06 16.69 2.05
CA ASN A 113 12.32 17.34 3.33
C ASN A 113 12.25 16.37 4.51
N LEU A 114 11.73 15.16 4.30
CA LEU A 114 11.61 14.19 5.37
C LEU A 114 12.86 13.30 5.49
N SER A 115 13.78 13.39 4.52
CA SER A 115 15.00 12.60 4.54
C SER A 115 16.07 13.21 5.45
N GLY A 116 15.92 14.49 5.80
CA GLY A 116 16.87 15.19 6.67
C GLY A 116 16.47 15.10 8.14
N GLN A 117 15.31 14.50 8.42
CA GLN A 117 14.77 14.39 9.76
C GLN A 117 15.48 13.31 10.56
N GLY A 118 15.37 13.38 11.89
CA GLY A 118 16.00 12.42 12.80
C GLY A 118 17.51 12.63 12.87
N GLN A 1 -17.04 -6.94 -27.61
CA GLN A 1 -16.82 -7.18 -26.18
C GLN A 1 -16.02 -6.04 -25.55
N LYS A 2 -16.39 -5.64 -24.33
CA LYS A 2 -15.72 -4.58 -23.59
C LYS A 2 -15.90 -4.80 -22.09
N ILE A 3 -14.89 -4.42 -21.29
CA ILE A 3 -14.93 -4.57 -19.84
C ILE A 3 -15.94 -3.61 -19.24
N SER A 4 -16.65 -4.04 -18.20
CA SER A 4 -17.66 -3.23 -17.53
C SER A 4 -17.90 -3.75 -16.11
N ARG A 5 -18.43 -2.90 -15.23
CA ARG A 5 -18.73 -3.26 -13.85
C ARG A 5 -19.83 -2.34 -13.31
N PRO A 6 -20.59 -2.79 -12.30
CA PRO A 6 -21.64 -2.00 -11.68
C PRO A 6 -21.03 -0.89 -10.84
N GLY A 7 -21.82 0.14 -10.53
CA GLY A 7 -21.35 1.28 -9.75
C GLY A 7 -21.15 0.90 -8.28
N ASP A 8 -21.65 -0.26 -7.86
CA ASP A 8 -21.51 -0.76 -6.49
C ASP A 8 -20.18 -1.48 -6.35
N SER A 9 -19.40 -1.58 -7.43
CA SER A 9 -18.11 -2.26 -7.41
C SER A 9 -17.10 -1.50 -6.56
N ASP A 10 -16.16 -2.21 -5.93
CA ASP A 10 -15.13 -1.61 -5.10
C ASP A 10 -14.32 -0.60 -5.93
N ASP A 11 -14.25 -0.83 -7.24
CA ASP A 11 -13.53 0.03 -8.17
C ASP A 11 -14.31 1.24 -8.67
N SER A 12 -15.48 1.54 -8.08
CA SER A 12 -16.32 2.64 -8.55
C SER A 12 -17.01 3.43 -7.43
N ARG A 13 -16.82 3.06 -6.15
CA ARG A 13 -17.44 3.79 -5.04
C ARG A 13 -16.58 3.79 -3.79
N SER A 14 -15.32 3.34 -3.89
CA SER A 14 -14.42 3.33 -2.75
C SER A 14 -12.99 3.73 -3.15
N VAL A 15 -12.80 4.14 -4.40
CA VAL A 15 -11.47 4.50 -4.90
C VAL A 15 -11.03 5.90 -4.46
N ASN A 16 -9.91 5.96 -3.73
CA ASN A 16 -9.30 7.19 -3.26
C ASN A 16 -7.80 7.26 -3.55
N SER A 17 -7.27 6.33 -4.36
CA SER A 17 -5.85 6.18 -4.61
C SER A 17 -5.04 5.75 -3.39
N VAL A 18 -5.70 5.17 -2.38
CA VAL A 18 -5.03 4.68 -1.18
C VAL A 18 -5.46 3.25 -0.84
N LEU A 19 -4.48 2.39 -0.53
CA LEU A 19 -4.73 0.98 -0.25
C LEU A 19 -4.22 0.60 1.13
N LEU A 20 -4.85 -0.41 1.72
CA LEU A 20 -4.37 -1.06 2.94
C LEU A 20 -3.71 -2.38 2.58
N PHE A 21 -2.54 -2.63 3.15
CA PHE A 21 -1.78 -3.87 2.98
C PHE A 21 -1.68 -4.72 4.23
N THR A 22 -2.33 -5.89 4.21
CA THR A 22 -2.22 -6.87 5.28
C THR A 22 -1.17 -7.94 5.03
N ILE A 23 -0.30 -8.20 6.01
CA ILE A 23 0.71 -9.23 5.88
C ILE A 23 0.27 -10.46 6.66
N LEU A 24 0.13 -11.59 5.95
CA LEU A 24 -0.44 -12.80 6.52
C LEU A 24 0.61 -13.68 7.19
N ASN A 25 1.89 -13.50 6.85
CA ASN A 25 2.97 -14.27 7.46
C ASN A 25 4.18 -13.36 7.66
N PRO A 26 4.16 -12.53 8.72
CA PRO A 26 5.21 -11.57 9.04
C PRO A 26 6.43 -12.23 9.70
N ILE A 27 6.90 -13.35 9.13
CA ILE A 27 8.06 -14.06 9.66
C ILE A 27 9.35 -13.27 9.43
N TYR A 28 9.25 -12.13 8.74
CA TYR A 28 10.37 -11.23 8.51
C TYR A 28 10.04 -9.74 8.69
N SER A 29 11.06 -8.92 8.93
CA SER A 29 10.85 -7.49 9.12
C SER A 29 10.44 -6.83 7.80
N ILE A 30 9.18 -6.37 7.74
CA ILE A 30 8.67 -5.68 6.57
C ILE A 30 9.15 -4.24 6.57
N THR A 31 9.53 -3.72 5.40
CA THR A 31 9.99 -2.36 5.23
C THR A 31 9.39 -1.63 4.04
N THR A 32 9.46 -0.30 4.01
CA THR A 32 8.94 0.46 2.87
C THR A 32 9.67 0.21 1.56
N ASP A 33 10.89 -0.35 1.63
CA ASP A 33 11.67 -0.64 0.43
C ASP A 33 11.15 -1.85 -0.35
N VAL A 34 10.72 -2.89 0.36
CA VAL A 34 10.16 -4.08 -0.28
C VAL A 34 8.74 -3.84 -0.78
N LEU A 35 7.97 -3.02 -0.05
CA LEU A 35 6.63 -2.67 -0.46
C LEU A 35 6.68 -1.75 -1.67
N TYR A 36 7.72 -0.90 -1.74
CA TYR A 36 7.90 -0.06 -2.92
C TYR A 36 8.37 -0.81 -4.14
N THR A 37 9.12 -1.90 -3.93
CA THR A 37 9.66 -2.70 -5.03
C THR A 37 8.49 -3.39 -5.73
N ILE A 38 7.45 -3.78 -4.99
CA ILE A 38 6.30 -4.44 -5.60
C ILE A 38 5.22 -3.43 -6.02
N CYS A 39 5.19 -2.23 -5.43
CA CYS A 39 4.19 -1.24 -5.77
C CYS A 39 4.62 -0.30 -6.90
N ASN A 40 5.92 -0.07 -7.07
CA ASN A 40 6.44 0.82 -8.10
C ASN A 40 6.13 0.34 -9.53
N PRO A 41 6.22 -0.96 -9.86
CA PRO A 41 5.89 -1.42 -11.20
C PRO A 41 4.38 -1.32 -11.47
N CYS A 42 3.57 -1.12 -10.42
CA CYS A 42 2.13 -0.94 -10.57
C CYS A 42 1.77 0.54 -10.76
N GLY A 43 2.73 1.45 -10.58
CA GLY A 43 2.51 2.87 -10.77
C GLY A 43 3.40 3.70 -9.86
N PRO A 44 3.44 5.03 -10.09
CA PRO A 44 4.25 5.96 -9.31
C PRO A 44 3.69 6.11 -7.90
N VAL A 45 4.34 5.45 -6.93
CA VAL A 45 3.96 5.54 -5.53
C VAL A 45 4.34 6.92 -5.00
N GLN A 46 3.55 7.45 -4.06
CA GLN A 46 3.80 8.76 -3.49
C GLN A 46 4.14 8.66 -2.00
N ARG A 47 3.49 7.73 -1.27
CA ARG A 47 3.76 7.56 0.17
C ARG A 47 3.54 6.12 0.61
N ILE A 48 4.27 5.72 1.67
CA ILE A 48 4.17 4.40 2.28
C ILE A 48 4.43 4.50 3.78
N VAL A 49 3.62 3.81 4.59
CA VAL A 49 3.80 3.70 6.03
C VAL A 49 3.49 2.30 6.55
N ILE A 50 3.98 1.97 7.74
CA ILE A 50 3.83 0.65 8.33
C ILE A 50 3.46 0.77 9.80
N PHE A 51 2.61 -0.14 10.28
CA PHE A 51 2.20 -0.20 11.67
C PHE A 51 1.99 -1.59 12.26
N ARG A 52 2.07 -1.71 13.58
CA ARG A 52 2.05 -2.98 14.28
C ARG A 52 1.00 -2.99 15.39
N LYS A 53 0.07 -2.02 15.37
CA LYS A 53 -0.85 -1.78 16.49
C LYS A 53 -1.81 -2.93 16.79
N ASN A 54 -2.22 -3.70 15.77
CA ASN A 54 -3.13 -4.82 15.95
C ASN A 54 -2.62 -6.09 15.28
N GLY A 55 -1.41 -6.05 14.73
CA GLY A 55 -0.85 -7.14 13.97
C GLY A 55 0.35 -6.61 13.18
N VAL A 56 0.33 -6.79 11.85
CA VAL A 56 1.36 -6.25 10.98
C VAL A 56 0.71 -5.79 9.68
N GLN A 57 0.75 -4.49 9.42
CA GLN A 57 0.10 -3.90 8.25
C GLN A 57 0.93 -2.77 7.68
N ALA A 58 0.58 -2.33 6.48
CA ALA A 58 1.21 -1.22 5.79
C ALA A 58 0.18 -0.50 4.94
N MET A 59 0.52 0.70 4.47
CA MET A 59 -0.36 1.49 3.63
C MET A 59 0.42 2.06 2.45
N VAL A 60 -0.28 2.32 1.35
CA VAL A 60 0.33 2.86 0.14
C VAL A 60 -0.59 3.88 -0.51
N GLU A 61 -0.01 4.93 -1.10
CA GLU A 61 -0.77 5.95 -1.79
C GLU A 61 -0.16 6.23 -3.17
N PHE A 62 -1.04 6.27 -4.18
CA PHE A 62 -0.68 6.48 -5.58
C PHE A 62 -0.97 7.86 -6.15
N ASP A 63 -0.34 8.19 -7.28
CA ASP A 63 -0.55 9.48 -7.94
C ASP A 63 -1.83 9.39 -8.78
N SER A 64 -2.42 8.20 -8.92
CA SER A 64 -3.60 8.01 -9.75
C SER A 64 -4.43 6.82 -9.30
N VAL A 65 -5.74 6.88 -9.54
CA VAL A 65 -6.68 5.82 -9.17
C VAL A 65 -6.40 4.59 -10.03
N GLN A 66 -6.03 4.76 -11.30
CA GLN A 66 -5.79 3.64 -12.18
C GLN A 66 -4.57 2.85 -11.73
N SER A 67 -3.61 3.52 -11.08
CA SER A 67 -2.43 2.85 -10.54
C SER A 67 -2.79 2.09 -9.26
N ALA A 68 -3.79 2.60 -8.52
CA ALA A 68 -4.24 1.96 -7.30
C ALA A 68 -5.10 0.73 -7.61
N GLN A 69 -5.84 0.75 -8.72
CA GLN A 69 -6.68 -0.38 -9.10
C GLN A 69 -5.86 -1.58 -9.54
N ARG A 70 -4.83 -1.36 -10.35
CA ARG A 70 -4.01 -2.46 -10.85
C ARG A 70 -3.08 -2.99 -9.76
N ALA A 71 -2.71 -2.15 -8.78
CA ALA A 71 -1.90 -2.60 -7.68
C ALA A 71 -2.70 -3.50 -6.75
N LYS A 72 -3.96 -3.14 -6.48
CA LYS A 72 -4.83 -3.89 -5.59
C LYS A 72 -5.35 -5.16 -6.27
N ALA A 73 -5.32 -5.21 -7.61
CA ALA A 73 -5.78 -6.37 -8.36
C ALA A 73 -4.62 -7.31 -8.75
N SER A 74 -3.37 -6.86 -8.61
CA SER A 74 -2.23 -7.67 -9.00
C SER A 74 -1.36 -8.11 -7.83
N LEU A 75 -1.25 -7.27 -6.79
CA LEU A 75 -0.42 -7.58 -5.63
C LEU A 75 -1.22 -8.31 -4.54
N ASN A 76 -2.53 -8.42 -4.71
CA ASN A 76 -3.37 -9.14 -3.77
C ASN A 76 -3.10 -10.64 -3.91
N GLY A 77 -2.92 -11.32 -2.78
CA GLY A 77 -2.62 -12.75 -2.75
C GLY A 77 -1.17 -13.05 -3.13
N ALA A 78 -0.41 -12.01 -3.53
CA ALA A 78 0.98 -12.17 -3.87
C ALA A 78 1.83 -12.23 -2.61
N ASP A 79 3.10 -12.65 -2.76
CA ASP A 79 4.04 -12.75 -1.66
C ASP A 79 5.34 -11.96 -1.84
N ILE A 80 5.81 -11.33 -0.76
CA ILE A 80 7.04 -10.52 -0.80
C ILE A 80 8.25 -11.44 -0.86
N TYR A 81 8.22 -12.52 -0.08
CA TYR A 81 9.27 -13.53 0.00
C TYR A 81 9.25 -14.63 -1.07
N SER A 82 8.16 -14.73 -1.84
CA SER A 82 7.94 -15.80 -2.80
C SER A 82 7.82 -17.15 -2.11
N GLY A 83 7.19 -17.14 -0.92
CA GLY A 83 6.93 -18.33 -0.14
C GLY A 83 6.29 -17.97 1.21
N CYS A 84 6.51 -16.74 1.67
CA CYS A 84 5.96 -16.21 2.91
C CYS A 84 5.67 -14.72 2.74
N CYS A 85 5.21 -14.04 3.81
CA CYS A 85 4.83 -12.64 3.76
C CYS A 85 3.73 -12.38 2.72
N THR A 86 2.79 -13.33 2.58
CA THR A 86 1.64 -13.16 1.71
C THR A 86 0.82 -11.91 1.98
N LEU A 87 0.21 -11.35 0.94
CA LEU A 87 -0.49 -10.07 1.02
C LEU A 87 -1.99 -10.18 0.78
N LYS A 88 -2.70 -9.21 1.35
CA LYS A 88 -4.12 -8.96 1.09
C LYS A 88 -4.30 -7.45 0.98
N ILE A 89 -5.11 -7.00 0.03
CA ILE A 89 -5.22 -5.58 -0.27
C ILE A 89 -6.66 -5.17 -0.51
N GLU A 90 -7.02 -3.97 -0.05
CA GLU A 90 -8.33 -3.39 -0.28
C GLU A 90 -8.24 -1.87 -0.13
N TYR A 91 -9.25 -1.15 -0.62
CA TYR A 91 -9.28 0.30 -0.48
C TYR A 91 -9.36 0.82 0.95
N ALA A 92 -8.53 1.82 1.26
CA ALA A 92 -8.48 2.42 2.58
C ALA A 92 -9.56 3.50 2.71
N LYS A 93 -9.92 3.88 3.94
CA LYS A 93 -10.92 4.92 4.16
C LYS A 93 -10.33 6.33 4.34
N PRO A 94 -9.13 6.54 4.90
CA PRO A 94 -8.53 7.87 4.97
C PRO A 94 -7.98 8.28 3.61
N THR A 95 -7.57 9.54 3.46
CA THR A 95 -7.10 10.07 2.18
C THR A 95 -5.83 10.91 2.20
N ARG A 96 -5.21 11.14 3.37
CA ARG A 96 -4.01 11.97 3.44
C ARG A 96 -3.17 11.61 4.67
N LEU A 97 -1.86 11.46 4.47
CA LEU A 97 -0.89 11.18 5.53
C LEU A 97 -0.30 12.46 6.11
N ASN A 98 0.22 12.36 7.33
CA ASN A 98 0.93 13.43 8.00
C ASN A 98 2.35 12.98 8.35
N VAL A 99 3.04 12.37 7.38
CA VAL A 99 4.39 11.83 7.59
C VAL A 99 5.37 12.86 8.17
N PHE A 100 6.27 12.41 9.05
CA PHE A 100 7.25 13.28 9.69
C PHE A 100 8.71 12.86 9.60
N LYS A 101 8.98 11.68 9.02
CA LYS A 101 10.33 11.16 8.87
C LYS A 101 10.40 10.10 7.77
N ASN A 102 11.62 9.68 7.44
CA ASN A 102 11.87 8.59 6.50
C ASN A 102 12.75 7.53 7.15
N ASP A 103 12.26 6.29 7.21
CA ASP A 103 12.99 5.16 7.76
C ASP A 103 12.40 3.85 7.22
N GLN A 104 12.77 2.72 7.83
CA GLN A 104 12.31 1.40 7.38
C GLN A 104 10.81 1.20 7.61
N ASP A 105 10.17 2.04 8.43
CA ASP A 105 8.74 1.92 8.70
C ASP A 105 7.85 2.87 7.90
N THR A 106 8.33 4.08 7.63
CA THR A 106 7.59 5.06 6.85
C THR A 106 8.46 5.88 5.91
N TRP A 107 7.89 6.31 4.78
CA TRP A 107 8.65 7.02 3.77
C TRP A 107 7.71 7.86 2.91
N ASP A 108 8.24 8.92 2.31
CA ASP A 108 7.50 9.76 1.38
C ASP A 108 8.28 10.00 0.09
N TYR A 109 7.71 9.56 -1.03
CA TYR A 109 8.37 9.55 -2.33
C TYR A 109 8.36 10.85 -3.13
N THR A 110 7.92 11.95 -2.53
CA THR A 110 7.84 13.24 -3.20
C THR A 110 8.24 14.43 -2.34
N ASN A 111 8.16 14.31 -1.00
CA ASN A 111 8.63 15.35 -0.11
C ASN A 111 10.07 15.03 0.33
N PRO A 112 11.06 15.83 -0.08
CA PRO A 112 12.46 15.62 0.27
C PRO A 112 12.77 16.12 1.69
N ASN A 113 11.90 16.93 2.28
CA ASN A 113 12.16 17.56 3.56
C ASN A 113 12.07 16.58 4.74
N LEU A 114 11.47 15.41 4.52
CA LEU A 114 11.31 14.41 5.57
C LEU A 114 12.55 13.52 5.70
N SER A 115 13.55 13.71 4.84
CA SER A 115 14.78 12.94 4.89
C SER A 115 15.66 13.41 6.04
N GLY A 116 16.36 12.47 6.69
CA GLY A 116 17.27 12.77 7.78
C GLY A 116 16.57 13.23 9.06
N GLN A 117 15.23 13.31 9.05
CA GLN A 117 14.47 13.72 10.23
C GLN A 117 14.49 12.62 11.29
N GLY A 118 14.25 13.02 12.55
CA GLY A 118 14.22 12.10 13.67
C GLY A 118 14.15 12.85 15.01
N GLN A 1 -17.35 -19.21 -6.54
CA GLN A 1 -16.37 -18.11 -6.42
C GLN A 1 -17.02 -16.89 -5.76
N LYS A 2 -16.20 -15.99 -5.21
CA LYS A 2 -16.68 -14.79 -4.54
C LYS A 2 -17.32 -13.84 -5.56
N ILE A 3 -18.44 -13.22 -5.18
CA ILE A 3 -19.16 -12.30 -6.05
C ILE A 3 -18.42 -10.97 -6.17
N SER A 4 -18.43 -10.37 -7.37
CA SER A 4 -17.81 -9.08 -7.62
C SER A 4 -18.43 -8.44 -8.86
N ARG A 5 -18.71 -7.13 -8.79
CA ARG A 5 -19.28 -6.38 -9.90
C ARG A 5 -19.09 -4.88 -9.68
N PRO A 6 -19.12 -4.08 -10.76
CA PRO A 6 -19.05 -2.64 -10.68
C PRO A 6 -20.19 -2.07 -9.86
N GLY A 7 -19.97 -0.91 -9.24
CA GLY A 7 -20.98 -0.25 -8.42
C GLY A 7 -21.15 -0.92 -7.06
N ASP A 8 -20.31 -1.91 -6.74
CA ASP A 8 -20.37 -2.62 -5.47
C ASP A 8 -18.98 -2.97 -4.93
N SER A 9 -18.10 -3.50 -5.78
CA SER A 9 -16.73 -3.80 -5.40
C SER A 9 -15.97 -2.52 -5.11
N ASP A 10 -14.95 -2.59 -4.25
CA ASP A 10 -14.25 -1.40 -3.77
C ASP A 10 -13.56 -0.60 -4.89
N ASP A 11 -13.29 -1.25 -6.02
CA ASP A 11 -12.60 -0.63 -7.15
C ASP A 11 -13.46 0.25 -8.05
N SER A 12 -14.71 0.52 -7.65
CA SER A 12 -15.61 1.34 -8.45
C SER A 12 -16.56 2.19 -7.60
N ARG A 13 -16.43 2.16 -6.27
CA ARG A 13 -17.28 2.93 -5.37
C ARG A 13 -16.58 3.29 -4.07
N SER A 14 -15.27 3.04 -3.97
CA SER A 14 -14.50 3.34 -2.77
C SER A 14 -13.08 3.78 -3.10
N VAL A 15 -12.78 4.03 -4.38
CA VAL A 15 -11.44 4.40 -4.81
C VAL A 15 -11.03 5.80 -4.36
N ASN A 16 -9.92 5.89 -3.63
CA ASN A 16 -9.35 7.14 -3.17
C ASN A 16 -7.85 7.26 -3.47
N SER A 17 -7.30 6.33 -4.28
CA SER A 17 -5.87 6.23 -4.56
C SER A 17 -5.04 5.83 -3.34
N VAL A 18 -5.68 5.20 -2.33
CA VAL A 18 -5.00 4.70 -1.15
C VAL A 18 -5.42 3.26 -0.86
N LEU A 19 -4.47 2.43 -0.40
CA LEU A 19 -4.72 1.00 -0.18
C LEU A 19 -4.17 0.55 1.16
N LEU A 20 -4.83 -0.44 1.76
CA LEU A 20 -4.36 -1.10 2.97
C LEU A 20 -3.70 -2.41 2.58
N PHE A 21 -2.52 -2.67 3.16
CA PHE A 21 -1.75 -3.88 2.96
C PHE A 21 -1.65 -4.78 4.18
N THR A 22 -2.35 -5.91 4.19
CA THR A 22 -2.24 -6.91 5.25
C THR A 22 -1.17 -7.96 4.97
N ILE A 23 -0.43 -8.34 6.02
CA ILE A 23 0.60 -9.37 5.90
C ILE A 23 0.14 -10.62 6.65
N LEU A 24 0.07 -11.75 5.93
CA LEU A 24 -0.51 -12.98 6.46
C LEU A 24 0.53 -13.87 7.11
N ASN A 25 1.82 -13.66 6.82
CA ASN A 25 2.90 -14.45 7.39
C ASN A 25 4.09 -13.53 7.68
N PRO A 26 4.04 -12.78 8.79
CA PRO A 26 5.06 -11.83 9.19
C PRO A 26 6.28 -12.53 9.81
N ILE A 27 6.84 -13.54 9.15
CA ILE A 27 8.02 -14.23 9.64
C ILE A 27 9.25 -13.32 9.54
N TYR A 28 9.08 -12.14 8.93
CA TYR A 28 10.09 -11.10 8.81
C TYR A 28 9.50 -9.71 8.94
N SER A 29 10.30 -8.73 9.34
CA SER A 29 9.82 -7.36 9.46
C SER A 29 9.67 -6.74 8.08
N ILE A 30 8.53 -6.11 7.83
CA ILE A 30 8.24 -5.47 6.55
C ILE A 30 8.93 -4.11 6.48
N THR A 31 9.26 -3.66 5.26
CA THR A 31 9.91 -2.37 5.03
C THR A 31 9.30 -1.54 3.91
N THR A 32 9.52 -0.23 3.94
CA THR A 32 9.01 0.68 2.92
C THR A 32 9.75 0.43 1.60
N ASP A 33 10.91 -0.23 1.64
CA ASP A 33 11.68 -0.53 0.44
C ASP A 33 11.08 -1.71 -0.33
N VAL A 34 10.77 -2.81 0.38
CA VAL A 34 10.18 -3.98 -0.26
C VAL A 34 8.76 -3.73 -0.72
N LEU A 35 8.00 -2.90 0.02
CA LEU A 35 6.66 -2.55 -0.38
C LEU A 35 6.70 -1.66 -1.62
N TYR A 36 7.71 -0.78 -1.71
CA TYR A 36 7.89 0.03 -2.90
C TYR A 36 8.38 -0.75 -4.10
N THR A 37 9.14 -1.83 -3.86
CA THR A 37 9.70 -2.65 -4.92
C THR A 37 8.54 -3.35 -5.63
N ILE A 38 7.48 -3.71 -4.90
CA ILE A 38 6.32 -4.37 -5.51
C ILE A 38 5.25 -3.36 -5.93
N CYS A 39 5.21 -2.17 -5.33
CA CYS A 39 4.18 -1.18 -5.67
C CYS A 39 4.59 -0.24 -6.81
N ASN A 40 5.89 -0.03 -7.00
CA ASN A 40 6.39 0.87 -8.03
C ASN A 40 6.05 0.41 -9.45
N PRO A 41 6.16 -0.89 -9.81
CA PRO A 41 5.81 -1.35 -11.15
C PRO A 41 4.30 -1.28 -11.39
N CYS A 42 3.51 -1.07 -10.34
CA CYS A 42 2.07 -0.91 -10.47
C CYS A 42 1.67 0.55 -10.69
N GLY A 43 2.63 1.48 -10.56
CA GLY A 43 2.40 2.89 -10.80
C GLY A 43 3.22 3.75 -9.85
N PRO A 44 3.27 5.07 -10.10
CA PRO A 44 4.03 6.01 -9.29
C PRO A 44 3.53 6.04 -7.84
N VAL A 45 4.33 5.49 -6.92
CA VAL A 45 4.02 5.51 -5.49
C VAL A 45 4.34 6.90 -4.96
N GLN A 46 3.56 7.35 -3.96
CA GLN A 46 3.77 8.67 -3.37
C GLN A 46 4.13 8.56 -1.90
N ARG A 47 3.50 7.65 -1.15
CA ARG A 47 3.78 7.48 0.28
C ARG A 47 3.57 6.05 0.74
N ILE A 48 4.30 5.66 1.79
CA ILE A 48 4.21 4.34 2.42
C ILE A 48 4.51 4.45 3.91
N VAL A 49 3.71 3.77 4.75
CA VAL A 49 3.93 3.67 6.19
C VAL A 49 3.56 2.27 6.69
N ILE A 50 4.08 1.90 7.86
CA ILE A 50 3.89 0.55 8.40
C ILE A 50 3.46 0.63 9.86
N PHE A 51 2.57 -0.28 10.27
CA PHE A 51 2.11 -0.39 11.65
C PHE A 51 1.87 -1.80 12.17
N ARG A 52 1.90 -1.94 13.50
CA ARG A 52 1.81 -3.24 14.16
C ARG A 52 0.74 -3.22 15.27
N LYS A 53 -0.16 -2.23 15.25
CA LYS A 53 -1.08 -1.97 16.35
C LYS A 53 -2.07 -3.10 16.63
N ASN A 54 -2.48 -3.85 15.60
CA ASN A 54 -3.43 -4.95 15.75
C ASN A 54 -2.94 -6.23 15.08
N GLY A 55 -1.69 -6.22 14.61
CA GLY A 55 -1.13 -7.34 13.86
C GLY A 55 0.07 -6.84 13.08
N VAL A 56 0.06 -7.03 11.76
CA VAL A 56 1.11 -6.54 10.88
C VAL A 56 0.50 -6.01 9.59
N GLN A 57 0.61 -4.69 9.37
CA GLN A 57 0.00 -4.04 8.23
C GLN A 57 0.89 -2.91 7.71
N ALA A 58 0.55 -2.43 6.52
CA ALA A 58 1.19 -1.29 5.90
C ALA A 58 0.18 -0.55 5.02
N MET A 59 0.51 0.67 4.61
CA MET A 59 -0.37 1.48 3.78
C MET A 59 0.41 2.05 2.60
N VAL A 60 -0.28 2.31 1.49
CA VAL A 60 0.34 2.84 0.29
C VAL A 60 -0.58 3.87 -0.36
N GLU A 61 0.02 4.90 -0.97
CA GLU A 61 -0.71 5.96 -1.65
C GLU A 61 -0.13 6.19 -3.03
N PHE A 62 -1.01 6.32 -4.03
CA PHE A 62 -0.66 6.47 -5.43
C PHE A 62 -0.91 7.84 -6.06
N ASP A 63 -0.27 8.11 -7.20
CA ASP A 63 -0.45 9.37 -7.92
C ASP A 63 -1.75 9.30 -8.74
N SER A 64 -2.37 8.12 -8.85
CA SER A 64 -3.56 7.96 -9.67
C SER A 64 -4.41 6.78 -9.20
N VAL A 65 -5.73 6.86 -9.45
CA VAL A 65 -6.67 5.82 -9.08
C VAL A 65 -6.38 4.57 -9.90
N GLN A 66 -6.03 4.73 -11.18
CA GLN A 66 -5.78 3.59 -12.05
C GLN A 66 -4.52 2.85 -11.62
N SER A 67 -3.59 3.52 -10.94
CA SER A 67 -2.40 2.88 -10.42
C SER A 67 -2.74 2.05 -9.19
N ALA A 68 -3.72 2.51 -8.40
CA ALA A 68 -4.17 1.78 -7.22
C ALA A 68 -5.07 0.62 -7.62
N GLN A 69 -5.83 0.75 -8.71
CA GLN A 69 -6.71 -0.33 -9.14
C GLN A 69 -5.92 -1.55 -9.60
N ARG A 70 -4.85 -1.33 -10.37
CA ARG A 70 -4.04 -2.45 -10.85
C ARG A 70 -3.14 -2.99 -9.75
N ALA A 71 -2.79 -2.15 -8.77
CA ALA A 71 -1.99 -2.60 -7.64
C ALA A 71 -2.81 -3.50 -6.73
N LYS A 72 -4.08 -3.16 -6.48
CA LYS A 72 -4.95 -3.94 -5.61
C LYS A 72 -5.37 -5.24 -6.30
N ALA A 73 -5.43 -5.23 -7.63
CA ALA A 73 -5.84 -6.40 -8.39
C ALA A 73 -4.66 -7.32 -8.76
N SER A 74 -3.42 -6.85 -8.60
CA SER A 74 -2.25 -7.65 -9.00
C SER A 74 -1.39 -8.08 -7.81
N LEU A 75 -1.26 -7.23 -6.79
CA LEU A 75 -0.42 -7.53 -5.64
C LEU A 75 -1.20 -8.29 -4.57
N ASN A 76 -2.51 -8.44 -4.72
CA ASN A 76 -3.32 -9.20 -3.79
C ASN A 76 -2.99 -10.69 -3.95
N GLY A 77 -2.80 -11.40 -2.84
CA GLY A 77 -2.44 -12.81 -2.85
C GLY A 77 -0.98 -13.04 -3.22
N ALA A 78 -0.26 -11.98 -3.58
CA ALA A 78 1.17 -12.06 -3.90
C ALA A 78 2.00 -12.14 -2.62
N ASP A 79 3.27 -12.50 -2.74
CA ASP A 79 4.19 -12.59 -1.61
C ASP A 79 5.45 -11.73 -1.73
N ILE A 80 5.87 -11.14 -0.62
CA ILE A 80 7.06 -10.29 -0.59
C ILE A 80 8.32 -11.17 -0.61
N TYR A 81 8.30 -12.26 0.16
CA TYR A 81 9.38 -13.22 0.27
C TYR A 81 9.48 -14.29 -0.81
N SER A 82 8.43 -14.41 -1.63
CA SER A 82 8.31 -15.45 -2.64
C SER A 82 8.18 -16.83 -2.00
N GLY A 83 7.49 -16.88 -0.87
CA GLY A 83 7.23 -18.11 -0.12
C GLY A 83 6.53 -17.81 1.20
N CYS A 84 6.69 -16.59 1.71
CA CYS A 84 6.08 -16.11 2.94
C CYS A 84 5.75 -14.62 2.79
N CYS A 85 5.24 -13.99 3.86
CA CYS A 85 4.80 -12.60 3.82
C CYS A 85 3.72 -12.35 2.76
N THR A 86 2.81 -13.31 2.60
CA THR A 86 1.66 -13.17 1.70
C THR A 86 0.81 -11.95 1.97
N LEU A 87 0.20 -11.39 0.92
CA LEU A 87 -0.51 -10.12 1.01
C LEU A 87 -2.00 -10.24 0.77
N LYS A 88 -2.72 -9.26 1.32
CA LYS A 88 -4.13 -9.00 1.08
C LYS A 88 -4.30 -7.50 0.98
N ILE A 89 -5.11 -7.03 0.03
CA ILE A 89 -5.20 -5.60 -0.27
C ILE A 89 -6.64 -5.18 -0.53
N GLU A 90 -7.00 -3.98 -0.08
CA GLU A 90 -8.31 -3.40 -0.32
C GLU A 90 -8.23 -1.87 -0.17
N TYR A 91 -9.20 -1.16 -0.73
CA TYR A 91 -9.26 0.29 -0.60
C TYR A 91 -9.37 0.82 0.84
N ALA A 92 -8.57 1.86 1.13
CA ALA A 92 -8.54 2.46 2.45
C ALA A 92 -9.56 3.59 2.56
N LYS A 93 -9.95 3.95 3.79
CA LYS A 93 -10.91 5.04 3.99
C LYS A 93 -10.27 6.42 4.24
N PRO A 94 -9.10 6.55 4.87
CA PRO A 94 -8.45 7.85 5.01
C PRO A 94 -7.73 8.20 3.71
N THR A 95 -7.45 9.49 3.49
CA THR A 95 -6.86 9.97 2.24
C THR A 95 -5.71 10.96 2.34
N ARG A 96 -5.09 11.10 3.51
CA ARG A 96 -3.96 12.00 3.67
C ARG A 96 -3.11 11.62 4.88
N LEU A 97 -1.82 11.37 4.64
CA LEU A 97 -0.84 11.11 5.70
C LEU A 97 -0.27 12.42 6.23
N ASN A 98 0.32 12.35 7.42
CA ASN A 98 1.07 13.44 8.01
C ASN A 98 2.51 12.99 8.30
N VAL A 99 3.16 12.41 7.27
CA VAL A 99 4.52 11.86 7.41
C VAL A 99 5.51 12.84 8.01
N PHE A 100 6.46 12.32 8.81
CA PHE A 100 7.44 13.13 9.52
C PHE A 100 8.91 12.74 9.38
N LYS A 101 9.20 11.61 8.72
CA LYS A 101 10.56 11.12 8.55
C LYS A 101 10.64 10.13 7.39
N ASN A 102 11.86 9.75 7.01
CA ASN A 102 12.11 8.73 6.01
C ASN A 102 13.04 7.66 6.58
N ASP A 103 12.56 6.41 6.63
CA ASP A 103 13.33 5.25 7.06
C ASP A 103 12.63 3.97 6.58
N GLN A 104 13.06 2.82 7.09
CA GLN A 104 12.52 1.53 6.66
C GLN A 104 11.07 1.30 7.12
N ASP A 105 10.52 2.17 7.98
CA ASP A 105 9.17 2.04 8.49
C ASP A 105 8.17 3.06 7.94
N THR A 106 8.70 4.23 7.54
CA THR A 106 7.92 5.33 6.99
C THR A 106 8.65 6.06 5.87
N TRP A 107 7.94 6.45 4.81
CA TRP A 107 8.63 7.11 3.70
C TRP A 107 7.64 7.94 2.89
N ASP A 108 8.18 8.94 2.19
CA ASP A 108 7.43 9.77 1.26
C ASP A 108 8.23 9.99 -0.02
N TYR A 109 7.73 9.45 -1.13
CA TYR A 109 8.40 9.44 -2.42
C TYR A 109 8.37 10.74 -3.23
N THR A 110 7.84 11.81 -2.65
CA THR A 110 7.73 13.09 -3.34
C THR A 110 8.10 14.31 -2.48
N ASN A 111 8.10 14.17 -1.15
CA ASN A 111 8.54 15.22 -0.26
C ASN A 111 10.01 14.99 0.12
N PRO A 112 10.93 15.87 -0.31
CA PRO A 112 12.34 15.74 -0.03
C PRO A 112 12.70 16.26 1.37
N ASN A 113 11.80 16.98 2.02
CA ASN A 113 12.08 17.63 3.30
C ASN A 113 12.10 16.64 4.46
N LEU A 114 11.59 15.42 4.27
CA LEU A 114 11.56 14.41 5.32
C LEU A 114 12.83 13.57 5.36
N SER A 115 13.71 13.73 4.36
CA SER A 115 14.97 12.99 4.31
C SER A 115 15.95 13.53 5.35
N GLY A 116 16.79 12.65 5.90
CA GLY A 116 17.74 13.00 6.94
C GLY A 116 17.06 13.19 8.30
N GLN A 117 15.72 13.11 8.32
CA GLN A 117 14.89 13.30 9.51
C GLN A 117 15.13 14.65 10.20
N GLY A 118 14.37 14.91 11.26
CA GLY A 118 14.48 16.15 12.02
C GLY A 118 13.53 16.14 13.22
N GLN A 1 -20.05 -9.88 -6.24
CA GLN A 1 -21.18 -10.79 -5.97
C GLN A 1 -22.03 -10.97 -7.22
N LYS A 2 -23.16 -11.66 -7.10
CA LYS A 2 -24.01 -12.04 -8.23
C LYS A 2 -24.64 -10.84 -8.93
N ILE A 3 -24.92 -9.75 -8.21
CA ILE A 3 -25.61 -8.60 -8.79
C ILE A 3 -25.26 -7.33 -8.02
N SER A 4 -25.55 -6.16 -8.60
CA SER A 4 -25.25 -4.87 -7.99
C SER A 4 -23.78 -4.78 -7.60
N ARG A 5 -22.90 -5.26 -8.49
CA ARG A 5 -21.46 -5.33 -8.25
C ARG A 5 -20.79 -3.99 -7.92
N PRO A 6 -21.16 -2.86 -8.54
CA PRO A 6 -20.56 -1.58 -8.18
C PRO A 6 -20.99 -1.14 -6.78
N GLY A 7 -22.00 -1.78 -6.21
CA GLY A 7 -22.46 -1.54 -4.85
C GLY A 7 -21.76 -2.50 -3.87
N ASP A 8 -20.76 -3.24 -4.35
CA ASP A 8 -20.05 -4.24 -3.58
C ASP A 8 -18.53 -4.13 -3.67
N SER A 9 -17.98 -4.11 -4.89
CA SER A 9 -16.55 -3.97 -5.10
C SER A 9 -16.10 -2.55 -4.76
N ASP A 10 -14.82 -2.39 -4.44
CA ASP A 10 -14.24 -1.11 -4.08
C ASP A 10 -13.81 -0.21 -5.24
N ASP A 11 -13.90 -0.73 -6.47
CA ASP A 11 -13.47 -0.02 -7.67
C ASP A 11 -14.35 1.15 -8.12
N SER A 12 -15.44 1.43 -7.40
CA SER A 12 -16.37 2.48 -7.79
C SER A 12 -17.08 3.14 -6.60
N ARG A 13 -16.62 2.87 -5.36
CA ARG A 13 -17.21 3.47 -4.18
C ARG A 13 -16.20 3.74 -3.06
N SER A 14 -14.92 3.50 -3.33
CA SER A 14 -13.85 3.72 -2.36
C SER A 14 -12.54 4.15 -3.03
N VAL A 15 -12.59 4.51 -4.31
CA VAL A 15 -11.41 4.91 -5.07
C VAL A 15 -10.94 6.27 -4.55
N ASN A 16 -9.88 6.25 -3.76
CA ASN A 16 -9.25 7.46 -3.21
C ASN A 16 -7.74 7.46 -3.43
N SER A 17 -7.22 6.54 -4.24
CA SER A 17 -5.79 6.37 -4.48
C SER A 17 -5.00 5.92 -3.25
N VAL A 18 -5.67 5.32 -2.26
CA VAL A 18 -5.02 4.80 -1.06
C VAL A 18 -5.42 3.36 -0.81
N LEU A 19 -4.48 2.53 -0.34
CA LEU A 19 -4.70 1.10 -0.15
C LEU A 19 -4.17 0.64 1.21
N LEU A 20 -4.82 -0.39 1.78
CA LEU A 20 -4.37 -1.05 2.98
C LEU A 20 -3.71 -2.36 2.59
N PHE A 21 -2.55 -2.64 3.20
CA PHE A 21 -1.77 -3.85 3.00
C PHE A 21 -1.66 -4.74 4.22
N THR A 22 -2.36 -5.88 4.22
CA THR A 22 -2.23 -6.87 5.29
C THR A 22 -1.12 -7.87 5.06
N ILE A 23 -0.35 -8.21 6.12
CA ILE A 23 0.70 -9.19 6.03
C ILE A 23 0.28 -10.46 6.77
N LEU A 24 0.19 -11.57 6.04
CA LEU A 24 -0.39 -12.80 6.56
C LEU A 24 0.67 -13.70 7.20
N ASN A 25 1.95 -13.50 6.88
CA ASN A 25 3.04 -14.28 7.45
C ASN A 25 4.25 -13.38 7.71
N PRO A 26 4.21 -12.62 8.82
CA PRO A 26 5.23 -11.66 9.20
C PRO A 26 6.48 -12.32 9.81
N ILE A 27 6.96 -13.41 9.19
CA ILE A 27 8.14 -14.13 9.69
C ILE A 27 9.42 -13.28 9.47
N TYR A 28 9.27 -12.13 8.82
CA TYR A 28 10.35 -11.17 8.60
C TYR A 28 9.96 -9.71 8.79
N SER A 29 10.93 -8.85 9.09
CA SER A 29 10.66 -7.42 9.27
C SER A 29 10.31 -6.78 7.93
N ILE A 30 9.09 -6.26 7.81
CA ILE A 30 8.62 -5.59 6.60
C ILE A 30 9.18 -4.17 6.56
N THR A 31 9.51 -3.69 5.36
CA THR A 31 10.03 -2.34 5.15
C THR A 31 9.39 -1.61 3.99
N THR A 32 9.47 -0.27 3.97
CA THR A 32 8.94 0.51 2.85
C THR A 32 9.68 0.29 1.54
N ASP A 33 10.87 -0.31 1.58
CA ASP A 33 11.66 -0.56 0.39
C ASP A 33 11.10 -1.75 -0.39
N VAL A 34 10.78 -2.83 0.33
CA VAL A 34 10.21 -4.01 -0.32
C VAL A 34 8.77 -3.80 -0.75
N LEU A 35 8.02 -2.98 -0.01
CA LEU A 35 6.66 -2.65 -0.39
C LEU A 35 6.69 -1.74 -1.62
N TYR A 36 7.69 -0.87 -1.72
CA TYR A 36 7.87 -0.05 -2.91
C TYR A 36 8.37 -0.82 -4.13
N THR A 37 9.14 -1.88 -3.88
CA THR A 37 9.70 -2.71 -4.96
C THR A 37 8.55 -3.41 -5.67
N ILE A 38 7.50 -3.80 -4.94
CA ILE A 38 6.36 -4.47 -5.56
C ILE A 38 5.28 -3.46 -6.00
N CYS A 39 5.23 -2.26 -5.41
CA CYS A 39 4.22 -1.28 -5.76
C CYS A 39 4.66 -0.34 -6.89
N ASN A 40 5.96 -0.13 -7.08
CA ASN A 40 6.49 0.75 -8.11
C ASN A 40 6.17 0.28 -9.53
N PRO A 41 6.26 -1.02 -9.86
CA PRO A 41 5.91 -1.49 -11.20
C PRO A 41 4.41 -1.40 -11.45
N CYS A 42 3.61 -1.19 -10.39
CA CYS A 42 2.17 -1.03 -10.51
C CYS A 42 1.79 0.45 -10.67
N GLY A 43 2.74 1.36 -10.53
CA GLY A 43 2.49 2.79 -10.69
C GLY A 43 3.40 3.63 -9.80
N PRO A 44 3.43 4.95 -10.03
CA PRO A 44 4.25 5.88 -9.26
C PRO A 44 3.71 6.01 -7.84
N VAL A 45 4.37 5.33 -6.90
CA VAL A 45 4.03 5.39 -5.48
C VAL A 45 4.37 6.77 -4.94
N GLN A 46 3.58 7.27 -3.98
CA GLN A 46 3.80 8.58 -3.40
C GLN A 46 4.15 8.48 -1.91
N ARG A 47 3.50 7.59 -1.16
CA ARG A 47 3.77 7.43 0.27
C ARG A 47 3.56 5.99 0.75
N ILE A 48 4.29 5.61 1.80
CA ILE A 48 4.19 4.30 2.43
C ILE A 48 4.50 4.40 3.92
N VAL A 49 3.73 3.70 4.75
CA VAL A 49 3.96 3.59 6.20
C VAL A 49 3.59 2.20 6.68
N ILE A 50 4.06 1.84 7.88
CA ILE A 50 3.87 0.50 8.43
C ILE A 50 3.41 0.57 9.89
N PHE A 51 2.51 -0.35 10.28
CA PHE A 51 2.03 -0.45 11.64
C PHE A 51 1.70 -1.86 12.14
N ARG A 52 1.66 -2.05 13.46
CA ARG A 52 1.44 -3.35 14.07
C ARG A 52 0.52 -3.24 15.29
N LYS A 53 -0.41 -2.28 15.28
CA LYS A 53 -1.27 -1.99 16.43
C LYS A 53 -2.27 -3.11 16.74
N ASN A 54 -2.70 -3.88 15.73
CA ASN A 54 -3.66 -4.98 15.90
C ASN A 54 -3.18 -6.27 15.23
N GLY A 55 -1.98 -6.26 14.66
CA GLY A 55 -1.45 -7.36 13.88
C GLY A 55 -0.22 -6.88 13.12
N VAL A 56 -0.19 -7.08 11.82
CA VAL A 56 0.87 -6.56 10.97
C VAL A 56 0.30 -6.02 9.67
N GLN A 57 0.46 -4.71 9.44
CA GLN A 57 -0.11 -4.04 8.28
C GLN A 57 0.83 -2.95 7.76
N ALA A 58 0.51 -2.45 6.57
CA ALA A 58 1.20 -1.35 5.92
C ALA A 58 0.19 -0.60 5.05
N MET A 59 0.56 0.58 4.58
CA MET A 59 -0.31 1.40 3.75
C MET A 59 0.46 1.97 2.56
N VAL A 60 -0.26 2.25 1.47
CA VAL A 60 0.34 2.79 0.25
C VAL A 60 -0.57 3.84 -0.36
N GLU A 61 0.03 4.88 -0.95
CA GLU A 61 -0.71 5.94 -1.62
C GLU A 61 -0.13 6.17 -3.02
N PHE A 62 -1.03 6.32 -3.99
CA PHE A 62 -0.70 6.49 -5.40
C PHE A 62 -0.96 7.88 -5.98
N ASP A 63 -0.36 8.15 -7.15
CA ASP A 63 -0.54 9.44 -7.83
C ASP A 63 -1.87 9.40 -8.60
N SER A 64 -2.48 8.23 -8.76
CA SER A 64 -3.72 8.09 -9.51
C SER A 64 -4.52 6.87 -9.08
N VAL A 65 -5.83 6.91 -9.31
CA VAL A 65 -6.73 5.82 -8.95
C VAL A 65 -6.41 4.62 -9.84
N GLN A 66 -6.04 4.87 -11.10
CA GLN A 66 -5.76 3.79 -12.04
C GLN A 66 -4.57 2.96 -11.58
N SER A 67 -3.59 3.59 -10.94
CA SER A 67 -2.43 2.87 -10.42
C SER A 67 -2.82 2.06 -9.19
N ALA A 68 -3.74 2.57 -8.39
CA ALA A 68 -4.19 1.85 -7.20
C ALA A 68 -5.09 0.68 -7.57
N GLN A 69 -5.84 0.77 -8.67
CA GLN A 69 -6.71 -0.33 -9.10
C GLN A 69 -5.91 -1.54 -9.55
N ARG A 70 -4.87 -1.34 -10.36
CA ARG A 70 -4.07 -2.45 -10.86
C ARG A 70 -3.12 -2.97 -9.78
N ALA A 71 -2.73 -2.13 -8.83
CA ALA A 71 -1.89 -2.56 -7.72
C ALA A 71 -2.68 -3.44 -6.76
N LYS A 72 -3.94 -3.08 -6.50
CA LYS A 72 -4.80 -3.82 -5.59
C LYS A 72 -5.30 -5.11 -6.23
N ALA A 73 -5.31 -5.17 -7.57
CA ALA A 73 -5.75 -6.35 -8.30
C ALA A 73 -4.60 -7.28 -8.69
N SER A 74 -3.35 -6.82 -8.58
CA SER A 74 -2.20 -7.63 -8.98
C SER A 74 -1.35 -8.08 -7.79
N LEU A 75 -1.24 -7.24 -6.76
CA LEU A 75 -0.41 -7.56 -5.60
C LEU A 75 -1.21 -8.29 -4.52
N ASN A 76 -2.54 -8.39 -4.68
CA ASN A 76 -3.36 -9.15 -3.74
C ASN A 76 -3.08 -10.63 -3.89
N GLY A 77 -2.88 -11.33 -2.76
CA GLY A 77 -2.55 -12.75 -2.76
C GLY A 77 -1.10 -13.02 -3.15
N ALA A 78 -0.35 -11.96 -3.51
CA ALA A 78 1.06 -12.09 -3.86
C ALA A 78 1.91 -12.15 -2.60
N ASP A 79 3.17 -12.54 -2.74
CA ASP A 79 4.12 -12.64 -1.64
C ASP A 79 5.39 -11.82 -1.80
N ILE A 80 5.86 -11.20 -0.72
CA ILE A 80 7.07 -10.38 -0.74
C ILE A 80 8.30 -11.29 -0.81
N TYR A 81 8.27 -12.38 -0.04
CA TYR A 81 9.34 -13.36 0.02
C TYR A 81 9.36 -14.43 -1.07
N SER A 82 8.28 -14.52 -1.86
CA SER A 82 8.09 -15.56 -2.86
C SER A 82 7.94 -16.92 -2.18
N GLY A 83 7.34 -16.93 -0.99
CA GLY A 83 7.07 -18.12 -0.22
C GLY A 83 6.43 -17.79 1.14
N CYS A 84 6.64 -16.56 1.62
CA CYS A 84 6.08 -16.06 2.87
C CYS A 84 5.77 -14.57 2.74
N CYS A 85 5.28 -13.95 3.82
CA CYS A 85 4.88 -12.55 3.81
C CYS A 85 3.77 -12.28 2.78
N THR A 86 2.84 -13.23 2.63
CA THR A 86 1.68 -13.08 1.75
C THR A 86 0.85 -11.83 2.02
N LEU A 87 0.24 -11.27 0.97
CA LEU A 87 -0.46 -10.00 1.06
C LEU A 87 -1.95 -10.12 0.81
N LYS A 88 -2.69 -9.15 1.36
CA LYS A 88 -4.10 -8.92 1.09
C LYS A 88 -4.30 -7.41 0.97
N ILE A 89 -5.10 -6.96 0.01
CA ILE A 89 -5.19 -5.54 -0.29
C ILE A 89 -6.62 -5.11 -0.56
N GLU A 90 -6.97 -3.90 -0.12
CA GLU A 90 -8.28 -3.30 -0.35
C GLU A 90 -8.17 -1.79 -0.20
N TYR A 91 -9.17 -1.06 -0.71
CA TYR A 91 -9.20 0.39 -0.54
C TYR A 91 -9.31 0.88 0.90
N ALA A 92 -8.50 1.90 1.23
CA ALA A 92 -8.49 2.47 2.56
C ALA A 92 -9.57 3.54 2.68
N LYS A 93 -9.97 3.91 3.90
CA LYS A 93 -10.97 4.95 4.09
C LYS A 93 -10.39 6.36 4.28
N PRO A 94 -9.21 6.57 4.88
CA PRO A 94 -8.60 7.89 4.94
C PRO A 94 -7.99 8.25 3.59
N THR A 95 -7.51 9.49 3.44
CA THR A 95 -7.01 9.98 2.16
C THR A 95 -5.67 10.73 2.16
N ARG A 96 -5.09 11.00 3.34
CA ARG A 96 -3.83 11.74 3.41
C ARG A 96 -3.07 11.47 4.71
N LEU A 97 -1.78 11.16 4.59
CA LEU A 97 -0.88 10.96 5.72
C LEU A 97 -0.33 12.30 6.23
N ASN A 98 0.20 12.28 7.45
CA ASN A 98 0.96 13.40 7.99
C ASN A 98 2.42 12.98 8.22
N VAL A 99 3.03 12.36 7.21
CA VAL A 99 4.40 11.85 7.31
C VAL A 99 5.40 12.86 7.87
N PHE A 100 6.34 12.38 8.69
CA PHE A 100 7.31 13.22 9.37
C PHE A 100 8.79 12.89 9.22
N LYS A 101 9.11 11.73 8.62
CA LYS A 101 10.48 11.30 8.42
C LYS A 101 10.55 10.22 7.33
N ASN A 102 11.77 9.83 6.95
CA ASN A 102 12.00 8.75 6.00
C ASN A 102 12.95 7.71 6.61
N ASP A 103 12.48 6.47 6.72
CA ASP A 103 13.24 5.35 7.25
C ASP A 103 12.61 4.04 6.78
N GLN A 104 13.03 2.91 7.36
CA GLN A 104 12.56 1.59 6.93
C GLN A 104 11.09 1.33 7.26
N ASP A 105 10.44 2.16 8.07
CA ASP A 105 9.05 1.98 8.46
C ASP A 105 8.08 3.04 7.93
N THR A 106 8.63 4.18 7.50
CA THR A 106 7.86 5.30 6.98
C THR A 106 8.59 6.03 5.86
N TRP A 107 7.88 6.48 4.81
CA TRP A 107 8.55 7.14 3.71
C TRP A 107 7.57 7.97 2.89
N ASP A 108 8.12 8.93 2.16
CA ASP A 108 7.36 9.74 1.20
C ASP A 108 8.20 9.95 -0.06
N TYR A 109 7.71 9.41 -1.17
CA TYR A 109 8.42 9.40 -2.45
C TYR A 109 8.39 10.68 -3.27
N THR A 110 7.83 11.75 -2.72
CA THR A 110 7.73 13.03 -3.41
C THR A 110 8.04 14.25 -2.55
N ASN A 111 8.02 14.12 -1.22
CA ASN A 111 8.43 15.19 -0.33
C ASN A 111 9.89 15.00 0.07
N PRO A 112 10.78 15.91 -0.37
CA PRO A 112 12.20 15.82 -0.07
C PRO A 112 12.54 16.31 1.33
N ASN A 113 11.62 17.02 1.99
CA ASN A 113 11.88 17.62 3.29
C ASN A 113 11.90 16.57 4.41
N LEU A 114 11.39 15.37 4.14
CA LEU A 114 11.35 14.31 5.14
C LEU A 114 12.59 13.43 5.10
N SER A 115 13.48 13.66 4.14
CA SER A 115 14.74 12.92 4.06
C SER A 115 15.76 13.46 5.05
N GLY A 116 16.67 12.60 5.51
CA GLY A 116 17.70 12.96 6.48
C GLY A 116 17.14 13.12 7.89
N GLN A 117 15.82 12.98 8.06
CA GLN A 117 15.19 13.07 9.37
C GLN A 117 15.45 11.79 10.17
N GLY A 118 15.21 11.84 11.48
CA GLY A 118 15.42 10.69 12.36
C GLY A 118 14.88 10.95 13.75
N GLN A 1 -16.97 -5.25 -20.34
CA GLN A 1 -17.43 -4.45 -19.19
C GLN A 1 -18.55 -5.19 -18.45
N LYS A 2 -18.46 -5.26 -17.12
CA LYS A 2 -19.48 -5.91 -16.29
C LYS A 2 -20.78 -5.12 -16.29
N ILE A 3 -21.89 -5.81 -16.03
CA ILE A 3 -23.19 -5.19 -15.87
C ILE A 3 -23.19 -4.39 -14.58
N SER A 4 -23.24 -3.06 -14.71
CA SER A 4 -23.14 -2.11 -13.61
C SER A 4 -21.83 -2.21 -12.84
N ARG A 5 -21.41 -1.08 -12.24
CA ARG A 5 -20.17 -0.98 -11.50
C ARG A 5 -20.29 -0.03 -10.31
N PRO A 6 -20.71 1.23 -10.50
CA PRO A 6 -20.95 2.12 -9.39
C PRO A 6 -22.13 1.61 -8.57
N GLY A 7 -22.05 1.72 -7.25
CA GLY A 7 -23.08 1.20 -6.37
C GLY A 7 -23.12 -0.33 -6.37
N ASP A 8 -22.14 -0.96 -7.01
CA ASP A 8 -22.06 -2.42 -7.13
C ASP A 8 -20.68 -3.02 -6.81
N SER A 9 -19.64 -2.18 -6.86
CA SER A 9 -18.28 -2.59 -6.55
C SER A 9 -17.51 -1.39 -6.02
N ASP A 10 -16.57 -1.63 -5.10
CA ASP A 10 -15.79 -0.55 -4.50
C ASP A 10 -14.88 0.17 -5.48
N ASP A 11 -14.64 -0.44 -6.65
CA ASP A 11 -13.80 0.14 -7.69
C ASP A 11 -14.39 1.34 -8.42
N SER A 12 -15.59 1.77 -8.02
CA SER A 12 -16.28 2.88 -8.67
C SER A 12 -17.05 3.78 -7.70
N ARG A 13 -16.90 3.56 -6.39
CA ARG A 13 -17.60 4.39 -5.40
C ARG A 13 -16.82 4.57 -4.09
N SER A 14 -15.60 4.04 -4.02
CA SER A 14 -14.77 4.15 -2.82
C SER A 14 -13.29 4.36 -3.15
N VAL A 15 -12.95 4.56 -4.43
CA VAL A 15 -11.58 4.76 -4.85
C VAL A 15 -11.04 6.13 -4.42
N ASN A 16 -9.93 6.13 -3.69
CA ASN A 16 -9.28 7.33 -3.19
C ASN A 16 -7.77 7.36 -3.49
N SER A 17 -7.28 6.42 -4.31
CA SER A 17 -5.86 6.25 -4.58
C SER A 17 -5.06 5.79 -3.37
N VAL A 18 -5.71 5.20 -2.35
CA VAL A 18 -5.04 4.68 -1.16
C VAL A 18 -5.48 3.25 -0.87
N LEU A 19 -4.52 2.38 -0.54
CA LEU A 19 -4.78 0.97 -0.29
C LEU A 19 -4.25 0.56 1.08
N LEU A 20 -4.89 -0.43 1.70
CA LEU A 20 -4.41 -1.06 2.91
C LEU A 20 -3.72 -2.39 2.55
N PHE A 21 -2.57 -2.64 3.16
CA PHE A 21 -1.78 -3.85 2.98
C PHE A 21 -1.67 -4.74 4.22
N THR A 22 -2.36 -5.88 4.22
CA THR A 22 -2.23 -6.85 5.30
C THR A 22 -1.12 -7.88 5.07
N ILE A 23 -0.33 -8.18 6.11
CA ILE A 23 0.73 -9.16 6.01
C ILE A 23 0.31 -10.42 6.77
N LEU A 24 0.21 -11.55 6.05
CA LEU A 24 -0.36 -12.77 6.59
C LEU A 24 0.70 -13.67 7.24
N ASN A 25 1.98 -13.46 6.92
CA ASN A 25 3.07 -14.24 7.49
C ASN A 25 4.27 -13.33 7.75
N PRO A 26 4.23 -12.56 8.86
CA PRO A 26 5.25 -11.59 9.23
C PRO A 26 6.50 -12.25 9.83
N ILE A 27 6.99 -13.33 9.21
CA ILE A 27 8.17 -14.03 9.70
C ILE A 27 9.44 -13.18 9.50
N TYR A 28 9.30 -12.02 8.84
CA TYR A 28 10.37 -11.07 8.61
C TYR A 28 9.97 -9.61 8.79
N SER A 29 10.93 -8.74 9.08
CA SER A 29 10.65 -7.32 9.22
C SER A 29 10.30 -6.72 7.87
N ILE A 30 9.07 -6.19 7.75
CA ILE A 30 8.60 -5.53 6.54
C ILE A 30 9.18 -4.12 6.45
N THR A 31 9.51 -3.67 5.24
CA THR A 31 10.05 -2.33 5.01
C THR A 31 9.41 -1.58 3.85
N THR A 32 9.50 -0.25 3.85
CA THR A 32 8.98 0.54 2.76
C THR A 32 9.70 0.33 1.43
N ASP A 33 10.90 -0.26 1.48
CA ASP A 33 11.67 -0.53 0.27
C ASP A 33 11.10 -1.73 -0.48
N VAL A 34 10.79 -2.81 0.24
CA VAL A 34 10.22 -4.00 -0.37
C VAL A 34 8.77 -3.79 -0.79
N LEU A 35 8.02 -2.96 -0.05
CA LEU A 35 6.66 -2.63 -0.43
C LEU A 35 6.69 -1.73 -1.66
N TYR A 36 7.70 -0.85 -1.77
CA TYR A 36 7.87 -0.03 -2.95
C TYR A 36 8.36 -0.81 -4.17
N THR A 37 9.12 -1.88 -3.93
CA THR A 37 9.67 -2.69 -5.01
C THR A 37 8.51 -3.41 -5.71
N ILE A 38 7.46 -3.79 -4.97
CA ILE A 38 6.31 -4.46 -5.60
C ILE A 38 5.24 -3.45 -6.03
N CYS A 39 5.19 -2.26 -5.43
CA CYS A 39 4.17 -1.27 -5.78
C CYS A 39 4.60 -0.34 -6.92
N ASN A 40 5.90 -0.12 -7.10
CA ASN A 40 6.41 0.77 -8.13
C ASN A 40 6.11 0.29 -9.55
N PRO A 41 6.22 -1.01 -9.89
CA PRO A 41 5.87 -1.48 -11.22
C PRO A 41 4.36 -1.40 -11.46
N CYS A 42 3.57 -1.19 -10.40
CA CYS A 42 2.12 -1.04 -10.51
C CYS A 42 1.73 0.43 -10.67
N GLY A 43 2.69 1.35 -10.55
CA GLY A 43 2.45 2.78 -10.72
C GLY A 43 3.36 3.60 -9.82
N PRO A 44 3.44 4.92 -10.07
CA PRO A 44 4.25 5.84 -9.30
C PRO A 44 3.70 6.00 -7.88
N VAL A 45 4.36 5.36 -6.92
CA VAL A 45 3.98 5.46 -5.51
C VAL A 45 4.34 6.84 -4.98
N GLN A 46 3.54 7.36 -4.04
CA GLN A 46 3.76 8.67 -3.46
C GLN A 46 4.09 8.59 -1.97
N ARG A 47 3.47 7.66 -1.23
CA ARG A 47 3.74 7.50 0.20
C ARG A 47 3.54 6.06 0.66
N ILE A 48 4.27 5.65 1.70
CA ILE A 48 4.17 4.33 2.31
C ILE A 48 4.45 4.41 3.81
N VAL A 49 3.65 3.72 4.62
CA VAL A 49 3.85 3.60 6.06
C VAL A 49 3.55 2.19 6.56
N ILE A 50 4.08 1.83 7.74
CA ILE A 50 3.92 0.50 8.30
C ILE A 50 3.49 0.60 9.76
N PHE A 51 2.61 -0.30 10.20
CA PHE A 51 2.16 -0.39 11.59
C PHE A 51 1.83 -1.79 12.08
N ARG A 52 1.82 -1.96 13.41
CA ARG A 52 1.58 -3.26 14.04
C ARG A 52 0.68 -3.13 15.28
N LYS A 53 -0.24 -2.15 15.25
CA LYS A 53 -1.08 -1.85 16.41
C LYS A 53 -2.08 -2.95 16.74
N ASN A 54 -2.54 -3.71 15.74
CA ASN A 54 -3.50 -4.79 15.92
C ASN A 54 -3.07 -6.09 15.24
N GLY A 55 -1.87 -6.10 14.66
CA GLY A 55 -1.37 -7.21 13.88
C GLY A 55 -0.15 -6.75 13.11
N VAL A 56 -0.13 -6.97 11.79
CA VAL A 56 0.93 -6.47 10.93
C VAL A 56 0.35 -5.95 9.62
N GLN A 57 0.52 -4.65 9.37
CA GLN A 57 -0.07 -4.00 8.21
C GLN A 57 0.85 -2.91 7.67
N ALA A 58 0.50 -2.41 6.49
CA ALA A 58 1.18 -1.31 5.84
C ALA A 58 0.17 -0.57 4.96
N MET A 59 0.52 0.63 4.48
CA MET A 59 -0.35 1.42 3.64
C MET A 59 0.45 1.97 2.46
N VAL A 60 -0.26 2.26 1.36
CA VAL A 60 0.34 2.81 0.15
C VAL A 60 -0.59 3.83 -0.49
N GLU A 61 -0.01 4.89 -1.06
CA GLU A 61 -0.78 5.91 -1.76
C GLU A 61 -0.17 6.18 -3.13
N PHE A 62 -1.05 6.25 -4.14
CA PHE A 62 -0.68 6.43 -5.54
C PHE A 62 -0.92 7.81 -6.13
N ASP A 63 -0.29 8.10 -7.27
CA ASP A 63 -0.45 9.38 -7.94
C ASP A 63 -1.79 9.40 -8.69
N SER A 64 -2.41 8.23 -8.90
CA SER A 64 -3.65 8.15 -9.66
C SER A 64 -4.47 6.93 -9.25
N VAL A 65 -5.79 7.00 -9.49
CA VAL A 65 -6.72 5.93 -9.15
C VAL A 65 -6.42 4.71 -10.01
N GLN A 66 -5.99 4.91 -11.26
CA GLN A 66 -5.73 3.81 -12.18
C GLN A 66 -4.57 2.96 -11.67
N SER A 67 -3.57 3.58 -11.04
CA SER A 67 -2.46 2.84 -10.46
C SER A 67 -2.89 2.10 -9.21
N ALA A 68 -3.86 2.65 -8.47
CA ALA A 68 -4.37 2.02 -7.26
C ALA A 68 -5.22 0.80 -7.58
N GLN A 69 -5.92 0.79 -8.72
CA GLN A 69 -6.76 -0.33 -9.11
C GLN A 69 -5.93 -1.54 -9.54
N ARG A 70 -4.90 -1.33 -10.37
CA ARG A 70 -4.10 -2.45 -10.85
C ARG A 70 -3.16 -2.96 -9.78
N ALA A 71 -2.77 -2.11 -8.82
CA ALA A 71 -1.92 -2.52 -7.72
C ALA A 71 -2.70 -3.44 -6.77
N LYS A 72 -3.96 -3.11 -6.50
CA LYS A 72 -4.80 -3.90 -5.62
C LYS A 72 -5.28 -5.17 -6.32
N ALA A 73 -5.37 -5.14 -7.66
CA ALA A 73 -5.81 -6.29 -8.43
C ALA A 73 -4.66 -7.23 -8.81
N SER A 74 -3.41 -6.81 -8.60
CA SER A 74 -2.25 -7.63 -8.99
C SER A 74 -1.41 -8.08 -7.80
N LEU A 75 -1.29 -7.24 -6.77
CA LEU A 75 -0.45 -7.57 -5.61
C LEU A 75 -1.24 -8.30 -4.53
N ASN A 76 -2.56 -8.44 -4.68
CA ASN A 76 -3.37 -9.17 -3.73
C ASN A 76 -3.06 -10.66 -3.86
N GLY A 77 -2.86 -11.34 -2.73
CA GLY A 77 -2.54 -12.76 -2.70
C GLY A 77 -1.08 -13.02 -3.08
N ALA A 78 -0.34 -11.98 -3.47
CA ALA A 78 1.07 -12.11 -3.81
C ALA A 78 1.92 -12.19 -2.54
N ASP A 79 3.18 -12.58 -2.68
CA ASP A 79 4.12 -12.68 -1.57
C ASP A 79 5.39 -11.86 -1.73
N ILE A 80 5.84 -11.21 -0.66
CA ILE A 80 7.04 -10.38 -0.70
C ILE A 80 8.29 -11.27 -0.75
N TYR A 81 8.27 -12.35 0.03
CA TYR A 81 9.35 -13.32 0.09
C TYR A 81 9.38 -14.41 -0.98
N SER A 82 8.28 -14.53 -1.75
CA SER A 82 8.09 -15.58 -2.73
C SER A 82 8.01 -16.95 -2.05
N GLY A 83 7.38 -16.96 -0.87
CA GLY A 83 7.16 -18.16 -0.07
C GLY A 83 6.50 -17.83 1.26
N CYS A 84 6.67 -16.59 1.73
CA CYS A 84 6.10 -16.07 2.96
C CYS A 84 5.80 -14.58 2.80
N CYS A 85 5.32 -13.92 3.87
CA CYS A 85 4.90 -12.53 3.81
C CYS A 85 3.79 -12.29 2.79
N THR A 86 2.87 -13.24 2.67
CA THR A 86 1.70 -13.11 1.81
C THR A 86 0.87 -11.85 2.06
N LEU A 87 0.25 -11.31 1.01
CA LEU A 87 -0.44 -10.03 1.09
C LEU A 87 -1.94 -10.16 0.85
N LYS A 88 -2.68 -9.19 1.41
CA LYS A 88 -4.09 -8.95 1.16
C LYS A 88 -4.28 -7.46 1.03
N ILE A 89 -5.10 -7.02 0.06
CA ILE A 89 -5.21 -5.60 -0.26
C ILE A 89 -6.66 -5.20 -0.50
N GLU A 90 -7.01 -3.99 -0.06
CA GLU A 90 -8.34 -3.42 -0.30
C GLU A 90 -8.28 -1.91 -0.16
N TYR A 91 -9.28 -1.20 -0.70
CA TYR A 91 -9.35 0.24 -0.55
C TYR A 91 -9.41 0.77 0.88
N ALA A 92 -8.61 1.79 1.15
CA ALA A 92 -8.53 2.40 2.47
C ALA A 92 -9.58 3.50 2.62
N LYS A 93 -9.87 3.92 3.86
CA LYS A 93 -10.85 4.99 4.10
C LYS A 93 -10.24 6.39 4.31
N PRO A 94 -9.02 6.56 4.84
CA PRO A 94 -8.41 7.88 4.96
C PRO A 94 -7.89 8.34 3.61
N THR A 95 -7.46 9.61 3.51
CA THR A 95 -7.01 10.18 2.24
C THR A 95 -5.72 11.01 2.27
N ARG A 96 -5.11 11.20 3.45
CA ARG A 96 -3.90 12.01 3.54
C ARG A 96 -3.05 11.63 4.76
N LEU A 97 -1.75 11.43 4.55
CA LEU A 97 -0.80 11.10 5.61
C LEU A 97 -0.18 12.35 6.22
N ASN A 98 0.32 12.23 7.45
CA ASN A 98 1.03 13.29 8.14
C ASN A 98 2.44 12.82 8.51
N VAL A 99 3.13 12.18 7.55
CA VAL A 99 4.48 11.65 7.75
C VAL A 99 5.45 12.68 8.32
N PHE A 100 6.37 12.22 9.18
CA PHE A 100 7.35 13.09 9.82
C PHE A 100 8.83 12.74 9.62
N LYS A 101 9.10 11.61 8.98
CA LYS A 101 10.46 11.16 8.69
C LYS A 101 10.47 10.09 7.59
N ASN A 102 11.67 9.73 7.13
CA ASN A 102 11.87 8.68 6.13
C ASN A 102 12.84 7.63 6.68
N ASP A 103 12.35 6.39 6.80
CA ASP A 103 13.14 5.25 7.27
C ASP A 103 12.49 3.95 6.81
N GLN A 104 12.95 2.81 7.34
CA GLN A 104 12.46 1.51 6.91
C GLN A 104 11.01 1.25 7.35
N ASP A 105 10.44 2.09 8.22
CA ASP A 105 9.07 1.92 8.68
C ASP A 105 8.07 2.80 7.94
N THR A 106 8.47 4.04 7.64
CA THR A 106 7.66 5.00 6.91
C THR A 106 8.47 5.86 5.96
N TRP A 107 7.89 6.23 4.81
CA TRP A 107 8.62 6.95 3.79
C TRP A 107 7.67 7.76 2.93
N ASP A 108 8.17 8.86 2.37
CA ASP A 108 7.44 9.69 1.43
C ASP A 108 8.21 9.91 0.14
N TYR A 109 7.66 9.44 -0.97
CA TYR A 109 8.32 9.39 -2.27
C TYR A 109 8.33 10.67 -3.09
N THR A 110 7.88 11.79 -2.51
CA THR A 110 7.82 13.06 -3.21
C THR A 110 8.21 14.28 -2.37
N ASN A 111 8.13 14.16 -1.03
CA ASN A 111 8.59 15.23 -0.16
C ASN A 111 10.02 14.94 0.29
N PRO A 112 11.00 15.76 -0.13
CA PRO A 112 12.41 15.58 0.22
C PRO A 112 12.72 16.10 1.63
N ASN A 113 11.82 16.90 2.22
CA ASN A 113 12.09 17.53 3.51
C ASN A 113 11.99 16.54 4.67
N LEU A 114 11.39 15.37 4.44
CA LEU A 114 11.23 14.37 5.48
C LEU A 114 12.45 13.46 5.58
N SER A 115 13.40 13.58 4.66
CA SER A 115 14.62 12.79 4.70
C SER A 115 15.57 13.31 5.78
N GLY A 116 16.28 12.38 6.44
CA GLY A 116 17.25 12.72 7.47
C GLY A 116 16.61 13.17 8.78
N GLN A 117 15.27 13.24 8.83
CA GLN A 117 14.56 13.68 10.03
C GLN A 117 14.57 12.58 11.09
N GLY A 118 14.34 12.98 12.35
CA GLY A 118 14.30 12.06 13.47
C GLY A 118 14.21 12.82 14.79
N GLN A 1 -14.67 -9.97 -16.00
CA GLN A 1 -14.71 -11.11 -15.06
C GLN A 1 -13.95 -10.81 -13.77
N LYS A 2 -12.63 -10.63 -13.85
CA LYS A 2 -11.80 -10.36 -12.69
C LYS A 2 -12.07 -8.98 -12.10
N ILE A 3 -12.58 -8.06 -12.93
CA ILE A 3 -12.87 -6.69 -12.53
C ILE A 3 -14.28 -6.31 -12.98
N SER A 4 -14.93 -5.41 -12.24
CA SER A 4 -16.25 -4.91 -12.54
C SER A 4 -16.44 -3.53 -11.91
N ARG A 5 -17.47 -2.80 -12.36
CA ARG A 5 -17.75 -1.46 -11.86
C ARG A 5 -19.25 -1.22 -11.65
N PRO A 6 -20.15 -1.72 -12.51
CA PRO A 6 -21.58 -1.61 -12.31
C PRO A 6 -22.03 -2.24 -11.00
N GLY A 7 -23.27 -1.97 -10.59
CA GLY A 7 -23.80 -2.49 -9.33
C GLY A 7 -23.18 -1.78 -8.12
N ASP A 8 -22.58 -0.60 -8.35
CA ASP A 8 -21.94 0.17 -7.29
C ASP A 8 -20.76 -0.54 -6.60
N SER A 9 -20.00 -1.31 -7.37
CA SER A 9 -18.81 -1.98 -6.86
C SER A 9 -17.81 -0.95 -6.33
N ASP A 10 -17.01 -1.34 -5.34
CA ASP A 10 -16.06 -0.42 -4.70
C ASP A 10 -15.07 0.20 -5.67
N ASP A 11 -14.86 -0.45 -6.82
CA ASP A 11 -13.94 0.02 -7.86
C ASP A 11 -14.43 1.22 -8.67
N SER A 12 -15.56 1.82 -8.29
CA SER A 12 -16.09 2.98 -9.01
C SER A 12 -16.81 3.98 -8.10
N ARG A 13 -16.90 3.71 -6.79
CA ARG A 13 -17.56 4.63 -5.86
C ARG A 13 -16.88 4.68 -4.50
N SER A 14 -15.70 4.07 -4.36
CA SER A 14 -14.95 4.05 -3.11
C SER A 14 -13.44 4.17 -3.32
N VAL A 15 -13.00 4.32 -4.57
CA VAL A 15 -11.59 4.47 -4.89
C VAL A 15 -11.05 5.84 -4.48
N ASN A 16 -9.94 5.85 -3.75
CA ASN A 16 -9.32 7.07 -3.25
C ASN A 16 -7.82 7.14 -3.55
N SER A 17 -7.30 6.22 -4.38
CA SER A 17 -5.87 6.08 -4.65
C SER A 17 -5.04 5.68 -3.44
N VAL A 18 -5.67 5.10 -2.41
CA VAL A 18 -4.97 4.63 -1.21
C VAL A 18 -5.42 3.22 -0.85
N LEU A 19 -4.45 2.34 -0.53
CA LEU A 19 -4.73 0.95 -0.23
C LEU A 19 -4.22 0.56 1.15
N LEU A 20 -4.85 -0.43 1.76
CA LEU A 20 -4.37 -1.07 2.98
C LEU A 20 -3.71 -2.39 2.60
N PHE A 21 -2.56 -2.66 3.19
CA PHE A 21 -1.79 -3.88 3.00
C PHE A 21 -1.70 -4.75 4.25
N THR A 22 -2.35 -5.91 4.22
CA THR A 22 -2.23 -6.90 5.29
C THR A 22 -1.18 -7.96 5.03
N ILE A 23 -0.32 -8.24 6.02
CA ILE A 23 0.71 -9.25 5.89
C ILE A 23 0.27 -10.50 6.67
N LEU A 24 0.14 -11.63 5.96
CA LEU A 24 -0.44 -12.83 6.53
C LEU A 24 0.61 -13.73 7.19
N ASN A 25 1.90 -13.52 6.88
CA ASN A 25 2.98 -14.30 7.46
C ASN A 25 4.20 -13.39 7.68
N PRO A 26 4.18 -12.59 8.75
CA PRO A 26 5.22 -11.63 9.09
C PRO A 26 6.44 -12.30 9.72
N ILE A 27 6.92 -13.40 9.14
CA ILE A 27 8.09 -14.12 9.65
C ILE A 27 9.37 -13.30 9.43
N TYR A 28 9.25 -12.15 8.75
CA TYR A 28 10.34 -11.23 8.51
C TYR A 28 9.97 -9.76 8.69
N SER A 29 10.96 -8.90 8.94
CA SER A 29 10.71 -7.48 9.12
C SER A 29 10.31 -6.83 7.80
N ILE A 30 9.06 -6.36 7.70
CA ILE A 30 8.57 -5.68 6.52
C ILE A 30 9.08 -4.24 6.51
N THR A 31 9.44 -3.72 5.33
CA THR A 31 9.93 -2.35 5.16
C THR A 31 9.30 -1.60 4.00
N THR A 32 9.39 -0.26 4.01
CA THR A 32 8.88 0.54 2.92
C THR A 32 9.55 0.28 1.58
N ASP A 33 10.77 -0.27 1.61
CA ASP A 33 11.53 -0.54 0.40
C ASP A 33 10.98 -1.74 -0.36
N VAL A 34 10.69 -2.83 0.34
CA VAL A 34 10.13 -4.01 -0.31
C VAL A 34 8.71 -3.79 -0.79
N LEU A 35 7.94 -2.96 -0.08
CA LEU A 35 6.59 -2.62 -0.49
C LEU A 35 6.65 -1.69 -1.70
N TYR A 36 7.65 -0.79 -1.75
CA TYR A 36 7.85 0.04 -2.92
C TYR A 36 8.34 -0.73 -4.14
N THR A 37 9.10 -1.81 -3.90
CA THR A 37 9.66 -2.62 -4.98
C THR A 37 8.51 -3.33 -5.69
N ILE A 38 7.45 -3.70 -4.97
CA ILE A 38 6.31 -4.37 -5.58
C ILE A 38 5.22 -3.38 -5.99
N CYS A 39 5.18 -2.18 -5.40
CA CYS A 39 4.15 -1.19 -5.73
C CYS A 39 4.57 -0.26 -6.87
N ASN A 40 5.87 -0.02 -7.04
CA ASN A 40 6.36 0.88 -8.08
C ASN A 40 6.04 0.41 -9.50
N PRO A 41 6.12 -0.89 -9.85
CA PRO A 41 5.79 -1.33 -11.20
C PRO A 41 4.29 -1.20 -11.47
N CYS A 42 3.47 -1.05 -10.44
CA CYS A 42 2.04 -0.84 -10.60
C CYS A 42 1.71 0.64 -10.85
N GLY A 43 2.67 1.53 -10.62
CA GLY A 43 2.49 2.95 -10.85
C GLY A 43 3.34 3.77 -9.88
N PRO A 44 3.44 5.08 -10.11
CA PRO A 44 4.21 5.99 -9.29
C PRO A 44 3.68 6.04 -7.86
N VAL A 45 4.45 5.53 -6.90
CA VAL A 45 4.10 5.57 -5.50
C VAL A 45 4.41 6.96 -4.95
N GLN A 46 3.58 7.45 -4.03
CA GLN A 46 3.77 8.77 -3.44
C GLN A 46 4.12 8.66 -1.96
N ARG A 47 3.48 7.73 -1.23
CA ARG A 47 3.77 7.55 0.19
C ARG A 47 3.56 6.11 0.65
N ILE A 48 4.27 5.72 1.70
CA ILE A 48 4.18 4.39 2.31
C ILE A 48 4.35 4.50 3.82
N VAL A 49 3.61 3.67 4.58
CA VAL A 49 3.66 3.65 6.03
C VAL A 49 3.44 2.21 6.49
N ILE A 50 3.92 1.89 7.70
CA ILE A 50 3.82 0.55 8.27
C ILE A 50 3.48 0.68 9.76
N PHE A 51 2.62 -0.22 10.26
CA PHE A 51 2.24 -0.26 11.66
C PHE A 51 2.02 -1.66 12.24
N ARG A 52 2.13 -1.78 13.56
CA ARG A 52 2.09 -3.07 14.25
C ARG A 52 1.04 -3.06 15.37
N LYS A 53 0.11 -2.08 15.35
CA LYS A 53 -0.80 -1.83 16.46
C LYS A 53 -1.76 -2.98 16.76
N ASN A 54 -2.19 -3.74 15.76
CA ASN A 54 -3.10 -4.86 15.96
C ASN A 54 -2.61 -6.14 15.27
N GLY A 55 -1.39 -6.11 14.74
CA GLY A 55 -0.84 -7.20 13.95
C GLY A 55 0.35 -6.67 13.15
N VAL A 56 0.32 -6.85 11.84
CA VAL A 56 1.34 -6.31 10.94
C VAL A 56 0.67 -5.84 9.65
N GLN A 57 0.72 -4.52 9.40
CA GLN A 57 0.07 -3.93 8.24
C GLN A 57 0.92 -2.80 7.66
N ALA A 58 0.55 -2.36 6.47
CA ALA A 58 1.18 -1.24 5.79
C ALA A 58 0.15 -0.49 4.94
N MET A 59 0.48 0.73 4.52
CA MET A 59 -0.39 1.54 3.70
C MET A 59 0.41 2.10 2.52
N VAL A 60 -0.27 2.35 1.40
CA VAL A 60 0.36 2.87 0.20
C VAL A 60 -0.54 3.88 -0.49
N GLU A 61 0.04 4.92 -1.08
CA GLU A 61 -0.70 5.94 -1.80
C GLU A 61 -0.09 6.19 -3.17
N PHE A 62 -0.95 6.26 -4.18
CA PHE A 62 -0.58 6.39 -5.59
C PHE A 62 -0.82 7.75 -6.24
N ASP A 63 -0.19 7.99 -7.39
CA ASP A 63 -0.34 9.23 -8.14
C ASP A 63 -1.68 9.23 -8.88
N SER A 64 -2.31 8.06 -9.04
CA SER A 64 -3.57 7.95 -9.77
C SER A 64 -4.38 6.73 -9.32
N VAL A 65 -5.70 6.79 -9.57
CA VAL A 65 -6.61 5.71 -9.21
C VAL A 65 -6.29 4.47 -10.04
N GLN A 66 -5.84 4.65 -11.28
CA GLN A 66 -5.55 3.52 -12.15
C GLN A 66 -4.35 2.74 -11.65
N SER A 67 -3.41 3.42 -10.99
CA SER A 67 -2.27 2.75 -10.40
C SER A 67 -2.71 1.99 -9.15
N ALA A 68 -3.72 2.51 -8.45
CA ALA A 68 -4.24 1.89 -7.24
C ALA A 68 -5.11 0.67 -7.56
N GLN A 69 -5.85 0.70 -8.68
CA GLN A 69 -6.72 -0.41 -9.04
C GLN A 69 -5.91 -1.62 -9.48
N ARG A 70 -4.86 -1.42 -10.28
CA ARG A 70 -4.08 -2.56 -10.76
C ARG A 70 -3.16 -3.07 -9.66
N ALA A 71 -2.79 -2.23 -8.70
CA ALA A 71 -1.97 -2.67 -7.58
C ALA A 71 -2.78 -3.57 -6.66
N LYS A 72 -4.05 -3.20 -6.41
CA LYS A 72 -4.94 -3.98 -5.57
C LYS A 72 -5.43 -5.24 -6.30
N ALA A 73 -5.34 -5.25 -7.63
CA ALA A 73 -5.78 -6.37 -8.45
C ALA A 73 -4.62 -7.27 -8.89
N SER A 74 -3.37 -6.90 -8.58
CA SER A 74 -2.21 -7.70 -8.99
C SER A 74 -1.33 -8.11 -7.81
N LEU A 75 -1.24 -7.27 -6.76
CA LEU A 75 -0.41 -7.56 -5.60
C LEU A 75 -1.20 -8.30 -4.52
N ASN A 76 -2.52 -8.45 -4.72
CA ASN A 76 -3.35 -9.18 -3.77
C ASN A 76 -3.08 -10.68 -3.91
N GLY A 77 -2.93 -11.37 -2.77
CA GLY A 77 -2.63 -12.80 -2.76
C GLY A 77 -1.19 -13.09 -3.14
N ALA A 78 -0.44 -12.06 -3.55
CA ALA A 78 0.97 -12.20 -3.89
C ALA A 78 1.82 -12.24 -2.64
N ASP A 79 3.08 -12.64 -2.78
CA ASP A 79 4.03 -12.72 -1.67
C ASP A 79 5.32 -11.91 -1.84
N ILE A 80 5.77 -11.27 -0.77
CA ILE A 80 6.99 -10.46 -0.80
C ILE A 80 8.20 -11.38 -0.86
N TYR A 81 8.17 -12.45 -0.08
CA TYR A 81 9.22 -13.46 -0.01
C TYR A 81 9.23 -14.55 -1.08
N SER A 82 8.13 -14.65 -1.84
CA SER A 82 7.94 -15.71 -2.83
C SER A 82 7.82 -17.08 -2.14
N GLY A 83 7.20 -17.08 -0.97
CA GLY A 83 6.96 -18.28 -0.17
C GLY A 83 6.32 -17.94 1.16
N CYS A 84 6.51 -16.70 1.63
CA CYS A 84 5.96 -16.18 2.88
C CYS A 84 5.67 -14.68 2.73
N CYS A 85 5.21 -14.03 3.79
CA CYS A 85 4.82 -12.62 3.75
C CYS A 85 3.72 -12.35 2.72
N THR A 86 2.79 -13.29 2.59
CA THR A 86 1.63 -13.14 1.71
C THR A 86 0.80 -11.89 1.97
N LEU A 87 0.17 -11.34 0.93
CA LEU A 87 -0.52 -10.07 1.03
C LEU A 87 -2.01 -10.18 0.79
N LYS A 88 -2.74 -9.21 1.36
CA LYS A 88 -4.15 -8.96 1.11
C LYS A 88 -4.33 -7.45 1.01
N ILE A 89 -5.14 -6.99 0.04
CA ILE A 89 -5.23 -5.57 -0.27
C ILE A 89 -6.67 -5.14 -0.52
N GLU A 90 -7.01 -3.93 -0.06
CA GLU A 90 -8.31 -3.32 -0.28
C GLU A 90 -8.22 -1.81 -0.12
N TYR A 91 -9.21 -1.07 -0.64
CA TYR A 91 -9.25 0.37 -0.49
C TYR A 91 -9.33 0.89 0.94
N ALA A 92 -8.56 1.94 1.23
CA ALA A 92 -8.49 2.52 2.56
C ALA A 92 -9.56 3.59 2.77
N LYS A 93 -9.82 3.93 4.03
CA LYS A 93 -10.79 4.95 4.41
C LYS A 93 -10.20 6.37 4.34
N PRO A 94 -9.07 6.67 5.01
CA PRO A 94 -8.43 7.97 4.96
C PRO A 94 -7.74 8.20 3.62
N THR A 95 -7.39 9.47 3.34
CA THR A 95 -6.79 9.85 2.06
C THR A 95 -5.59 10.79 2.11
N ARG A 96 -5.02 11.05 3.29
CA ARG A 96 -3.88 11.94 3.41
C ARG A 96 -3.05 11.63 4.65
N LEU A 97 -1.73 11.47 4.46
CA LEU A 97 -0.78 11.24 5.53
C LEU A 97 -0.18 12.55 6.03
N ASN A 98 0.30 12.53 7.28
CA ASN A 98 1.01 13.64 7.89
C ASN A 98 2.43 13.21 8.26
N VAL A 99 3.13 12.58 7.30
CA VAL A 99 4.46 12.03 7.51
C VAL A 99 5.46 13.02 8.11
N PHE A 100 6.33 12.55 9.00
CA PHE A 100 7.33 13.37 9.66
C PHE A 100 8.76 12.85 9.65
N LYS A 101 8.99 11.69 9.02
CA LYS A 101 10.29 11.04 9.00
C LYS A 101 10.38 10.03 7.85
N ASN A 102 11.61 9.63 7.53
CA ASN A 102 11.87 8.58 6.56
C ASN A 102 12.74 7.50 7.19
N ASP A 103 12.22 6.27 7.26
CA ASP A 103 12.91 5.12 7.83
C ASP A 103 12.34 3.82 7.27
N GLN A 104 12.68 2.68 7.88
CA GLN A 104 12.25 1.38 7.39
C GLN A 104 10.74 1.16 7.58
N ASP A 105 10.07 2.01 8.37
CA ASP A 105 8.64 1.89 8.61
C ASP A 105 7.77 2.89 7.85
N THR A 106 8.29 4.09 7.58
CA THR A 106 7.56 5.13 6.87
C THR A 106 8.44 5.92 5.91
N TRP A 107 7.88 6.33 4.77
CA TRP A 107 8.64 7.03 3.76
C TRP A 107 7.70 7.85 2.88
N ASP A 108 8.23 8.93 2.30
CA ASP A 108 7.48 9.76 1.37
C ASP A 108 8.29 10.08 0.11
N TYR A 109 7.73 9.70 -1.03
CA TYR A 109 8.40 9.75 -2.32
C TYR A 109 8.32 11.05 -3.12
N THR A 110 7.80 12.12 -2.50
CA THR A 110 7.62 13.40 -3.18
C THR A 110 7.89 14.63 -2.32
N ASN A 111 7.90 14.49 -0.99
CA ASN A 111 8.21 15.59 -0.10
C ASN A 111 9.71 15.56 0.26
N PRO A 112 10.48 16.55 -0.19
CA PRO A 112 11.92 16.61 0.05
C PRO A 112 12.24 17.07 1.48
N ASN A 113 11.28 17.68 2.17
CA ASN A 113 11.50 18.23 3.50
C ASN A 113 11.64 17.15 4.57
N LEU A 114 11.27 15.91 4.24
CA LEU A 114 11.37 14.80 5.18
C LEU A 114 12.71 14.09 5.08
N SER A 115 13.57 14.51 4.15
CA SER A 115 14.90 13.94 3.99
C SER A 115 15.83 14.45 5.07
N GLY A 116 16.78 13.60 5.51
CA GLY A 116 17.77 13.98 6.51
C GLY A 116 17.19 14.12 7.91
N GLN A 117 15.89 13.86 8.09
CA GLN A 117 15.23 13.96 9.38
C GLN A 117 15.69 12.83 10.32
N GLY A 118 15.51 13.02 11.62
CA GLY A 118 15.88 12.06 12.64
C GLY A 118 17.39 11.99 12.80
N GLN A 1 -12.61 -12.90 -16.48
CA GLN A 1 -12.22 -11.92 -15.46
C GLN A 1 -13.04 -12.10 -14.19
N LYS A 2 -12.54 -11.55 -13.07
CA LYS A 2 -13.23 -11.62 -11.79
C LYS A 2 -14.52 -10.80 -11.84
N ILE A 3 -15.57 -11.27 -11.16
CA ILE A 3 -16.86 -10.59 -11.14
C ILE A 3 -16.78 -9.29 -10.34
N SER A 4 -17.49 -8.26 -10.81
CA SER A 4 -17.56 -6.97 -10.13
C SER A 4 -18.84 -6.25 -10.54
N ARG A 5 -19.27 -5.30 -9.71
CA ARG A 5 -20.50 -4.53 -9.94
C ARG A 5 -20.33 -3.09 -9.47
N PRO A 6 -20.95 -2.14 -10.16
CA PRO A 6 -20.92 -0.72 -9.79
C PRO A 6 -21.73 -0.49 -8.52
N GLY A 7 -21.28 0.44 -7.68
CA GLY A 7 -21.96 0.76 -6.44
C GLY A 7 -21.83 -0.35 -5.41
N ASP A 8 -20.95 -1.33 -5.67
CA ASP A 8 -20.73 -2.46 -4.79
C ASP A 8 -19.26 -2.85 -4.64
N SER A 9 -18.58 -3.06 -5.77
CA SER A 9 -17.14 -3.33 -5.75
C SER A 9 -16.39 -2.06 -5.38
N ASP A 10 -15.22 -2.20 -4.76
CA ASP A 10 -14.44 -1.05 -4.32
C ASP A 10 -13.96 -0.14 -5.44
N ASP A 11 -13.96 -0.65 -6.68
CA ASP A 11 -13.54 0.10 -7.86
C ASP A 11 -14.51 1.20 -8.32
N SER A 12 -15.60 1.42 -7.58
CA SER A 12 -16.61 2.40 -7.96
C SER A 12 -17.23 3.14 -6.77
N ARG A 13 -16.77 2.87 -5.55
CA ARG A 13 -17.30 3.52 -4.36
C ARG A 13 -16.27 3.69 -3.25
N SER A 14 -15.00 3.39 -3.53
CA SER A 14 -13.93 3.53 -2.56
C SER A 14 -12.61 3.96 -3.21
N VAL A 15 -12.65 4.34 -4.50
CA VAL A 15 -11.47 4.74 -5.24
C VAL A 15 -11.02 6.11 -4.72
N ASN A 16 -9.96 6.12 -3.92
CA ASN A 16 -9.37 7.34 -3.38
C ASN A 16 -7.86 7.39 -3.59
N SER A 17 -7.32 6.47 -4.40
CA SER A 17 -5.88 6.34 -4.64
C SER A 17 -5.09 5.90 -3.41
N VAL A 18 -5.74 5.30 -2.41
CA VAL A 18 -5.09 4.78 -1.22
C VAL A 18 -5.48 3.33 -0.96
N LEU A 19 -4.51 2.52 -0.53
CA LEU A 19 -4.70 1.09 -0.32
C LEU A 19 -4.14 0.67 1.03
N LEU A 20 -4.66 -0.46 1.55
CA LEU A 20 -4.17 -1.07 2.77
C LEU A 20 -3.54 -2.43 2.43
N PHE A 21 -2.38 -2.69 3.04
CA PHE A 21 -1.61 -3.91 2.86
C PHE A 21 -1.50 -4.79 4.09
N THR A 22 -2.28 -5.87 4.16
CA THR A 22 -2.17 -6.84 5.24
C THR A 22 -1.11 -7.92 4.99
N ILE A 23 -0.30 -8.24 6.01
CA ILE A 23 0.70 -9.28 5.89
C ILE A 23 0.23 -10.51 6.68
N LEU A 24 0.12 -11.65 5.98
CA LEU A 24 -0.45 -12.86 6.56
C LEU A 24 0.60 -13.73 7.25
N ASN A 25 1.87 -13.55 6.90
CA ASN A 25 2.97 -14.31 7.49
C ASN A 25 4.17 -13.39 7.70
N PRO A 26 4.15 -12.57 8.76
CA PRO A 26 5.17 -11.59 9.07
C PRO A 26 6.41 -12.23 9.73
N ILE A 27 6.87 -13.36 9.18
CA ILE A 27 8.03 -14.06 9.72
C ILE A 27 9.32 -13.25 9.48
N TYR A 28 9.21 -12.13 8.76
CA TYR A 28 10.31 -11.21 8.49
C TYR A 28 9.95 -9.75 8.64
N SER A 29 10.96 -8.90 8.85
CA SER A 29 10.74 -7.46 9.01
C SER A 29 10.29 -6.85 7.69
N ILE A 30 9.05 -6.38 7.64
CA ILE A 30 8.51 -5.70 6.48
C ILE A 30 9.03 -4.26 6.46
N THR A 31 9.34 -3.75 5.27
CA THR A 31 9.86 -2.39 5.09
C THR A 31 9.21 -1.61 3.95
N THR A 32 9.27 -0.28 4.01
CA THR A 32 8.75 0.55 2.93
C THR A 32 9.52 0.42 1.62
N ASP A 33 10.74 -0.14 1.67
CA ASP A 33 11.57 -0.29 0.49
C ASP A 33 11.11 -1.51 -0.31
N VAL A 34 10.79 -2.61 0.38
CA VAL A 34 10.32 -3.81 -0.29
C VAL A 34 8.87 -3.67 -0.74
N LEU A 35 8.05 -2.93 0.00
CA LEU A 35 6.68 -2.66 -0.41
C LEU A 35 6.70 -1.72 -1.61
N TYR A 36 7.67 -0.80 -1.68
CA TYR A 36 7.84 0.04 -2.85
C TYR A 36 8.38 -0.71 -4.07
N THR A 37 9.15 -1.76 -3.83
CA THR A 37 9.75 -2.55 -4.91
C THR A 37 8.64 -3.29 -5.63
N ILE A 38 7.57 -3.68 -4.93
CA ILE A 38 6.45 -4.36 -5.57
C ILE A 38 5.35 -3.38 -5.98
N CYS A 39 5.27 -2.19 -5.37
CA CYS A 39 4.24 -1.22 -5.72
C CYS A 39 4.66 -0.26 -6.84
N ASN A 40 5.96 -0.02 -7.01
CA ASN A 40 6.45 0.88 -8.03
C ASN A 40 6.15 0.43 -9.46
N PRO A 41 6.28 -0.87 -9.81
CA PRO A 41 5.94 -1.32 -11.15
C PRO A 41 4.42 -1.26 -11.40
N CYS A 42 3.63 -1.12 -10.33
CA CYS A 42 2.19 -0.99 -10.44
C CYS A 42 1.79 0.48 -10.65
N GLY A 43 2.73 1.41 -10.45
CA GLY A 43 2.48 2.83 -10.64
C GLY A 43 3.38 3.68 -9.75
N PRO A 44 3.44 4.99 -10.00
CA PRO A 44 4.24 5.93 -9.23
C PRO A 44 3.67 6.07 -7.81
N VAL A 45 4.34 5.44 -6.84
CA VAL A 45 3.95 5.50 -5.43
C VAL A 45 4.26 6.90 -4.91
N GLN A 46 3.45 7.40 -3.98
CA GLN A 46 3.63 8.71 -3.39
C GLN A 46 3.97 8.62 -1.90
N ARG A 47 3.35 7.71 -1.16
CA ARG A 47 3.61 7.55 0.26
C ARG A 47 3.43 6.13 0.75
N ILE A 48 4.17 5.74 1.80
CA ILE A 48 4.08 4.43 2.43
C ILE A 48 4.40 4.56 3.92
N VAL A 49 3.63 3.86 4.76
CA VAL A 49 3.86 3.76 6.19
C VAL A 49 3.49 2.37 6.70
N ILE A 50 3.98 1.99 7.89
CA ILE A 50 3.80 0.65 8.44
C ILE A 50 3.40 0.74 9.91
N PHE A 51 2.51 -0.17 10.34
CA PHE A 51 2.09 -0.25 11.73
C PHE A 51 1.87 -1.66 12.28
N ARG A 52 1.92 -1.79 13.61
CA ARG A 52 1.85 -3.08 14.30
C ARG A 52 0.79 -3.07 15.40
N LYS A 53 -0.11 -2.08 15.38
CA LYS A 53 -1.03 -1.81 16.48
C LYS A 53 -2.00 -2.96 16.77
N ASN A 54 -2.40 -3.72 15.76
CA ASN A 54 -3.33 -4.85 15.93
C ASN A 54 -2.81 -6.13 15.27
N GLY A 55 -1.60 -6.07 14.71
CA GLY A 55 -1.04 -7.18 13.94
C GLY A 55 0.16 -6.66 13.17
N VAL A 56 0.15 -6.85 11.85
CA VAL A 56 1.19 -6.31 10.97
C VAL A 56 0.55 -5.83 9.67
N GLN A 57 0.62 -4.52 9.43
CA GLN A 57 0.01 -3.91 8.25
C GLN A 57 0.88 -2.78 7.71
N ALA A 58 0.57 -2.37 6.48
CA ALA A 58 1.18 -1.23 5.83
C ALA A 58 0.13 -0.50 5.00
N MET A 59 0.44 0.73 4.59
CA MET A 59 -0.47 1.53 3.79
C MET A 59 0.30 2.13 2.62
N VAL A 60 -0.40 2.36 1.50
CA VAL A 60 0.21 2.88 0.28
C VAL A 60 -0.70 3.90 -0.40
N GLU A 61 -0.10 4.92 -1.03
CA GLU A 61 -0.84 5.94 -1.74
C GLU A 61 -0.23 6.18 -3.11
N PHE A 62 -1.10 6.28 -4.12
CA PHE A 62 -0.75 6.43 -5.52
C PHE A 62 -1.01 7.80 -6.13
N ASP A 63 -0.40 8.08 -7.29
CA ASP A 63 -0.58 9.36 -7.97
C ASP A 63 -1.92 9.34 -8.71
N SER A 64 -2.53 8.17 -8.90
CA SER A 64 -3.80 8.06 -9.62
C SER A 64 -4.59 6.82 -9.19
N VAL A 65 -5.90 6.85 -9.46
CA VAL A 65 -6.79 5.75 -9.12
C VAL A 65 -6.44 4.53 -9.97
N GLN A 66 -6.03 4.75 -11.22
CA GLN A 66 -5.72 3.66 -12.13
C GLN A 66 -4.49 2.89 -11.66
N SER A 67 -3.56 3.57 -10.98
CA SER A 67 -2.38 2.91 -10.43
C SER A 67 -2.77 2.09 -9.21
N ALA A 68 -3.76 2.54 -8.43
CA ALA A 68 -4.20 1.82 -7.26
C ALA A 68 -5.07 0.62 -7.65
N GLN A 69 -5.82 0.71 -8.75
CA GLN A 69 -6.67 -0.39 -9.17
C GLN A 69 -5.84 -1.59 -9.63
N ARG A 70 -4.77 -1.36 -10.41
CA ARG A 70 -3.95 -2.46 -10.89
C ARG A 70 -3.05 -2.99 -9.78
N ALA A 71 -2.71 -2.16 -8.80
CA ALA A 71 -1.88 -2.61 -7.68
C ALA A 71 -2.70 -3.52 -6.76
N LYS A 72 -3.96 -3.15 -6.52
CA LYS A 72 -4.85 -3.92 -5.66
C LYS A 72 -5.33 -5.20 -6.36
N ALA A 73 -5.24 -5.23 -7.69
CA ALA A 73 -5.66 -6.39 -8.47
C ALA A 73 -4.49 -7.29 -8.86
N SER A 74 -3.24 -6.86 -8.64
CA SER A 74 -2.07 -7.64 -9.03
C SER A 74 -1.22 -8.07 -7.84
N LEU A 75 -1.16 -7.25 -6.79
CA LEU A 75 -0.35 -7.57 -5.61
C LEU A 75 -1.16 -8.32 -4.56
N ASN A 76 -2.48 -8.44 -4.75
CA ASN A 76 -3.33 -9.15 -3.81
C ASN A 76 -3.09 -10.65 -3.96
N GLY A 77 -2.92 -11.35 -2.83
CA GLY A 77 -2.64 -12.78 -2.82
C GLY A 77 -1.19 -13.09 -3.19
N ALA A 78 -0.41 -12.08 -3.57
CA ALA A 78 1.00 -12.23 -3.90
C ALA A 78 1.83 -12.30 -2.62
N ASP A 79 3.08 -12.72 -2.75
CA ASP A 79 4.02 -12.82 -1.62
C ASP A 79 5.31 -12.02 -1.80
N ILE A 80 5.78 -11.39 -0.71
CA ILE A 80 7.00 -10.60 -0.75
C ILE A 80 8.22 -11.52 -0.80
N TYR A 81 8.19 -12.58 -0.01
CA TYR A 81 9.24 -13.59 0.06
C TYR A 81 9.24 -14.69 -1.00
N SER A 82 8.14 -14.80 -1.75
CA SER A 82 7.93 -15.86 -2.72
C SER A 82 7.83 -17.22 -2.02
N GLY A 83 7.20 -17.22 -0.84
CA GLY A 83 6.97 -18.42 -0.05
C GLY A 83 6.33 -18.07 1.29
N CYS A 84 6.54 -16.83 1.75
CA CYS A 84 5.99 -16.27 2.97
C CYS A 84 5.70 -14.78 2.79
N CYS A 85 5.24 -14.10 3.85
CA CYS A 85 4.85 -12.70 3.76
C CYS A 85 3.76 -12.46 2.72
N THR A 86 2.81 -13.39 2.61
CA THR A 86 1.65 -13.24 1.73
C THR A 86 0.85 -11.97 1.98
N LEU A 87 0.22 -11.43 0.94
CA LEU A 87 -0.46 -10.15 1.02
C LEU A 87 -1.96 -10.25 0.78
N LYS A 88 -2.68 -9.27 1.34
CA LYS A 88 -4.08 -9.00 1.08
C LYS A 88 -4.24 -7.49 0.97
N ILE A 89 -5.03 -7.04 0.00
CA ILE A 89 -5.12 -5.61 -0.31
C ILE A 89 -6.56 -5.19 -0.56
N GLU A 90 -6.89 -3.98 -0.12
CA GLU A 90 -8.20 -3.37 -0.35
C GLU A 90 -8.10 -1.86 -0.18
N TYR A 91 -9.10 -1.13 -0.67
CA TYR A 91 -9.14 0.31 -0.50
C TYR A 91 -9.21 0.81 0.93
N ALA A 92 -8.41 1.83 1.25
CA ALA A 92 -8.36 2.41 2.58
C ALA A 92 -9.42 3.52 2.71
N LYS A 93 -9.86 3.84 3.93
CA LYS A 93 -10.86 4.87 4.13
C LYS A 93 -10.29 6.29 4.32
N PRO A 94 -9.11 6.50 4.91
CA PRO A 94 -8.51 7.83 5.01
C PRO A 94 -7.86 8.20 3.67
N THR A 95 -7.48 9.47 3.51
CA THR A 95 -6.93 9.96 2.25
C THR A 95 -5.72 10.90 2.31
N ARG A 96 -5.12 11.10 3.49
CA ARG A 96 -3.96 11.99 3.61
C ARG A 96 -3.10 11.64 4.82
N LEU A 97 -1.81 11.44 4.59
CA LEU A 97 -0.82 11.18 5.63
C LEU A 97 -0.18 12.48 6.11
N ASN A 98 0.35 12.46 7.33
CA ASN A 98 1.14 13.55 7.89
C ASN A 98 2.56 13.08 8.16
N VAL A 99 3.21 12.51 7.14
CA VAL A 99 4.55 11.92 7.26
C VAL A 99 5.59 12.88 7.83
N PHE A 100 6.53 12.35 8.61
CA PHE A 100 7.54 13.13 9.30
C PHE A 100 8.97 12.61 9.26
N LYS A 101 9.19 11.47 8.61
CA LYS A 101 10.48 10.79 8.60
C LYS A 101 10.60 9.82 7.44
N ASN A 102 11.85 9.48 7.08
CA ASN A 102 12.15 8.45 6.08
C ASN A 102 13.04 7.38 6.72
N ASP A 103 12.51 6.17 6.89
CA ASP A 103 13.25 5.02 7.42
C ASP A 103 12.53 3.75 6.96
N GLN A 104 12.87 2.60 7.57
CA GLN A 104 12.35 1.32 7.13
C GLN A 104 10.84 1.15 7.35
N ASP A 105 10.21 1.98 8.18
CA ASP A 105 8.77 1.89 8.48
C ASP A 105 7.92 3.07 8.01
N THR A 106 8.57 4.18 7.64
CA THR A 106 7.90 5.38 7.15
C THR A 106 8.63 6.04 5.99
N TRP A 107 7.90 6.52 4.99
CA TRP A 107 8.56 7.14 3.85
C TRP A 107 7.56 7.99 3.05
N ASP A 108 8.07 8.98 2.33
CA ASP A 108 7.29 9.78 1.40
C ASP A 108 8.07 10.11 0.13
N TYR A 109 7.54 9.66 -1.02
CA TYR A 109 8.21 9.71 -2.30
C TYR A 109 8.14 11.04 -3.07
N THR A 110 7.62 12.09 -2.45
CA THR A 110 7.45 13.39 -3.09
C THR A 110 7.75 14.59 -2.20
N ASN A 111 7.84 14.38 -0.88
CA ASN A 111 8.20 15.45 0.03
C ASN A 111 9.71 15.38 0.31
N PRO A 112 10.49 16.38 -0.13
CA PRO A 112 11.94 16.44 0.06
C PRO A 112 12.33 16.94 1.45
N ASN A 113 11.40 17.52 2.20
CA ASN A 113 11.70 18.15 3.49
C ASN A 113 11.98 17.14 4.59
N LEU A 114 11.64 15.86 4.38
CA LEU A 114 11.84 14.83 5.38
C LEU A 114 13.31 14.41 5.50
N SER A 115 14.20 15.05 4.72
CA SER A 115 15.63 14.75 4.76
C SER A 115 16.27 15.26 6.05
N GLY A 116 15.53 16.03 6.86
CA GLY A 116 16.03 16.55 8.12
C GLY A 116 15.01 17.42 8.85
N GLN A 117 13.86 17.68 8.23
CA GLN A 117 12.79 18.50 8.80
C GLN A 117 13.28 19.90 9.20
N GLY A 118 14.37 20.35 8.55
CA GLY A 118 14.95 21.66 8.83
C GLY A 118 16.23 21.87 8.02
N GLN A 1 -35.43 -12.61 -5.78
CA GLN A 1 -34.60 -13.61 -5.07
C GLN A 1 -33.29 -13.01 -4.60
N LYS A 2 -32.43 -12.59 -5.54
CA LYS A 2 -31.14 -11.99 -5.23
C LYS A 2 -30.73 -11.03 -6.34
N ILE A 3 -30.04 -9.95 -5.97
CA ILE A 3 -29.60 -8.91 -6.88
C ILE A 3 -28.18 -8.48 -6.51
N SER A 4 -27.39 -8.07 -7.50
CA SER A 4 -26.01 -7.63 -7.30
C SER A 4 -25.60 -6.70 -8.44
N ARG A 5 -24.59 -5.85 -8.19
CA ARG A 5 -24.09 -4.88 -9.15
C ARG A 5 -22.58 -4.72 -9.01
N PRO A 6 -21.87 -4.42 -10.11
CA PRO A 6 -20.43 -4.24 -10.11
C PRO A 6 -20.00 -2.99 -9.36
N GLY A 7 -20.95 -2.10 -9.05
CA GLY A 7 -20.67 -0.86 -8.33
C GLY A 7 -20.40 -1.12 -6.85
N ASP A 8 -20.67 -2.34 -6.37
CA ASP A 8 -20.44 -2.71 -4.98
C ASP A 8 -18.95 -2.99 -4.77
N SER A 9 -18.21 -3.27 -5.85
CA SER A 9 -16.78 -3.52 -5.77
C SER A 9 -16.04 -2.22 -5.44
N ASP A 10 -14.91 -2.32 -4.74
CA ASP A 10 -14.18 -1.12 -4.31
C ASP A 10 -13.67 -0.25 -5.45
N ASP A 11 -13.64 -0.78 -6.67
CA ASP A 11 -13.25 -0.05 -7.87
C ASP A 11 -14.26 1.00 -8.34
N SER A 12 -15.41 1.11 -7.66
CA SER A 12 -16.48 2.01 -8.05
C SER A 12 -17.16 2.71 -6.88
N ARG A 13 -16.68 2.49 -5.64
CA ARG A 13 -17.26 3.13 -4.47
C ARG A 13 -16.26 3.40 -3.35
N SER A 14 -14.97 3.18 -3.61
CA SER A 14 -13.92 3.42 -2.63
C SER A 14 -12.61 3.87 -3.27
N VAL A 15 -12.65 4.24 -4.55
CA VAL A 15 -11.47 4.66 -5.30
C VAL A 15 -11.02 6.01 -4.74
N ASN A 16 -9.97 5.99 -3.91
CA ASN A 16 -9.40 7.19 -3.32
C ASN A 16 -7.88 7.24 -3.49
N SER A 17 -7.32 6.35 -4.30
CA SER A 17 -5.89 6.23 -4.53
C SER A 17 -5.07 5.82 -3.30
N VAL A 18 -5.72 5.21 -2.30
CA VAL A 18 -5.04 4.72 -1.11
C VAL A 18 -5.47 3.30 -0.77
N LEU A 19 -4.51 2.42 -0.48
CA LEU A 19 -4.77 1.01 -0.21
C LEU A 19 -4.26 0.63 1.18
N LEU A 20 -4.86 -0.43 1.75
CA LEU A 20 -4.38 -1.06 2.97
C LEU A 20 -3.72 -2.38 2.59
N PHE A 21 -2.51 -2.59 3.12
CA PHE A 21 -1.73 -3.81 2.94
C PHE A 21 -1.64 -4.71 4.17
N THR A 22 -2.43 -5.79 4.19
CA THR A 22 -2.36 -6.78 5.25
C THR A 22 -1.38 -7.91 4.98
N ILE A 23 -0.58 -8.29 5.98
CA ILE A 23 0.36 -9.38 5.84
C ILE A 23 -0.16 -10.62 6.57
N LEU A 24 -0.15 -11.78 5.90
CA LEU A 24 -0.73 -12.99 6.46
C LEU A 24 0.31 -13.84 7.19
N ASN A 25 1.60 -13.69 6.85
CA ASN A 25 2.66 -14.46 7.47
C ASN A 25 3.87 -13.55 7.72
N PRO A 26 3.82 -12.75 8.80
CA PRO A 26 4.86 -11.79 9.16
C PRO A 26 6.06 -12.47 9.82
N ILE A 27 6.60 -13.53 9.19
CA ILE A 27 7.77 -14.22 9.71
C ILE A 27 9.03 -13.33 9.60
N TYR A 28 8.88 -12.17 8.93
CA TYR A 28 9.90 -11.16 8.79
C TYR A 28 9.37 -9.73 8.90
N SER A 29 10.20 -8.79 9.33
CA SER A 29 9.78 -7.41 9.44
C SER A 29 9.63 -6.77 8.06
N ILE A 30 8.48 -6.17 7.80
CA ILE A 30 8.21 -5.50 6.54
C ILE A 30 8.87 -4.12 6.53
N THR A 31 9.28 -3.67 5.34
CA THR A 31 9.88 -2.36 5.14
C THR A 31 9.33 -1.59 3.96
N THR A 32 9.44 -0.26 3.95
CA THR A 32 8.95 0.53 2.84
C THR A 32 9.70 0.30 1.53
N ASP A 33 10.89 -0.30 1.60
CA ASP A 33 11.68 -0.57 0.41
C ASP A 33 11.12 -1.75 -0.38
N VAL A 34 10.79 -2.86 0.30
CA VAL A 34 10.23 -4.02 -0.36
C VAL A 34 8.81 -3.78 -0.83
N LEU A 35 8.04 -2.97 -0.09
CA LEU A 35 6.69 -2.61 -0.50
C LEU A 35 6.75 -1.70 -1.72
N TYR A 36 7.75 -0.82 -1.79
CA TYR A 36 7.93 0.02 -2.96
C TYR A 36 8.44 -0.74 -4.18
N THR A 37 9.21 -1.80 -3.95
CA THR A 37 9.78 -2.61 -5.01
C THR A 37 8.63 -3.30 -5.74
N ILE A 38 7.55 -3.67 -5.03
CA ILE A 38 6.41 -4.32 -5.65
C ILE A 38 5.33 -3.31 -6.06
N CYS A 39 5.26 -2.14 -5.41
CA CYS A 39 4.23 -1.16 -5.73
C CYS A 39 4.64 -0.20 -6.85
N ASN A 40 5.95 0.02 -7.05
CA ASN A 40 6.45 0.94 -8.07
C ASN A 40 6.10 0.51 -9.50
N PRO A 41 6.24 -0.78 -9.88
CA PRO A 41 5.87 -1.22 -11.21
C PRO A 41 4.37 -1.15 -11.44
N CYS A 42 3.57 -1.03 -10.36
CA CYS A 42 2.13 -0.90 -10.48
C CYS A 42 1.73 0.56 -10.76
N GLY A 43 2.63 1.51 -10.53
CA GLY A 43 2.37 2.92 -10.79
C GLY A 43 3.20 3.81 -9.85
N PRO A 44 3.21 5.12 -10.10
CA PRO A 44 3.96 6.08 -9.31
C PRO A 44 3.48 6.11 -7.85
N VAL A 45 4.28 5.52 -6.95
CA VAL A 45 3.99 5.53 -5.53
C VAL A 45 4.33 6.92 -4.99
N GLN A 46 3.56 7.39 -4.00
CA GLN A 46 3.79 8.70 -3.41
C GLN A 46 4.13 8.59 -1.92
N ARG A 47 3.48 7.69 -1.19
CA ARG A 47 3.76 7.51 0.24
C ARG A 47 3.54 6.07 0.70
N ILE A 48 4.30 5.67 1.73
CA ILE A 48 4.20 4.35 2.35
C ILE A 48 4.53 4.46 3.83
N VAL A 49 3.76 3.76 4.67
CA VAL A 49 4.00 3.66 6.11
C VAL A 49 3.65 2.26 6.61
N ILE A 50 4.14 1.90 7.79
CA ILE A 50 3.99 0.56 8.35
C ILE A 50 3.59 0.63 9.83
N PHE A 51 2.73 -0.28 10.27
CA PHE A 51 2.32 -0.38 11.67
C PHE A 51 2.14 -1.79 12.21
N ARG A 52 2.26 -1.92 13.54
CA ARG A 52 2.24 -3.22 14.21
C ARG A 52 1.23 -3.21 15.36
N LYS A 53 0.33 -2.22 15.40
CA LYS A 53 -0.54 -1.98 16.56
C LYS A 53 -1.53 -3.09 16.86
N ASN A 54 -2.02 -3.82 15.84
CA ASN A 54 -2.98 -4.90 16.02
C ASN A 54 -2.55 -6.18 15.31
N GLY A 55 -1.34 -6.17 14.75
CA GLY A 55 -0.82 -7.26 13.94
C GLY A 55 0.35 -6.75 13.14
N VAL A 56 0.31 -6.91 11.81
CA VAL A 56 1.33 -6.37 10.92
C VAL A 56 0.69 -5.89 9.63
N GLN A 57 0.78 -4.58 9.37
CA GLN A 57 0.15 -3.97 8.22
C GLN A 57 1.02 -2.85 7.66
N ALA A 58 0.66 -2.40 6.45
CA ALA A 58 1.31 -1.29 5.79
C ALA A 58 0.27 -0.55 4.94
N MET A 59 0.61 0.66 4.49
CA MET A 59 -0.28 1.46 3.68
C MET A 59 0.47 2.03 2.49
N VAL A 60 -0.26 2.33 1.41
CA VAL A 60 0.33 2.86 0.18
C VAL A 60 -0.59 3.89 -0.46
N GLU A 61 0.01 4.94 -1.03
CA GLU A 61 -0.72 6.01 -1.69
C GLU A 61 -0.15 6.27 -3.08
N PHE A 62 -1.05 6.37 -4.07
CA PHE A 62 -0.72 6.53 -5.48
C PHE A 62 -1.00 7.90 -6.09
N ASP A 63 -0.35 8.19 -7.23
CA ASP A 63 -0.55 9.45 -7.93
C ASP A 63 -1.85 9.41 -8.74
N SER A 64 -2.44 8.22 -8.89
CA SER A 64 -3.64 8.05 -9.71
C SER A 64 -4.46 6.86 -9.26
N VAL A 65 -5.78 6.90 -9.52
CA VAL A 65 -6.70 5.83 -9.15
C VAL A 65 -6.40 4.59 -9.99
N GLN A 66 -6.04 4.76 -11.26
CA GLN A 66 -5.77 3.62 -12.13
C GLN A 66 -4.51 2.88 -11.68
N SER A 67 -3.58 3.59 -11.04
CA SER A 67 -2.39 2.96 -10.49
C SER A 67 -2.75 2.17 -9.22
N ALA A 68 -3.75 2.65 -8.48
CA ALA A 68 -4.20 2.00 -7.27
C ALA A 68 -5.06 0.78 -7.58
N GLN A 69 -5.80 0.80 -8.69
CA GLN A 69 -6.64 -0.32 -9.06
C GLN A 69 -5.80 -1.53 -9.50
N ARG A 70 -4.78 -1.31 -10.32
CA ARG A 70 -3.98 -2.41 -10.82
C ARG A 70 -3.03 -2.93 -9.74
N ALA A 71 -2.64 -2.08 -8.78
CA ALA A 71 -1.80 -2.52 -7.68
C ALA A 71 -2.59 -3.47 -6.77
N LYS A 72 -3.85 -3.13 -6.48
CA LYS A 72 -4.71 -3.93 -5.62
C LYS A 72 -5.20 -5.17 -6.35
N ALA A 73 -5.20 -5.15 -7.69
CA ALA A 73 -5.64 -6.28 -8.49
C ALA A 73 -4.48 -7.20 -8.90
N SER A 74 -3.22 -6.80 -8.66
CA SER A 74 -2.07 -7.60 -9.06
C SER A 74 -1.21 -8.04 -7.88
N LEU A 75 -1.10 -7.21 -6.84
CA LEU A 75 -0.28 -7.54 -5.68
C LEU A 75 -1.09 -8.30 -4.62
N ASN A 76 -2.40 -8.42 -4.80
CA ASN A 76 -3.23 -9.14 -3.84
C ASN A 76 -2.95 -10.64 -3.96
N GLY A 77 -2.82 -11.32 -2.81
CA GLY A 77 -2.53 -12.74 -2.76
C GLY A 77 -1.08 -13.05 -3.13
N ALA A 78 -0.31 -12.04 -3.56
CA ALA A 78 1.10 -12.19 -3.86
C ALA A 78 1.93 -12.23 -2.58
N ASP A 79 3.19 -12.64 -2.68
CA ASP A 79 4.09 -12.74 -1.54
C ASP A 79 5.37 -11.93 -1.67
N ILE A 80 5.79 -11.28 -0.57
CA ILE A 80 6.99 -10.45 -0.57
C ILE A 80 8.24 -11.33 -0.59
N TYR A 81 8.21 -12.41 0.20
CA TYR A 81 9.28 -13.38 0.31
C TYR A 81 9.34 -14.47 -0.77
N SER A 82 8.29 -14.57 -1.59
CA SER A 82 8.16 -15.62 -2.59
C SER A 82 8.01 -16.99 -1.94
N GLY A 83 7.33 -17.02 -0.78
CA GLY A 83 7.04 -18.23 -0.03
C GLY A 83 6.33 -17.92 1.29
N CYS A 84 6.53 -16.69 1.80
CA CYS A 84 5.91 -16.20 3.03
C CYS A 84 5.64 -14.69 2.88
N CYS A 85 5.11 -14.06 3.93
CA CYS A 85 4.70 -12.66 3.88
C CYS A 85 3.65 -12.39 2.79
N THR A 86 2.70 -13.33 2.64
CA THR A 86 1.58 -13.17 1.74
C THR A 86 0.77 -11.89 1.98
N LEU A 87 0.16 -11.35 0.93
CA LEU A 87 -0.53 -10.08 1.00
C LEU A 87 -2.05 -10.20 0.87
N LYS A 88 -2.72 -9.18 1.39
CA LYS A 88 -4.15 -8.91 1.26
C LYS A 88 -4.29 -7.42 1.05
N ILE A 89 -5.05 -7.01 0.04
CA ILE A 89 -5.11 -5.59 -0.34
C ILE A 89 -6.54 -5.17 -0.67
N GLU A 90 -6.91 -3.98 -0.22
CA GLU A 90 -8.20 -3.38 -0.53
C GLU A 90 -8.13 -1.87 -0.27
N TYR A 91 -9.09 -1.11 -0.81
CA TYR A 91 -9.14 0.33 -0.59
C TYR A 91 -9.27 0.77 0.86
N ALA A 92 -8.59 1.86 1.22
CA ALA A 92 -8.56 2.33 2.60
C ALA A 92 -9.59 3.42 2.85
N LYS A 93 -9.90 3.66 4.13
CA LYS A 93 -10.88 4.68 4.54
C LYS A 93 -10.30 6.10 4.49
N PRO A 94 -9.13 6.36 5.08
CA PRO A 94 -8.52 7.69 5.06
C PRO A 94 -7.90 7.98 3.69
N THR A 95 -7.51 9.25 3.47
CA THR A 95 -6.98 9.69 2.18
C THR A 95 -5.73 10.56 2.19
N ARG A 96 -5.13 10.82 3.37
CA ARG A 96 -3.94 11.65 3.44
C ARG A 96 -3.15 11.40 4.71
N LEU A 97 -1.84 11.12 4.55
CA LEU A 97 -0.91 10.94 5.65
C LEU A 97 -0.40 12.28 6.16
N ASN A 98 0.18 12.27 7.36
CA ASN A 98 0.88 13.40 7.94
C ASN A 98 2.33 12.99 8.26
N VAL A 99 3.01 12.43 7.26
CA VAL A 99 4.38 11.91 7.42
C VAL A 99 5.35 12.91 8.04
N PHE A 100 6.29 12.41 8.85
CA PHE A 100 7.26 13.24 9.55
C PHE A 100 8.73 12.86 9.42
N LYS A 101 9.04 11.71 8.80
CA LYS A 101 10.41 11.24 8.63
C LYS A 101 10.48 10.18 7.53
N ASN A 102 11.70 9.80 7.15
CA ASN A 102 11.95 8.73 6.21
C ASN A 102 12.89 7.70 6.84
N ASP A 103 12.44 6.44 6.89
CA ASP A 103 13.22 5.32 7.43
C ASP A 103 12.62 4.01 6.91
N GLN A 104 13.00 2.88 7.50
CA GLN A 104 12.59 1.57 7.02
C GLN A 104 11.09 1.30 7.22
N ASP A 105 10.39 2.09 8.04
CA ASP A 105 8.97 1.91 8.29
C ASP A 105 8.06 3.04 7.79
N THR A 106 8.64 4.18 7.43
CA THR A 106 7.92 5.34 6.93
C THR A 106 8.65 6.04 5.79
N TRP A 107 7.94 6.49 4.77
CA TRP A 107 8.61 7.16 3.66
C TRP A 107 7.62 8.00 2.86
N ASP A 108 8.15 9.00 2.16
CA ASP A 108 7.40 9.82 1.23
C ASP A 108 8.21 10.02 -0.04
N TYR A 109 7.70 9.50 -1.16
CA TYR A 109 8.39 9.47 -2.44
C TYR A 109 8.38 10.75 -3.26
N THR A 110 7.86 11.85 -2.69
CA THR A 110 7.77 13.13 -3.36
C THR A 110 8.16 14.33 -2.49
N ASN A 111 8.08 14.19 -1.17
CA ASN A 111 8.54 15.22 -0.26
C ASN A 111 9.98 14.91 0.16
N PRO A 112 10.96 15.74 -0.23
CA PRO A 112 12.36 15.54 0.10
C PRO A 112 12.71 16.03 1.50
N ASN A 113 11.84 16.84 2.12
CA ASN A 113 12.13 17.49 3.39
C ASN A 113 12.08 16.52 4.57
N LEU A 114 11.46 15.35 4.40
CA LEU A 114 11.32 14.38 5.47
C LEU A 114 12.57 13.50 5.62
N SER A 115 13.52 13.60 4.67
CA SER A 115 14.75 12.83 4.75
C SER A 115 15.66 13.32 5.87
N GLY A 116 15.36 14.47 6.46
CA GLY A 116 16.11 15.00 7.59
C GLY A 116 15.65 14.37 8.91
N GLN A 117 14.59 13.55 8.86
CA GLN A 117 14.02 12.90 10.03
C GLN A 117 13.64 13.88 11.14
N GLY A 118 13.37 15.15 10.77
CA GLY A 118 12.99 16.19 11.71
C GLY A 118 14.19 16.69 12.51
N GLN A 1 -28.02 -14.76 -5.64
CA GLN A 1 -27.53 -13.58 -6.37
C GLN A 1 -28.59 -12.47 -6.39
N LYS A 2 -28.18 -11.24 -6.74
CA LYS A 2 -29.08 -10.10 -6.81
C LYS A 2 -28.55 -9.09 -7.82
N ILE A 3 -29.46 -8.40 -8.52
CA ILE A 3 -29.09 -7.41 -9.53
C ILE A 3 -28.51 -6.16 -8.87
N SER A 4 -27.53 -5.53 -9.53
CA SER A 4 -26.89 -4.32 -9.04
C SER A 4 -26.25 -3.56 -10.20
N ARG A 5 -25.96 -2.28 -9.98
CA ARG A 5 -25.35 -1.41 -11.00
C ARG A 5 -23.87 -1.77 -11.13
N PRO A 6 -23.28 -1.56 -12.32
CA PRO A 6 -21.86 -1.82 -12.54
C PRO A 6 -21.00 -0.80 -11.80
N GLY A 7 -21.58 0.35 -11.43
CA GLY A 7 -20.87 1.40 -10.70
C GLY A 7 -20.95 1.21 -9.19
N ASP A 8 -21.74 0.23 -8.72
CA ASP A 8 -21.89 -0.06 -7.30
C ASP A 8 -20.74 -0.86 -6.69
N SER A 9 -19.78 -1.30 -7.52
CA SER A 9 -18.61 -2.03 -7.07
C SER A 9 -17.65 -1.08 -6.35
N ASP A 10 -16.82 -1.62 -5.46
CA ASP A 10 -15.87 -0.81 -4.69
C ASP A 10 -14.91 -0.05 -5.61
N ASP A 11 -14.74 -0.55 -6.84
CA ASP A 11 -13.86 0.04 -7.84
C ASP A 11 -14.43 1.25 -8.56
N SER A 12 -15.63 1.70 -8.19
CA SER A 12 -16.28 2.82 -8.88
C SER A 12 -17.03 3.77 -7.94
N ARG A 13 -17.03 3.50 -6.63
CA ARG A 13 -17.69 4.40 -5.67
C ARG A 13 -17.01 4.42 -4.30
N SER A 14 -15.81 3.83 -4.21
CA SER A 14 -15.05 3.80 -2.96
C SER A 14 -13.55 3.96 -3.19
N VAL A 15 -13.15 4.27 -4.43
CA VAL A 15 -11.74 4.47 -4.78
C VAL A 15 -11.24 5.85 -4.37
N ASN A 16 -10.12 5.88 -3.66
CA ASN A 16 -9.48 7.11 -3.21
C ASN A 16 -7.99 7.19 -3.53
N SER A 17 -7.49 6.25 -4.35
CA SER A 17 -6.06 6.14 -4.67
C SER A 17 -5.21 5.80 -3.44
N VAL A 18 -5.81 5.20 -2.42
CA VAL A 18 -5.11 4.76 -1.21
C VAL A 18 -5.53 3.33 -0.87
N LEU A 19 -4.59 2.51 -0.38
CA LEU A 19 -4.83 1.09 -0.15
C LEU A 19 -4.27 0.64 1.19
N LEU A 20 -4.92 -0.37 1.78
CA LEU A 20 -4.44 -1.03 2.99
C LEU A 20 -3.75 -2.34 2.58
N PHE A 21 -2.58 -2.60 3.19
CA PHE A 21 -1.79 -3.79 2.98
C PHE A 21 -1.65 -4.69 4.21
N THR A 22 -2.41 -5.79 4.26
CA THR A 22 -2.28 -6.77 5.33
C THR A 22 -1.23 -7.83 5.06
N ILE A 23 -0.39 -8.13 6.06
CA ILE A 23 0.63 -9.16 5.93
C ILE A 23 0.17 -10.41 6.69
N LEU A 24 0.08 -11.53 5.98
CA LEU A 24 -0.51 -12.76 6.52
C LEU A 24 0.54 -13.66 7.18
N ASN A 25 1.82 -13.46 6.88
CA ASN A 25 2.91 -14.24 7.46
C ASN A 25 4.12 -13.34 7.69
N PRO A 26 4.09 -12.54 8.76
CA PRO A 26 5.13 -11.58 9.13
C PRO A 26 6.34 -12.26 9.77
N ILE A 27 6.82 -13.37 9.19
CA ILE A 27 7.98 -14.09 9.72
C ILE A 27 9.27 -13.30 9.49
N TYR A 28 9.18 -12.15 8.80
CA TYR A 28 10.29 -11.25 8.54
C TYR A 28 9.96 -9.77 8.74
N SER A 29 10.98 -8.93 8.97
CA SER A 29 10.77 -7.51 9.15
C SER A 29 10.40 -6.85 7.82
N ILE A 30 9.17 -6.36 7.72
CA ILE A 30 8.69 -5.67 6.53
C ILE A 30 9.22 -4.24 6.53
N THR A 31 9.59 -3.74 5.34
CA THR A 31 10.09 -2.38 5.16
C THR A 31 9.46 -1.65 3.99
N THR A 32 9.55 -0.31 3.97
CA THR A 32 9.04 0.45 2.85
C THR A 32 9.78 0.24 1.54
N ASP A 33 10.97 -0.36 1.59
CA ASP A 33 11.77 -0.62 0.40
C ASP A 33 11.20 -1.80 -0.39
N VAL A 34 10.84 -2.88 0.32
CA VAL A 34 10.26 -4.05 -0.33
C VAL A 34 8.83 -3.78 -0.80
N LEU A 35 8.08 -2.97 -0.05
CA LEU A 35 6.74 -2.59 -0.43
C LEU A 35 6.80 -1.66 -1.63
N TYR A 36 7.83 -0.80 -1.70
CA TYR A 36 8.04 0.03 -2.87
C TYR A 36 8.50 -0.72 -4.10
N THR A 37 9.24 -1.82 -3.88
CA THR A 37 9.76 -2.64 -4.96
C THR A 37 8.59 -3.32 -5.67
N ILE A 38 7.52 -3.64 -4.95
CA ILE A 38 6.35 -4.26 -5.57
C ILE A 38 5.29 -3.24 -5.97
N CYS A 39 5.23 -2.08 -5.31
CA CYS A 39 4.21 -1.08 -5.63
C CYS A 39 4.62 -0.14 -6.77
N ASN A 40 5.93 0.09 -6.94
CA ASN A 40 6.42 1.01 -7.97
C ASN A 40 6.20 0.48 -9.40
N PRO A 41 6.40 -0.81 -9.70
CA PRO A 41 6.12 -1.33 -11.04
C PRO A 41 4.62 -1.34 -11.34
N CYS A 42 3.77 -1.18 -10.31
CA CYS A 42 2.34 -1.10 -10.49
C CYS A 42 1.89 0.34 -10.76
N GLY A 43 2.80 1.31 -10.61
CA GLY A 43 2.49 2.71 -10.88
C GLY A 43 3.33 3.64 -10.01
N PRO A 44 3.28 4.95 -10.29
CA PRO A 44 4.00 5.99 -9.56
C PRO A 44 3.48 6.10 -8.13
N VAL A 45 4.01 5.27 -7.23
CA VAL A 45 3.70 5.30 -5.82
C VAL A 45 4.27 6.57 -5.19
N GLN A 46 3.60 7.11 -4.16
CA GLN A 46 4.00 8.38 -3.57
C GLN A 46 4.32 8.27 -2.09
N ARG A 47 3.60 7.43 -1.34
CA ARG A 47 3.83 7.28 0.10
C ARG A 47 3.58 5.86 0.58
N ILE A 48 4.33 5.45 1.62
CA ILE A 48 4.22 4.14 2.23
C ILE A 48 4.54 4.24 3.72
N VAL A 49 3.73 3.59 4.55
CA VAL A 49 3.94 3.52 6.01
C VAL A 49 3.58 2.15 6.56
N ILE A 50 4.09 1.83 7.76
CA ILE A 50 3.92 0.52 8.37
C ILE A 50 3.53 0.67 9.84
N PHE A 51 2.68 -0.23 10.33
CA PHE A 51 2.28 -0.28 11.73
C PHE A 51 2.08 -1.67 12.32
N ARG A 52 2.20 -1.79 13.65
CA ARG A 52 2.17 -3.07 14.35
C ARG A 52 1.14 -3.04 15.48
N LYS A 53 0.25 -2.04 15.51
CA LYS A 53 -0.62 -1.76 16.64
C LYS A 53 -1.64 -2.89 16.92
N ASN A 54 -2.10 -3.62 15.90
CA ASN A 54 -3.07 -4.69 16.07
C ASN A 54 -2.63 -5.98 15.38
N GLY A 55 -1.39 -6.01 14.88
CA GLY A 55 -0.88 -7.11 14.09
C GLY A 55 0.32 -6.62 13.29
N VAL A 56 0.28 -6.79 11.97
CA VAL A 56 1.32 -6.29 11.09
C VAL A 56 0.68 -5.82 9.78
N GLN A 57 0.74 -4.52 9.51
CA GLN A 57 0.10 -3.94 8.33
C GLN A 57 0.96 -2.82 7.75
N ALA A 58 0.60 -2.39 6.54
CA ALA A 58 1.22 -1.29 5.85
C ALA A 58 0.17 -0.56 5.02
N MET A 59 0.51 0.64 4.54
CA MET A 59 -0.38 1.42 3.70
C MET A 59 0.37 1.96 2.50
N VAL A 60 -0.36 2.27 1.42
CA VAL A 60 0.23 2.77 0.19
C VAL A 60 -0.66 3.85 -0.43
N GLU A 61 -0.04 4.82 -1.08
CA GLU A 61 -0.76 5.90 -1.76
C GLU A 61 -0.16 6.16 -3.13
N PHE A 62 -1.03 6.31 -4.13
CA PHE A 62 -0.65 6.50 -5.52
C PHE A 62 -0.88 7.90 -6.08
N ASP A 63 -0.24 8.20 -7.22
CA ASP A 63 -0.40 9.49 -7.89
C ASP A 63 -1.73 9.49 -8.64
N SER A 64 -2.35 8.32 -8.83
CA SER A 64 -3.62 8.21 -9.55
C SER A 64 -4.41 6.99 -9.13
N VAL A 65 -5.74 7.07 -9.28
CA VAL A 65 -6.65 5.99 -8.94
C VAL A 65 -6.39 4.80 -9.85
N GLN A 66 -5.99 5.04 -11.10
CA GLN A 66 -5.76 3.97 -12.06
C GLN A 66 -4.59 3.09 -11.61
N SER A 67 -3.59 3.70 -10.97
CA SER A 67 -2.46 2.94 -10.46
C SER A 67 -2.86 2.12 -9.24
N ALA A 68 -3.79 2.65 -8.44
CA ALA A 68 -4.25 1.94 -7.25
C ALA A 68 -5.14 0.75 -7.64
N GLN A 69 -5.90 0.85 -8.74
CA GLN A 69 -6.76 -0.24 -9.16
C GLN A 69 -5.95 -1.44 -9.65
N ARG A 70 -4.90 -1.22 -10.43
CA ARG A 70 -4.09 -2.33 -10.93
C ARG A 70 -3.14 -2.85 -9.86
N ALA A 71 -2.76 -2.00 -8.89
CA ALA A 71 -1.90 -2.45 -7.81
C ALA A 71 -2.68 -3.34 -6.85
N LYS A 72 -3.93 -2.99 -6.56
CA LYS A 72 -4.79 -3.77 -5.68
C LYS A 72 -5.24 -5.06 -6.37
N ALA A 73 -5.27 -5.06 -7.70
CA ALA A 73 -5.70 -6.23 -8.47
C ALA A 73 -4.53 -7.13 -8.87
N SER A 74 -3.28 -6.70 -8.67
CA SER A 74 -2.12 -7.49 -9.05
C SER A 74 -1.29 -7.95 -7.85
N LEU A 75 -1.20 -7.12 -6.79
CA LEU A 75 -0.41 -7.46 -5.62
C LEU A 75 -1.22 -8.22 -4.57
N ASN A 76 -2.54 -8.32 -4.75
CA ASN A 76 -3.36 -9.06 -3.80
C ASN A 76 -3.08 -10.55 -3.95
N GLY A 77 -2.92 -11.25 -2.82
CA GLY A 77 -2.63 -12.67 -2.80
C GLY A 77 -1.18 -12.96 -3.20
N ALA A 78 -0.40 -11.93 -3.56
CA ALA A 78 0.99 -12.09 -3.89
C ALA A 78 1.84 -12.16 -2.62
N ASP A 79 3.09 -12.58 -2.77
CA ASP A 79 4.03 -12.70 -1.65
C ASP A 79 5.32 -11.91 -1.82
N ILE A 80 5.80 -11.28 -0.74
CA ILE A 80 7.02 -10.49 -0.77
C ILE A 80 8.24 -11.42 -0.82
N TYR A 81 8.19 -12.49 -0.04
CA TYR A 81 9.23 -13.51 0.04
C TYR A 81 9.22 -14.61 -1.03
N SER A 82 8.13 -14.70 -1.80
CA SER A 82 7.93 -15.77 -2.77
C SER A 82 7.78 -17.12 -2.07
N GLY A 83 7.17 -17.11 -0.89
CA GLY A 83 6.90 -18.30 -0.09
C GLY A 83 6.25 -17.94 1.24
N CYS A 84 6.46 -16.70 1.70
CA CYS A 84 5.90 -16.16 2.93
C CYS A 84 5.64 -14.67 2.77
N CYS A 85 5.19 -14.00 3.83
CA CYS A 85 4.83 -12.59 3.78
C CYS A 85 3.73 -12.30 2.75
N THR A 86 2.77 -13.23 2.62
CA THR A 86 1.62 -13.07 1.75
C THR A 86 0.81 -11.80 2.00
N LEU A 87 0.20 -11.25 0.95
CA LEU A 87 -0.49 -9.98 1.03
C LEU A 87 -1.98 -10.09 0.79
N LYS A 88 -2.72 -9.13 1.36
CA LYS A 88 -4.12 -8.89 1.09
C LYS A 88 -4.31 -7.38 0.99
N ILE A 89 -5.10 -6.93 0.00
CA ILE A 89 -5.18 -5.52 -0.31
C ILE A 89 -6.61 -5.10 -0.62
N GLU A 90 -6.99 -3.90 -0.17
CA GLU A 90 -8.30 -3.33 -0.46
C GLU A 90 -8.27 -1.83 -0.20
N TYR A 91 -9.27 -1.11 -0.73
CA TYR A 91 -9.38 0.33 -0.52
C TYR A 91 -9.49 0.77 0.94
N ALA A 92 -8.81 1.87 1.29
CA ALA A 92 -8.75 2.34 2.66
C ALA A 92 -9.79 3.42 2.95
N LYS A 93 -10.03 3.69 4.24
CA LYS A 93 -10.98 4.71 4.67
C LYS A 93 -10.41 6.13 4.58
N PRO A 94 -9.21 6.41 5.10
CA PRO A 94 -8.60 7.73 5.02
C PRO A 94 -8.06 7.99 3.62
N THR A 95 -7.59 9.21 3.37
CA THR A 95 -7.15 9.63 2.04
C THR A 95 -5.87 10.46 1.96
N ARG A 96 -5.25 10.79 3.10
CA ARG A 96 -4.04 11.61 3.10
C ARG A 96 -3.21 11.39 4.36
N LEU A 97 -1.91 11.15 4.19
CA LEU A 97 -0.97 10.96 5.28
C LEU A 97 -0.42 12.29 5.77
N ASN A 98 0.07 12.31 7.01
CA ASN A 98 0.75 13.45 7.60
C ASN A 98 2.17 13.05 8.00
N VAL A 99 2.89 12.37 7.08
CA VAL A 99 4.22 11.86 7.34
C VAL A 99 5.18 12.89 7.92
N PHE A 100 6.06 12.47 8.84
CA PHE A 100 7.01 13.33 9.51
C PHE A 100 8.46 12.84 9.57
N LYS A 101 8.71 11.66 8.98
CA LYS A 101 9.99 10.97 9.10
C LYS A 101 10.19 10.02 7.93
N ASN A 102 11.46 9.74 7.58
CA ASN A 102 11.81 8.72 6.60
C ASN A 102 12.74 7.69 7.23
N ASP A 103 12.30 6.43 7.27
CA ASP A 103 13.07 5.32 7.81
C ASP A 103 12.54 4.01 7.19
N GLN A 104 12.94 2.86 7.75
CA GLN A 104 12.58 1.56 7.20
C GLN A 104 11.09 1.24 7.35
N ASP A 105 10.34 1.99 8.17
CA ASP A 105 8.92 1.73 8.35
C ASP A 105 7.98 2.78 7.76
N THR A 106 8.47 4.00 7.54
CA THR A 106 7.70 5.06 6.93
C THR A 106 8.52 5.91 5.96
N TRP A 107 7.91 6.34 4.84
CA TRP A 107 8.66 7.06 3.83
C TRP A 107 7.71 7.86 2.95
N ASP A 108 8.23 8.93 2.33
CA ASP A 108 7.51 9.69 1.33
C ASP A 108 8.37 9.88 0.09
N TYR A 109 7.90 9.33 -1.04
CA TYR A 109 8.64 9.27 -2.28
C TYR A 109 8.66 10.53 -3.15
N THR A 110 8.15 11.64 -2.62
CA THR A 110 8.11 12.90 -3.35
C THR A 110 8.43 14.12 -2.49
N ASN A 111 8.27 14.03 -1.16
CA ASN A 111 8.68 15.10 -0.26
C ASN A 111 10.08 14.80 0.27
N PRO A 112 11.09 15.60 -0.09
CA PRO A 112 12.47 15.41 0.35
C PRO A 112 12.72 15.97 1.75
N ASN A 113 11.80 16.79 2.25
CA ASN A 113 11.98 17.49 3.52
C ASN A 113 11.84 16.56 4.73
N LEU A 114 11.33 15.35 4.55
CA LEU A 114 11.15 14.41 5.65
C LEU A 114 12.40 13.56 5.87
N SER A 115 13.38 13.62 4.96
CA SER A 115 14.63 12.89 5.11
C SER A 115 15.44 13.50 6.25
N GLY A 116 15.89 12.67 7.18
CA GLY A 116 16.62 13.12 8.36
C GLY A 116 15.74 13.93 9.31
N GLN A 117 14.46 14.11 8.96
CA GLN A 117 13.50 14.90 9.72
C GLN A 117 13.98 16.34 9.95
N GLY A 118 14.94 16.80 9.14
CA GLY A 118 15.51 18.14 9.26
C GLY A 118 16.60 18.36 8.22
N GLN A 1 -6.04 -7.13 -17.67
CA GLN A 1 -6.99 -6.39 -16.81
C GLN A 1 -7.40 -5.08 -17.48
N LYS A 2 -8.50 -4.48 -16.98
CA LYS A 2 -9.03 -3.23 -17.52
C LYS A 2 -9.80 -2.49 -16.45
N ILE A 3 -9.94 -1.17 -16.60
CA ILE A 3 -10.66 -0.34 -15.64
C ILE A 3 -12.14 -0.74 -15.59
N SER A 4 -12.74 -0.63 -14.41
CA SER A 4 -14.13 -1.00 -14.18
C SER A 4 -15.12 -0.09 -14.92
N ARG A 5 -16.38 -0.53 -15.03
CA ARG A 5 -17.43 0.22 -15.72
C ARG A 5 -18.75 0.22 -14.96
N PRO A 6 -19.17 -0.89 -14.32
CA PRO A 6 -20.39 -0.91 -13.51
C PRO A 6 -20.31 0.09 -12.35
N GLY A 7 -21.43 0.72 -12.02
CA GLY A 7 -21.48 1.73 -10.97
C GLY A 7 -21.62 1.13 -9.57
N ASP A 8 -21.87 -0.18 -9.49
CA ASP A 8 -22.05 -0.85 -8.20
C ASP A 8 -20.75 -1.58 -7.81
N SER A 9 -19.73 -1.55 -8.67
CA SER A 9 -18.43 -2.15 -8.35
C SER A 9 -17.59 -1.16 -7.55
N ASP A 10 -16.83 -1.65 -6.57
CA ASP A 10 -16.00 -0.80 -5.74
C ASP A 10 -14.96 0.02 -6.52
N ASP A 11 -14.58 -0.48 -7.70
CA ASP A 11 -13.65 0.20 -8.59
C ASP A 11 -14.23 1.42 -9.32
N SER A 12 -15.43 1.85 -8.92
CA SER A 12 -16.09 2.99 -9.53
C SER A 12 -16.88 3.82 -8.51
N ARG A 13 -16.88 3.41 -7.23
CA ARG A 13 -17.62 4.12 -6.20
C ARG A 13 -16.95 4.04 -4.81
N SER A 14 -15.78 3.40 -4.72
CA SER A 14 -15.03 3.27 -3.48
C SER A 14 -13.54 3.51 -3.69
N VAL A 15 -13.15 3.96 -4.88
CA VAL A 15 -11.75 4.24 -5.20
C VAL A 15 -11.24 5.40 -4.35
N ASN A 16 -10.08 5.24 -3.74
CA ASN A 16 -9.50 6.24 -2.86
C ASN A 16 -8.03 6.56 -3.17
N SER A 17 -7.47 5.98 -4.24
CA SER A 17 -6.05 6.13 -4.57
C SER A 17 -5.11 5.70 -3.44
N VAL A 18 -5.65 5.00 -2.42
CA VAL A 18 -4.91 4.55 -1.26
C VAL A 18 -5.39 3.16 -0.87
N LEU A 19 -4.46 2.26 -0.54
CA LEU A 19 -4.80 0.87 -0.24
C LEU A 19 -4.25 0.47 1.14
N LEU A 20 -4.93 -0.49 1.78
CA LEU A 20 -4.42 -1.13 2.97
C LEU A 20 -3.73 -2.44 2.57
N PHE A 21 -2.55 -2.69 3.17
CA PHE A 21 -1.75 -3.88 2.96
C PHE A 21 -1.63 -4.77 4.19
N THR A 22 -2.38 -5.88 4.22
CA THR A 22 -2.26 -6.85 5.29
C THR A 22 -1.20 -7.92 5.04
N ILE A 23 -0.36 -8.21 6.03
CA ILE A 23 0.66 -9.24 5.91
C ILE A 23 0.20 -10.47 6.69
N LEU A 24 0.09 -11.61 6.00
CA LEU A 24 -0.50 -12.82 6.57
C LEU A 24 0.56 -13.69 7.26
N ASN A 25 1.84 -13.49 6.95
CA ASN A 25 2.92 -14.25 7.55
C ASN A 25 4.14 -13.34 7.74
N PRO A 26 4.13 -12.51 8.79
CA PRO A 26 5.18 -11.54 9.10
C PRO A 26 6.40 -12.20 9.74
N ILE A 27 6.87 -13.32 9.18
CA ILE A 27 8.04 -14.03 9.71
C ILE A 27 9.32 -13.22 9.44
N TYR A 28 9.22 -12.10 8.72
CA TYR A 28 10.33 -11.21 8.44
C TYR A 28 10.00 -9.73 8.59
N SER A 29 11.03 -8.89 8.79
CA SER A 29 10.84 -7.45 8.95
C SER A 29 10.44 -6.82 7.62
N ILE A 30 9.20 -6.34 7.53
CA ILE A 30 8.71 -5.64 6.36
C ILE A 30 9.22 -4.20 6.37
N THR A 31 9.59 -3.68 5.19
CA THR A 31 10.06 -2.31 5.04
C THR A 31 9.44 -1.56 3.86
N THR A 32 9.46 -0.23 3.89
CA THR A 32 8.92 0.56 2.79
C THR A 32 9.67 0.44 1.47
N ASP A 33 10.92 -0.02 1.51
CA ASP A 33 11.74 -0.20 0.32
C ASP A 33 11.28 -1.48 -0.38
N VAL A 34 10.88 -2.48 0.40
CA VAL A 34 10.41 -3.75 -0.14
C VAL A 34 9.00 -3.57 -0.69
N LEU A 35 8.16 -2.82 0.03
CA LEU A 35 6.81 -2.55 -0.42
C LEU A 35 6.84 -1.63 -1.64
N TYR A 36 7.83 -0.74 -1.72
CA TYR A 36 8.01 0.09 -2.89
C TYR A 36 8.51 -0.68 -4.11
N THR A 37 9.27 -1.75 -3.88
CA THR A 37 9.82 -2.56 -4.95
C THR A 37 8.67 -3.29 -5.65
N ILE A 38 7.62 -3.66 -4.90
CA ILE A 38 6.47 -4.32 -5.51
C ILE A 38 5.38 -3.33 -5.93
N CYS A 39 5.33 -2.13 -5.33
CA CYS A 39 4.31 -1.15 -5.67
C CYS A 39 4.71 -0.20 -6.80
N ASN A 40 6.02 0.03 -6.99
CA ASN A 40 6.52 0.92 -8.02
C ASN A 40 6.17 0.45 -9.44
N PRO A 41 6.30 -0.84 -9.78
CA PRO A 41 5.94 -1.32 -11.11
C PRO A 41 4.43 -1.28 -11.33
N CYS A 42 3.64 -1.05 -10.27
CA CYS A 42 2.20 -0.94 -10.36
C CYS A 42 1.75 0.51 -10.56
N GLY A 43 2.69 1.47 -10.49
CA GLY A 43 2.40 2.87 -10.71
C GLY A 43 3.26 3.77 -9.82
N PRO A 44 3.26 5.09 -10.08
CA PRO A 44 4.01 6.07 -9.32
C PRO A 44 3.55 6.12 -7.87
N VAL A 45 4.35 5.55 -6.96
CA VAL A 45 4.08 5.58 -5.54
C VAL A 45 4.42 6.96 -5.01
N GLN A 46 3.63 7.46 -4.06
CA GLN A 46 3.87 8.77 -3.47
C GLN A 46 4.23 8.65 -1.99
N ARG A 47 3.56 7.75 -1.25
CA ARG A 47 3.82 7.54 0.17
C ARG A 47 3.58 6.10 0.59
N ILE A 48 4.32 5.65 1.62
CA ILE A 48 4.18 4.33 2.21
C ILE A 48 4.47 4.40 3.70
N VAL A 49 3.63 3.73 4.51
CA VAL A 49 3.81 3.64 5.96
C VAL A 49 3.49 2.25 6.49
N ILE A 50 4.00 1.92 7.68
CA ILE A 50 3.85 0.61 8.27
C ILE A 50 3.47 0.75 9.75
N PHE A 51 2.60 -0.14 10.23
CA PHE A 51 2.19 -0.18 11.63
C PHE A 51 1.98 -1.57 12.22
N ARG A 52 2.05 -1.68 13.55
CA ARG A 52 2.02 -2.94 14.26
C ARG A 52 0.96 -2.91 15.36
N LYS A 53 0.03 -1.95 15.31
CA LYS A 53 -0.89 -1.68 16.42
C LYS A 53 -1.87 -2.82 16.72
N ASN A 54 -2.26 -3.61 15.71
CA ASN A 54 -3.19 -4.73 15.91
C ASN A 54 -2.66 -6.02 15.28
N GLY A 55 -1.43 -5.99 14.77
CA GLY A 55 -0.86 -7.10 14.04
C GLY A 55 0.32 -6.57 13.23
N VAL A 56 0.28 -6.75 11.90
CA VAL A 56 1.30 -6.23 11.00
C VAL A 56 0.64 -5.78 9.71
N GLN A 57 0.70 -4.48 9.42
CA GLN A 57 0.05 -3.90 8.26
C GLN A 57 0.91 -2.79 7.67
N ALA A 58 0.55 -2.36 6.46
CA ALA A 58 1.19 -1.26 5.77
C ALA A 58 0.16 -0.55 4.91
N MET A 59 0.50 0.63 4.41
CA MET A 59 -0.40 1.41 3.57
C MET A 59 0.40 2.01 2.41
N VAL A 60 -0.27 2.27 1.29
CA VAL A 60 0.36 2.83 0.10
C VAL A 60 -0.55 3.88 -0.54
N GLU A 61 0.05 4.96 -1.03
CA GLU A 61 -0.68 6.04 -1.68
C GLU A 61 -0.12 6.29 -3.07
N PHE A 62 -1.02 6.34 -4.07
CA PHE A 62 -0.69 6.48 -5.47
C PHE A 62 -0.96 7.85 -6.10
N ASP A 63 -0.37 8.10 -7.26
CA ASP A 63 -0.55 9.36 -7.99
C ASP A 63 -1.91 9.39 -8.68
N SER A 64 -2.57 8.23 -8.82
CA SER A 64 -3.85 8.13 -9.51
C SER A 64 -4.65 6.93 -9.05
N VAL A 65 -5.96 6.97 -9.30
CA VAL A 65 -6.87 5.87 -8.96
C VAL A 65 -6.49 4.66 -9.81
N GLN A 66 -6.06 4.89 -11.06
CA GLN A 66 -5.75 3.81 -11.98
C GLN A 66 -4.54 3.01 -11.51
N SER A 67 -3.57 3.68 -10.89
CA SER A 67 -2.41 3.00 -10.34
C SER A 67 -2.79 2.20 -9.10
N ALA A 68 -3.80 2.68 -8.37
CA ALA A 68 -4.28 1.99 -7.17
C ALA A 68 -5.12 0.76 -7.54
N GLN A 69 -5.80 0.79 -8.68
CA GLN A 69 -6.62 -0.34 -9.11
C GLN A 69 -5.76 -1.54 -9.51
N ARG A 70 -4.74 -1.33 -10.35
CA ARG A 70 -3.91 -2.44 -10.80
C ARG A 70 -3.01 -2.96 -9.69
N ALA A 71 -2.64 -2.10 -8.73
CA ALA A 71 -1.83 -2.52 -7.60
C ALA A 71 -2.66 -3.43 -6.69
N LYS A 72 -3.93 -3.09 -6.47
CA LYS A 72 -4.83 -3.87 -5.64
C LYS A 72 -5.31 -5.12 -6.38
N ALA A 73 -5.20 -5.12 -7.72
CA ALA A 73 -5.63 -6.25 -8.53
C ALA A 73 -4.48 -7.12 -9.01
N SER A 74 -3.23 -6.79 -8.65
CA SER A 74 -2.07 -7.58 -9.07
C SER A 74 -1.20 -8.01 -7.89
N LEU A 75 -1.15 -7.19 -6.82
CA LEU A 75 -0.34 -7.50 -5.66
C LEU A 75 -1.15 -8.25 -4.59
N ASN A 76 -2.47 -8.36 -4.78
CA ASN A 76 -3.33 -9.06 -3.84
C ASN A 76 -3.11 -10.57 -3.98
N GLY A 77 -2.96 -11.27 -2.84
CA GLY A 77 -2.72 -12.70 -2.82
C GLY A 77 -1.28 -13.05 -3.19
N ALA A 78 -0.47 -12.05 -3.57
CA ALA A 78 0.93 -12.25 -3.89
C ALA A 78 1.76 -12.34 -2.62
N ASP A 79 3.01 -12.80 -2.75
CA ASP A 79 3.93 -12.91 -1.63
C ASP A 79 5.25 -12.16 -1.81
N ILE A 80 5.70 -11.46 -0.75
CA ILE A 80 6.92 -10.68 -0.80
C ILE A 80 8.13 -11.61 -0.85
N TYR A 81 8.09 -12.67 -0.04
CA TYR A 81 9.14 -13.68 0.05
C TYR A 81 9.11 -14.80 -0.98
N SER A 82 8.02 -14.92 -1.74
CA SER A 82 7.80 -16.00 -2.69
C SER A 82 7.67 -17.35 -1.97
N GLY A 83 7.03 -17.30 -0.80
CA GLY A 83 6.77 -18.48 0.02
C GLY A 83 6.15 -18.09 1.36
N CYS A 84 6.39 -16.85 1.79
CA CYS A 84 5.85 -16.28 3.02
C CYS A 84 5.59 -14.79 2.82
N CYS A 85 5.14 -14.10 3.86
CA CYS A 85 4.78 -12.69 3.78
C CYS A 85 3.69 -12.41 2.75
N THR A 86 2.73 -13.34 2.62
CA THR A 86 1.57 -13.18 1.75
C THR A 86 0.78 -11.90 1.99
N LEU A 87 0.18 -11.35 0.94
CA LEU A 87 -0.51 -10.07 1.01
C LEU A 87 -2.00 -10.17 0.78
N LYS A 88 -2.72 -9.20 1.34
CA LYS A 88 -4.13 -8.95 1.09
C LYS A 88 -4.30 -7.44 0.97
N ILE A 89 -5.10 -7.00 -0.02
CA ILE A 89 -5.18 -5.58 -0.34
C ILE A 89 -6.62 -5.16 -0.61
N GLU A 90 -6.97 -3.94 -0.17
CA GLU A 90 -8.28 -3.36 -0.43
C GLU A 90 -8.22 -1.84 -0.26
N TYR A 91 -9.21 -1.13 -0.81
CA TYR A 91 -9.29 0.32 -0.66
C TYR A 91 -9.38 0.83 0.78
N ALA A 92 -8.61 1.89 1.07
CA ALA A 92 -8.56 2.48 2.39
C ALA A 92 -9.61 3.55 2.59
N LYS A 93 -9.85 3.93 3.86
CA LYS A 93 -10.81 4.96 4.22
C LYS A 93 -10.21 6.37 4.25
N PRO A 94 -9.09 6.60 4.97
CA PRO A 94 -8.44 7.91 5.02
C PRO A 94 -7.76 8.21 3.69
N THR A 95 -7.48 9.49 3.41
CA THR A 95 -6.96 9.92 2.11
C THR A 95 -5.69 10.76 2.13
N ARG A 96 -5.14 11.06 3.31
CA ARG A 96 -3.93 11.86 3.41
C ARG A 96 -3.17 11.56 4.71
N LEU A 97 -1.86 11.33 4.59
CA LEU A 97 -0.97 11.08 5.70
C LEU A 97 -0.45 12.39 6.30
N ASN A 98 0.16 12.28 7.49
CA ASN A 98 0.88 13.39 8.09
C ASN A 98 2.33 12.96 8.35
N VAL A 99 2.96 12.30 7.36
CA VAL A 99 4.31 11.77 7.48
C VAL A 99 5.31 12.79 8.04
N PHE A 100 6.22 12.32 8.90
CA PHE A 100 7.21 13.17 9.55
C PHE A 100 8.67 12.71 9.47
N LYS A 101 8.91 11.58 8.81
CA LYS A 101 10.23 10.96 8.77
C LYS A 101 10.36 10.03 7.57
N ASN A 102 11.61 9.64 7.28
CA ASN A 102 11.94 8.64 6.29
C ASN A 102 12.81 7.56 6.94
N ASP A 103 12.25 6.34 7.10
CA ASP A 103 12.98 5.22 7.68
C ASP A 103 12.36 3.92 7.14
N GLN A 104 12.73 2.77 7.71
CA GLN A 104 12.27 1.48 7.23
C GLN A 104 10.78 1.25 7.51
N ASP A 105 10.14 2.08 8.34
CA ASP A 105 8.73 1.95 8.65
C ASP A 105 7.82 2.90 7.86
N THR A 106 8.28 4.12 7.62
CA THR A 106 7.54 5.12 6.85
C THR A 106 8.41 5.96 5.93
N TRP A 107 7.87 6.37 4.78
CA TRP A 107 8.65 7.08 3.79
C TRP A 107 7.71 7.89 2.89
N ASP A 108 8.22 8.95 2.29
CA ASP A 108 7.49 9.74 1.31
C ASP A 108 8.32 9.89 0.03
N TYR A 109 7.81 9.36 -1.07
CA TYR A 109 8.53 9.30 -2.34
C TYR A 109 8.55 10.56 -3.19
N THR A 110 8.07 11.68 -2.63
CA THR A 110 8.07 12.96 -3.33
C THR A 110 8.49 14.14 -2.45
N ASN A 111 8.34 14.04 -1.13
CA ASN A 111 8.82 15.05 -0.20
C ASN A 111 10.21 14.66 0.32
N PRO A 112 11.26 15.43 -0.05
CA PRO A 112 12.63 15.17 0.39
C PRO A 112 12.92 15.73 1.79
N ASN A 113 12.03 16.58 2.31
CA ASN A 113 12.29 17.30 3.57
C ASN A 113 12.18 16.39 4.79
N LEU A 114 11.56 15.21 4.66
CA LEU A 114 11.40 14.30 5.80
C LEU A 114 12.67 13.52 6.08
N SER A 115 13.68 13.60 5.21
CA SER A 115 14.96 12.95 5.41
C SER A 115 15.84 13.73 6.39
N GLY A 116 15.33 14.86 6.92
CA GLY A 116 16.08 15.70 7.84
C GLY A 116 16.14 15.12 9.25
N GLN A 117 15.42 14.03 9.52
CA GLN A 117 15.43 13.38 10.83
C GLN A 117 16.77 12.69 11.07
N GLY A 118 17.09 12.45 12.35
CA GLY A 118 18.34 11.80 12.74
C GLY A 118 18.38 11.58 14.25
N GLN A 1 -33.31 -14.42 -1.87
CA GLN A 1 -32.13 -15.12 -1.31
C GLN A 1 -30.91 -14.21 -1.29
N LYS A 2 -30.43 -13.79 -2.47
CA LYS A 2 -29.26 -12.93 -2.59
C LYS A 2 -29.35 -12.06 -3.84
N ILE A 3 -28.81 -10.85 -3.76
CA ILE A 3 -28.76 -9.90 -4.87
C ILE A 3 -27.39 -9.23 -4.87
N SER A 4 -26.90 -8.86 -6.06
CA SER A 4 -25.60 -8.22 -6.23
C SER A 4 -25.64 -7.22 -7.38
N ARG A 5 -24.71 -6.26 -7.36
CA ARG A 5 -24.61 -5.20 -8.36
C ARG A 5 -23.15 -4.87 -8.61
N PRO A 6 -22.80 -4.40 -9.82
CA PRO A 6 -21.44 -4.06 -10.19
C PRO A 6 -20.95 -2.82 -9.44
N GLY A 7 -21.87 -2.03 -8.87
CA GLY A 7 -21.53 -0.84 -8.11
C GLY A 7 -21.02 -1.20 -6.71
N ASP A 8 -21.06 -2.47 -6.32
CA ASP A 8 -20.59 -2.92 -5.03
C ASP A 8 -19.07 -3.16 -5.11
N SER A 9 -18.50 -3.08 -6.31
CA SER A 9 -17.06 -3.24 -6.49
C SER A 9 -16.34 -2.00 -5.97
N ASP A 10 -15.17 -2.19 -5.33
CA ASP A 10 -14.41 -1.08 -4.80
C ASP A 10 -13.80 -0.18 -5.88
N ASP A 11 -13.79 -0.66 -7.13
CA ASP A 11 -13.27 0.08 -8.27
C ASP A 11 -14.17 1.23 -8.77
N SER A 12 -15.30 1.46 -8.09
CA SER A 12 -16.24 2.50 -8.50
C SER A 12 -16.99 3.11 -7.33
N ARG A 13 -16.61 2.77 -6.08
CA ARG A 13 -17.28 3.32 -4.90
C ARG A 13 -16.31 3.58 -3.75
N SER A 14 -15.03 3.26 -3.92
CA SER A 14 -14.01 3.44 -2.89
C SER A 14 -12.69 3.97 -3.48
N VAL A 15 -12.70 4.36 -4.76
CA VAL A 15 -11.50 4.82 -5.45
C VAL A 15 -11.08 6.17 -4.90
N ASN A 16 -10.02 6.17 -4.08
CA ASN A 16 -9.44 7.38 -3.50
C ASN A 16 -7.93 7.44 -3.70
N SER A 17 -7.37 6.55 -4.52
CA SER A 17 -5.93 6.44 -4.76
C SER A 17 -5.13 6.01 -3.53
N VAL A 18 -5.79 5.38 -2.55
CA VAL A 18 -5.14 4.88 -1.36
C VAL A 18 -5.49 3.42 -1.12
N LEU A 19 -4.52 2.63 -0.64
CA LEU A 19 -4.71 1.21 -0.40
C LEU A 19 -4.18 0.82 0.98
N LEU A 20 -4.79 -0.19 1.58
CA LEU A 20 -4.31 -0.76 2.83
C LEU A 20 -3.68 -2.12 2.55
N PHE A 21 -2.57 -2.39 3.22
CA PHE A 21 -1.81 -3.63 3.12
C PHE A 21 -1.79 -4.47 4.38
N THR A 22 -1.91 -5.78 4.22
CA THR A 22 -1.84 -6.74 5.32
C THR A 22 -0.87 -7.88 5.05
N ILE A 23 -0.16 -8.34 6.09
CA ILE A 23 0.80 -9.43 5.95
C ILE A 23 0.39 -10.60 6.84
N LEU A 24 0.11 -11.76 6.24
CA LEU A 24 -0.42 -12.91 6.95
C LEU A 24 0.66 -13.72 7.66
N ASN A 25 1.91 -13.64 7.19
CA ASN A 25 3.01 -14.41 7.75
C ASN A 25 4.25 -13.55 7.86
N PRO A 26 4.32 -12.70 8.89
CA PRO A 26 5.40 -11.77 9.14
C PRO A 26 6.64 -12.45 9.72
N ILE A 27 7.08 -13.56 9.11
CA ILE A 27 8.26 -14.29 9.57
C ILE A 27 9.53 -13.47 9.33
N TYR A 28 9.41 -12.31 8.68
CA TYR A 28 10.49 -11.37 8.44
C TYR A 28 10.10 -9.91 8.64
N SER A 29 11.08 -9.05 8.92
CA SER A 29 10.83 -7.62 9.11
C SER A 29 10.43 -6.98 7.79
N ILE A 30 9.19 -6.47 7.71
CA ILE A 30 8.70 -5.78 6.53
C ILE A 30 9.24 -4.35 6.52
N THR A 31 9.58 -3.84 5.34
CA THR A 31 10.10 -2.48 5.16
C THR A 31 9.46 -1.69 4.02
N THR A 32 9.62 -0.37 4.03
CA THR A 32 9.07 0.49 3.00
C THR A 32 9.78 0.20 1.67
N ASP A 33 10.96 -0.40 1.70
CA ASP A 33 11.71 -0.70 0.49
C ASP A 33 11.10 -1.86 -0.30
N VAL A 34 10.77 -2.95 0.38
CA VAL A 34 10.19 -4.11 -0.29
C VAL A 34 8.77 -3.84 -0.78
N LEU A 35 8.03 -3.00 -0.04
CA LEU A 35 6.68 -2.63 -0.45
C LEU A 35 6.74 -1.68 -1.65
N TYR A 36 7.77 -0.82 -1.71
CA TYR A 36 7.97 0.03 -2.86
C TYR A 36 8.45 -0.72 -4.10
N THR A 37 9.21 -1.80 -3.88
CA THR A 37 9.77 -2.60 -4.95
C THR A 37 8.62 -3.29 -5.68
N ILE A 38 7.55 -3.66 -4.98
CA ILE A 38 6.41 -4.31 -5.62
C ILE A 38 5.34 -3.30 -6.04
N CYS A 39 5.28 -2.12 -5.40
CA CYS A 39 4.27 -1.13 -5.73
C CYS A 39 4.69 -0.16 -6.83
N ASN A 40 6.00 0.06 -7.01
CA ASN A 40 6.51 0.98 -8.02
C ASN A 40 6.18 0.55 -9.45
N PRO A 41 6.29 -0.74 -9.82
CA PRO A 41 5.94 -1.17 -11.17
C PRO A 41 4.43 -1.12 -11.40
N CYS A 42 3.64 -1.01 -10.33
CA CYS A 42 2.20 -0.88 -10.45
C CYS A 42 1.79 0.56 -10.71
N GLY A 43 2.69 1.52 -10.49
CA GLY A 43 2.44 2.93 -10.76
C GLY A 43 3.28 3.82 -9.83
N PRO A 44 3.29 5.14 -10.08
CA PRO A 44 4.02 6.10 -9.28
C PRO A 44 3.52 6.12 -7.83
N VAL A 45 4.33 5.59 -6.92
CA VAL A 45 4.02 5.60 -5.50
C VAL A 45 4.31 6.99 -4.95
N GLN A 46 3.50 7.44 -3.97
CA GLN A 46 3.69 8.75 -3.37
C GLN A 46 4.02 8.63 -1.89
N ARG A 47 3.46 7.64 -1.19
CA ARG A 47 3.77 7.41 0.22
C ARG A 47 3.63 5.94 0.62
N ILE A 48 4.33 5.55 1.69
CA ILE A 48 4.24 4.22 2.29
C ILE A 48 4.40 4.34 3.80
N VAL A 49 3.65 3.53 4.56
CA VAL A 49 3.68 3.53 6.02
C VAL A 49 3.52 2.09 6.50
N ILE A 50 4.02 1.79 7.71
CA ILE A 50 3.92 0.45 8.30
C ILE A 50 3.58 0.58 9.77
N PHE A 51 2.73 -0.33 10.27
CA PHE A 51 2.36 -0.39 11.68
C PHE A 51 2.13 -1.78 12.26
N ARG A 52 2.29 -1.92 13.58
CA ARG A 52 2.26 -3.20 14.25
C ARG A 52 1.23 -3.18 15.40
N LYS A 53 0.33 -2.19 15.40
CA LYS A 53 -0.55 -1.92 16.53
C LYS A 53 -1.58 -3.03 16.80
N ASN A 54 -2.04 -3.73 15.77
CA ASN A 54 -3.03 -4.80 15.92
C ASN A 54 -2.61 -6.07 15.20
N GLY A 55 -1.37 -6.11 14.71
CA GLY A 55 -0.87 -7.21 13.92
C GLY A 55 0.34 -6.74 13.14
N VAL A 56 0.31 -6.91 11.81
CA VAL A 56 1.37 -6.41 10.93
C VAL A 56 0.74 -5.91 9.64
N GLN A 57 0.81 -4.59 9.40
CA GLN A 57 0.16 -3.97 8.27
C GLN A 57 1.01 -2.85 7.68
N ALA A 58 0.58 -2.36 6.52
CA ALA A 58 1.21 -1.25 5.85
C ALA A 58 0.16 -0.47 5.06
N MET A 59 0.52 0.71 4.56
CA MET A 59 -0.34 1.54 3.76
C MET A 59 0.43 2.07 2.56
N VAL A 60 -0.28 2.35 1.46
CA VAL A 60 0.34 2.85 0.23
C VAL A 60 -0.55 3.90 -0.41
N GLU A 61 0.05 4.89 -1.07
CA GLU A 61 -0.67 5.96 -1.72
C GLU A 61 -0.12 6.22 -3.11
N PHE A 62 -1.02 6.38 -4.08
CA PHE A 62 -0.70 6.52 -5.49
C PHE A 62 -0.97 7.90 -6.12
N ASP A 63 -0.34 8.16 -7.27
CA ASP A 63 -0.52 9.42 -7.98
C ASP A 63 -1.81 9.37 -8.81
N SER A 64 -2.42 8.18 -8.96
CA SER A 64 -3.60 8.01 -9.80
C SER A 64 -4.45 6.82 -9.34
N VAL A 65 -5.76 6.88 -9.65
CA VAL A 65 -6.70 5.83 -9.27
C VAL A 65 -6.38 4.57 -10.07
N GLN A 66 -6.03 4.71 -11.35
CA GLN A 66 -5.76 3.56 -12.20
C GLN A 66 -4.49 2.84 -11.74
N SER A 67 -3.58 3.56 -11.08
CA SER A 67 -2.38 2.94 -10.53
C SER A 67 -2.71 2.12 -9.30
N ALA A 68 -3.70 2.57 -8.52
CA ALA A 68 -4.14 1.85 -7.34
C ALA A 68 -5.02 0.65 -7.71
N GLN A 69 -5.77 0.73 -8.81
CA GLN A 69 -6.63 -0.37 -9.24
C GLN A 69 -5.81 -1.58 -9.68
N ARG A 70 -4.73 -1.35 -10.44
CA ARG A 70 -3.92 -2.46 -10.92
C ARG A 70 -3.00 -2.98 -9.81
N ALA A 71 -2.64 -2.12 -8.84
CA ALA A 71 -1.83 -2.56 -7.71
C ALA A 71 -2.66 -3.49 -6.80
N LYS A 72 -3.92 -3.11 -6.55
CA LYS A 72 -4.81 -3.88 -5.69
C LYS A 72 -5.28 -5.16 -6.39
N ALA A 73 -5.22 -5.20 -7.72
CA ALA A 73 -5.63 -6.36 -8.49
C ALA A 73 -4.47 -7.29 -8.86
N SER A 74 -3.21 -6.86 -8.65
CA SER A 74 -2.06 -7.66 -9.03
C SER A 74 -1.22 -8.09 -7.82
N LEU A 75 -1.15 -7.25 -6.78
CA LEU A 75 -0.33 -7.55 -5.62
C LEU A 75 -1.13 -8.27 -4.53
N ASN A 76 -2.46 -8.34 -4.67
CA ASN A 76 -3.29 -9.01 -3.68
C ASN A 76 -3.08 -10.52 -3.75
N GLY A 77 -2.95 -11.17 -2.59
CA GLY A 77 -2.73 -12.60 -2.49
C GLY A 77 -1.32 -13.02 -2.90
N ALA A 78 -0.49 -12.07 -3.36
CA ALA A 78 0.88 -12.37 -3.74
C ALA A 78 1.78 -12.42 -2.51
N ASP A 79 3.01 -12.95 -2.67
CA ASP A 79 3.98 -13.05 -1.60
C ASP A 79 5.14 -12.07 -1.75
N ILE A 80 5.60 -11.47 -0.65
CA ILE A 80 6.77 -10.61 -0.68
C ILE A 80 8.02 -11.49 -0.82
N TYR A 81 8.04 -12.59 -0.06
CA TYR A 81 9.10 -13.57 -0.05
C TYR A 81 9.07 -14.65 -1.15
N SER A 82 7.95 -14.76 -1.86
CA SER A 82 7.70 -15.82 -2.82
C SER A 82 7.59 -17.18 -2.12
N GLY A 83 6.96 -17.17 -0.95
CA GLY A 83 6.73 -18.38 -0.16
C GLY A 83 6.11 -18.06 1.20
N CYS A 84 6.26 -16.82 1.67
CA CYS A 84 5.74 -16.34 2.94
C CYS A 84 5.37 -14.86 2.80
N CYS A 85 4.97 -14.22 3.90
CA CYS A 85 4.57 -12.82 3.90
C CYS A 85 3.41 -12.55 2.94
N THR A 86 2.40 -13.43 2.94
CA THR A 86 1.21 -13.28 2.11
C THR A 86 0.53 -11.92 2.21
N LEU A 87 0.19 -11.33 1.06
CA LEU A 87 -0.42 -10.01 1.00
C LEU A 87 -1.94 -10.08 0.92
N LYS A 88 -2.57 -9.03 1.45
CA LYS A 88 -4.00 -8.76 1.31
C LYS A 88 -4.14 -7.26 1.11
N ILE A 89 -4.94 -6.84 0.13
CA ILE A 89 -5.03 -5.44 -0.26
C ILE A 89 -6.46 -5.04 -0.59
N GLU A 90 -6.85 -3.82 -0.19
CA GLU A 90 -8.14 -3.25 -0.53
C GLU A 90 -8.08 -1.74 -0.31
N TYR A 91 -9.07 -1.01 -0.84
CA TYR A 91 -9.15 0.43 -0.65
C TYR A 91 -9.27 0.90 0.79
N ALA A 92 -8.56 1.98 1.13
CA ALA A 92 -8.53 2.48 2.51
C ALA A 92 -9.57 3.57 2.74
N LYS A 93 -9.91 3.80 4.01
CA LYS A 93 -10.89 4.80 4.41
C LYS A 93 -10.35 6.24 4.35
N PRO A 94 -9.18 6.54 4.94
CA PRO A 94 -8.62 7.89 4.93
C PRO A 94 -8.02 8.23 3.57
N THR A 95 -7.68 9.51 3.37
CA THR A 95 -7.15 10.00 2.09
C THR A 95 -5.96 10.95 2.14
N ARG A 96 -5.30 11.08 3.30
CA ARG A 96 -4.13 11.95 3.41
C ARG A 96 -3.27 11.60 4.61
N LEU A 97 -1.97 11.36 4.38
CA LEU A 97 -1.00 11.12 5.43
C LEU A 97 -0.43 12.44 5.96
N ASN A 98 0.13 12.38 7.17
CA ASN A 98 0.82 13.49 7.79
C ASN A 98 2.23 13.06 8.20
N VAL A 99 2.95 12.40 7.28
CA VAL A 99 4.26 11.86 7.55
C VAL A 99 5.25 12.88 8.12
N PHE A 100 6.10 12.44 9.06
CA PHE A 100 7.08 13.30 9.71
C PHE A 100 8.55 12.91 9.57
N LYS A 101 8.83 11.73 9.00
CA LYS A 101 10.19 11.27 8.79
C LYS A 101 10.23 10.14 7.75
N ASN A 102 11.45 9.80 7.29
CA ASN A 102 11.67 8.69 6.37
C ASN A 102 12.61 7.67 7.01
N ASP A 103 12.19 6.40 7.03
CA ASP A 103 12.97 5.29 7.58
C ASP A 103 12.42 3.97 7.04
N GLN A 104 12.83 2.84 7.62
CA GLN A 104 12.43 1.52 7.13
C GLN A 104 10.96 1.22 7.40
N ASP A 105 10.27 2.03 8.21
CA ASP A 105 8.85 1.82 8.52
C ASP A 105 7.90 2.79 7.81
N THR A 106 8.37 4.01 7.53
CA THR A 106 7.59 5.03 6.83
C THR A 106 8.40 5.84 5.83
N TRP A 107 7.79 6.26 4.72
CA TRP A 107 8.52 6.97 3.69
C TRP A 107 7.55 7.81 2.88
N ASP A 108 8.06 8.89 2.28
CA ASP A 108 7.30 9.75 1.38
C ASP A 108 8.08 10.05 0.11
N TYR A 109 7.52 9.61 -1.03
CA TYR A 109 8.18 9.65 -2.33
C TYR A 109 8.11 10.96 -3.10
N THR A 110 7.66 12.04 -2.47
CA THR A 110 7.54 13.34 -3.11
C THR A 110 7.97 14.50 -2.22
N ASN A 111 7.93 14.34 -0.90
CA ASN A 111 8.45 15.35 0.02
C ASN A 111 9.88 14.99 0.40
N PRO A 112 10.87 15.80 -0.01
CA PRO A 112 12.28 15.56 0.28
C PRO A 112 12.67 16.03 1.69
N ASN A 113 11.81 16.83 2.35
CA ASN A 113 12.14 17.43 3.63
C ASN A 113 12.05 16.42 4.79
N LEU A 114 11.41 15.27 4.57
CA LEU A 114 11.25 14.27 5.62
C LEU A 114 12.45 13.35 5.72
N SER A 115 13.41 13.46 4.80
CA SER A 115 14.63 12.66 4.85
C SER A 115 15.57 13.19 5.92
N GLY A 116 16.29 12.28 6.58
CA GLY A 116 17.23 12.62 7.64
C GLY A 116 16.54 12.99 8.95
N GLN A 117 15.19 12.98 8.97
CA GLN A 117 14.42 13.29 10.16
C GLN A 117 14.23 12.06 11.05
N GLY A 118 14.96 10.97 10.76
CA GLY A 118 14.84 9.71 11.49
C GLY A 118 15.15 9.89 12.98
N GLN A 1 -27.63 -13.19 -9.08
CA GLN A 1 -26.22 -13.38 -9.44
C GLN A 1 -25.42 -13.97 -8.29
N LYS A 2 -24.27 -14.57 -8.59
CA LYS A 2 -23.38 -15.15 -7.57
C LYS A 2 -22.75 -14.07 -6.69
N ILE A 3 -22.14 -14.52 -5.60
CA ILE A 3 -21.49 -13.64 -4.62
C ILE A 3 -20.30 -12.93 -5.25
N SER A 4 -19.79 -13.44 -6.38
CA SER A 4 -18.66 -12.85 -7.09
C SER A 4 -19.07 -11.70 -8.00
N ARG A 5 -20.31 -11.22 -7.87
CA ARG A 5 -20.82 -10.11 -8.65
C ARG A 5 -20.00 -8.84 -8.39
N PRO A 6 -19.87 -7.97 -9.40
CA PRO A 6 -19.12 -6.72 -9.31
C PRO A 6 -19.89 -5.64 -8.57
N GLY A 7 -21.15 -5.90 -8.18
CA GLY A 7 -21.86 -4.96 -7.34
C GLY A 7 -21.08 -4.76 -6.04
N ASP A 8 -21.06 -3.53 -5.54
CA ASP A 8 -20.37 -3.17 -4.32
C ASP A 8 -18.85 -3.39 -4.39
N SER A 9 -18.30 -3.46 -5.60
CA SER A 9 -16.86 -3.57 -5.79
C SER A 9 -16.17 -2.28 -5.35
N ASP A 10 -14.96 -2.36 -4.81
CA ASP A 10 -14.25 -1.19 -4.33
C ASP A 10 -13.74 -0.28 -5.45
N ASP A 11 -13.84 -0.75 -6.70
CA ASP A 11 -13.40 0.00 -7.87
C ASP A 11 -14.33 1.12 -8.35
N SER A 12 -15.44 1.37 -7.64
CA SER A 12 -16.41 2.37 -8.09
C SER A 12 -17.15 3.07 -6.95
N ARG A 13 -16.81 2.83 -5.69
CA ARG A 13 -17.46 3.49 -4.58
C ARG A 13 -16.53 3.78 -3.40
N SER A 14 -15.23 3.59 -3.58
CA SER A 14 -14.24 3.86 -2.54
C SER A 14 -12.85 4.14 -3.12
N VAL A 15 -12.79 4.47 -4.41
CA VAL A 15 -11.53 4.75 -5.08
C VAL A 15 -11.03 6.11 -4.58
N ASN A 16 -9.97 6.08 -3.77
CA ASN A 16 -9.34 7.28 -3.23
C ASN A 16 -7.83 7.30 -3.45
N SER A 17 -7.31 6.37 -4.25
CA SER A 17 -5.88 6.20 -4.52
C SER A 17 -5.08 5.76 -3.29
N VAL A 18 -5.74 5.17 -2.28
CA VAL A 18 -5.07 4.66 -1.09
C VAL A 18 -5.51 3.23 -0.78
N LEU A 19 -4.53 2.37 -0.49
CA LEU A 19 -4.78 0.95 -0.23
C LEU A 19 -4.26 0.55 1.14
N LEU A 20 -4.87 -0.49 1.71
CA LEU A 20 -4.37 -1.15 2.92
C LEU A 20 -3.69 -2.45 2.53
N PHE A 21 -2.53 -2.71 3.13
CA PHE A 21 -1.76 -3.93 2.95
C PHE A 21 -1.66 -4.80 4.20
N THR A 22 -2.36 -5.93 4.20
CA THR A 22 -2.26 -6.91 5.28
C THR A 22 -1.25 -8.01 5.02
N ILE A 23 -0.51 -8.42 6.06
CA ILE A 23 0.48 -9.48 5.92
C ILE A 23 0.00 -10.72 6.67
N LEU A 24 -0.03 -11.86 5.98
CA LEU A 24 -0.60 -13.09 6.53
C LEU A 24 0.45 -13.93 7.26
N ASN A 25 1.73 -13.76 6.92
CA ASN A 25 2.81 -14.52 7.53
C ASN A 25 4.01 -13.59 7.77
N PRO A 26 3.97 -12.79 8.84
CA PRO A 26 5.00 -11.84 9.20
C PRO A 26 6.22 -12.51 9.84
N ILE A 27 6.75 -13.57 9.21
CA ILE A 27 7.93 -14.26 9.73
C ILE A 27 9.17 -13.36 9.61
N TYR A 28 9.02 -12.19 8.97
CA TYR A 28 10.04 -11.17 8.84
C TYR A 28 9.47 -9.75 8.94
N SER A 29 10.30 -8.77 9.34
CA SER A 29 9.83 -7.41 9.47
C SER A 29 9.65 -6.79 8.07
N ILE A 30 8.47 -6.19 7.84
CA ILE A 30 8.17 -5.53 6.59
C ILE A 30 8.82 -4.14 6.56
N THR A 31 9.20 -3.68 5.36
CA THR A 31 9.79 -2.37 5.17
C THR A 31 9.20 -1.58 4.00
N THR A 32 9.31 -0.26 4.02
CA THR A 32 8.82 0.57 2.92
C THR A 32 9.56 0.34 1.59
N ASP A 33 10.75 -0.27 1.65
CA ASP A 33 11.54 -0.54 0.46
C ASP A 33 11.00 -1.71 -0.34
N VAL A 34 10.68 -2.81 0.36
CA VAL A 34 10.14 -4.00 -0.32
C VAL A 34 8.70 -3.77 -0.80
N LEU A 35 7.94 -2.95 -0.07
CA LEU A 35 6.59 -2.61 -0.49
C LEU A 35 6.65 -1.71 -1.72
N TYR A 36 7.65 -0.81 -1.78
CA TYR A 36 7.84 0.02 -2.96
C TYR A 36 8.37 -0.75 -4.17
N THR A 37 9.15 -1.80 -3.92
CA THR A 37 9.74 -2.62 -4.97
C THR A 37 8.60 -3.34 -5.70
N ILE A 38 7.53 -3.72 -5.00
CA ILE A 38 6.40 -4.40 -5.64
C ILE A 38 5.31 -3.41 -6.07
N CYS A 39 5.24 -2.22 -5.48
CA CYS A 39 4.21 -1.25 -5.83
C CYS A 39 4.63 -0.28 -6.94
N ASN A 40 5.93 -0.05 -7.11
CA ASN A 40 6.42 0.87 -8.12
C ASN A 40 6.14 0.41 -9.56
N PRO A 41 6.24 -0.89 -9.92
CA PRO A 41 5.92 -1.33 -11.26
C PRO A 41 4.42 -1.23 -11.54
N CYS A 42 3.60 -1.04 -10.50
CA CYS A 42 2.16 -0.88 -10.66
C CYS A 42 1.77 0.59 -10.80
N GLY A 43 2.74 1.50 -10.65
CA GLY A 43 2.50 2.93 -10.80
C GLY A 43 3.39 3.73 -9.86
N PRO A 44 3.47 5.05 -10.08
CA PRO A 44 4.27 5.95 -9.28
C PRO A 44 3.69 6.09 -7.87
N VAL A 45 4.33 5.43 -6.90
CA VAL A 45 3.94 5.50 -5.50
C VAL A 45 4.29 6.89 -4.96
N GLN A 46 3.48 7.42 -4.04
CA GLN A 46 3.70 8.74 -3.47
C GLN A 46 4.04 8.66 -1.99
N ARG A 47 3.41 7.74 -1.23
CA ARG A 47 3.69 7.59 0.19
C ARG A 47 3.49 6.16 0.68
N ILE A 48 4.23 5.78 1.73
CA ILE A 48 4.15 4.47 2.36
C ILE A 48 4.45 4.59 3.86
N VAL A 49 3.65 3.90 4.70
CA VAL A 49 3.88 3.80 6.13
C VAL A 49 3.52 2.40 6.62
N ILE A 50 4.04 2.01 7.79
CA ILE A 50 3.87 0.68 8.33
C ILE A 50 3.49 0.75 9.80
N PHE A 51 2.62 -0.17 10.24
CA PHE A 51 2.21 -0.26 11.63
C PHE A 51 2.06 -1.68 12.18
N ARG A 52 2.21 -1.83 13.50
CA ARG A 52 2.20 -3.12 14.17
C ARG A 52 1.17 -3.13 15.30
N LYS A 53 0.24 -2.16 15.29
CA LYS A 53 -0.66 -1.91 16.40
C LYS A 53 -1.63 -3.04 16.72
N ASN A 54 -2.06 -3.81 15.71
CA ASN A 54 -2.99 -4.92 15.89
C ASN A 54 -2.51 -6.20 15.22
N GLY A 55 -1.26 -6.19 14.74
CA GLY A 55 -0.70 -7.27 13.96
C GLY A 55 0.45 -6.73 13.13
N VAL A 56 0.38 -6.91 11.81
CA VAL A 56 1.38 -6.37 10.90
C VAL A 56 0.71 -5.89 9.62
N GLN A 57 0.74 -4.58 9.38
CA GLN A 57 0.10 -3.98 8.22
C GLN A 57 0.93 -2.83 7.67
N ALA A 58 0.58 -2.38 6.46
CA ALA A 58 1.21 -1.25 5.81
C ALA A 58 0.19 -0.52 4.95
N MET A 59 0.49 0.71 4.55
CA MET A 59 -0.39 1.52 3.74
C MET A 59 0.38 2.10 2.56
N VAL A 60 -0.31 2.34 1.45
CA VAL A 60 0.30 2.86 0.23
C VAL A 60 -0.62 3.87 -0.44
N GLU A 61 -0.05 4.92 -1.03
CA GLU A 61 -0.80 5.95 -1.73
C GLU A 61 -0.21 6.19 -3.11
N PHE A 62 -1.09 6.25 -4.12
CA PHE A 62 -0.74 6.43 -5.52
C PHE A 62 -1.00 7.82 -6.12
N ASP A 63 -0.38 8.10 -7.27
CA ASP A 63 -0.56 9.38 -7.94
C ASP A 63 -1.90 9.39 -8.69
N SER A 64 -2.52 8.22 -8.89
CA SER A 64 -3.77 8.13 -9.62
C SER A 64 -4.58 6.90 -9.21
N VAL A 65 -5.88 6.95 -9.45
CA VAL A 65 -6.77 5.84 -9.10
C VAL A 65 -6.46 4.64 -9.99
N GLN A 66 -6.04 4.87 -11.23
CA GLN A 66 -5.76 3.79 -12.15
C GLN A 66 -4.57 2.97 -11.68
N SER A 67 -3.58 3.61 -11.06
CA SER A 67 -2.43 2.90 -10.51
C SER A 67 -2.84 2.13 -9.26
N ALA A 68 -3.80 2.65 -8.52
CA ALA A 68 -4.29 2.02 -7.29
C ALA A 68 -5.14 0.80 -7.60
N GLN A 69 -5.87 0.80 -8.73
CA GLN A 69 -6.71 -0.32 -9.10
C GLN A 69 -5.89 -1.52 -9.54
N ARG A 70 -4.89 -1.31 -10.42
CA ARG A 70 -4.08 -2.43 -10.92
C ARG A 70 -3.13 -2.96 -9.86
N ALA A 71 -2.74 -2.12 -8.90
CA ALA A 71 -1.88 -2.57 -7.81
C ALA A 71 -2.65 -3.48 -6.87
N LYS A 72 -3.91 -3.13 -6.58
CA LYS A 72 -4.76 -3.92 -5.70
C LYS A 72 -5.28 -5.16 -6.42
N ALA A 73 -5.33 -5.13 -7.76
CA ALA A 73 -5.81 -6.25 -8.55
C ALA A 73 -4.67 -7.19 -8.96
N SER A 74 -3.41 -6.81 -8.75
CA SER A 74 -2.29 -7.64 -9.16
C SER A 74 -1.41 -8.08 -7.99
N LEU A 75 -1.24 -7.23 -6.97
CA LEU A 75 -0.39 -7.55 -5.84
C LEU A 75 -1.15 -8.29 -4.75
N ASN A 76 -2.48 -8.42 -4.88
CA ASN A 76 -3.26 -9.14 -3.90
C ASN A 76 -2.95 -10.64 -4.00
N GLY A 77 -2.79 -11.29 -2.84
CA GLY A 77 -2.45 -12.71 -2.77
C GLY A 77 -0.99 -12.99 -3.14
N ALA A 78 -0.25 -11.97 -3.56
CA ALA A 78 1.17 -12.10 -3.88
C ALA A 78 2.00 -12.16 -2.60
N ASP A 79 3.27 -12.56 -2.71
CA ASP A 79 4.17 -12.65 -1.58
C ASP A 79 5.47 -11.85 -1.71
N ILE A 80 5.90 -11.23 -0.61
CA ILE A 80 7.11 -10.42 -0.59
C ILE A 80 8.34 -11.32 -0.61
N TYR A 81 8.30 -12.39 0.18
CA TYR A 81 9.36 -13.38 0.29
C TYR A 81 9.41 -14.47 -0.77
N SER A 82 8.36 -14.58 -1.58
CA SER A 82 8.20 -15.63 -2.59
C SER A 82 8.07 -17.01 -1.93
N GLY A 83 7.40 -17.04 -0.78
CA GLY A 83 7.15 -18.26 -0.03
C GLY A 83 6.44 -17.97 1.30
N CYS A 84 6.60 -16.73 1.80
CA CYS A 84 5.98 -16.25 3.03
C CYS A 84 5.64 -14.77 2.87
N CYS A 85 5.14 -14.13 3.93
CA CYS A 85 4.71 -12.74 3.88
C CYS A 85 3.65 -12.47 2.82
N THR A 86 2.70 -13.41 2.66
CA THR A 86 1.57 -13.21 1.76
C THR A 86 0.78 -11.93 2.02
N LEU A 87 0.33 -11.28 0.95
CA LEU A 87 -0.33 -9.99 1.02
C LEU A 87 -1.85 -10.12 0.88
N LYS A 88 -2.55 -9.09 1.37
CA LYS A 88 -3.96 -8.90 1.16
C LYS A 88 -4.15 -7.41 0.93
N ILE A 89 -4.99 -7.03 -0.04
CA ILE A 89 -5.11 -5.63 -0.42
C ILE A 89 -6.57 -5.24 -0.67
N GLU A 90 -6.93 -4.05 -0.20
CA GLU A 90 -8.25 -3.48 -0.44
C GLU A 90 -8.17 -1.96 -0.24
N TYR A 91 -9.16 -1.22 -0.75
CA TYR A 91 -9.19 0.22 -0.55
C TYR A 91 -9.30 0.69 0.89
N ALA A 92 -8.51 1.71 1.23
CA ALA A 92 -8.48 2.26 2.57
C ALA A 92 -9.46 3.44 2.69
N LYS A 93 -9.93 3.74 3.90
CA LYS A 93 -10.89 4.83 4.09
C LYS A 93 -10.26 6.21 4.31
N PRO A 94 -9.06 6.37 4.90
CA PRO A 94 -8.44 7.67 5.04
C PRO A 94 -7.77 8.08 3.72
N THR A 95 -7.42 9.36 3.58
CA THR A 95 -6.89 9.88 2.32
C THR A 95 -5.71 10.85 2.38
N ARG A 96 -5.09 11.05 3.55
CA ARG A 96 -3.95 11.95 3.66
C ARG A 96 -3.08 11.62 4.87
N LEU A 97 -1.77 11.45 4.63
CA LEU A 97 -0.78 11.18 5.66
C LEU A 97 -0.16 12.49 6.16
N ASN A 98 0.36 12.46 7.39
CA ASN A 98 1.13 13.55 7.97
C ASN A 98 2.56 13.08 8.25
N VAL A 99 3.23 12.52 7.23
CA VAL A 99 4.57 11.97 7.37
C VAL A 99 5.58 12.94 7.99
N PHE A 100 6.52 12.40 8.79
CA PHE A 100 7.51 13.22 9.48
C PHE A 100 8.98 12.81 9.35
N LYS A 101 9.25 11.66 8.74
CA LYS A 101 10.61 11.16 8.54
C LYS A 101 10.64 10.10 7.45
N ASN A 102 11.84 9.66 7.09
CA ASN A 102 12.06 8.59 6.13
C ASN A 102 12.96 7.52 6.76
N ASP A 103 12.43 6.30 6.89
CA ASP A 103 13.16 5.15 7.43
C ASP A 103 12.45 3.86 6.98
N GLN A 104 12.80 2.73 7.58
CA GLN A 104 12.28 1.43 7.18
C GLN A 104 10.79 1.23 7.48
N ASP A 105 10.17 2.13 8.25
CA ASP A 105 8.77 2.05 8.62
C ASP A 105 7.88 3.17 8.10
N THR A 106 8.51 4.27 7.67
CA THR A 106 7.82 5.44 7.13
C THR A 106 8.56 6.08 5.97
N TRP A 107 7.86 6.54 4.93
CA TRP A 107 8.54 7.14 3.80
C TRP A 107 7.57 8.00 2.99
N ASP A 108 8.14 8.95 2.25
CA ASP A 108 7.39 9.78 1.32
C ASP A 108 8.17 9.98 0.02
N TYR A 109 7.60 9.48 -1.08
CA TYR A 109 8.25 9.43 -2.38
C TYR A 109 8.25 10.70 -3.22
N THR A 110 7.82 11.82 -2.63
CA THR A 110 7.76 13.09 -3.34
C THR A 110 8.22 14.29 -2.50
N ASN A 111 8.23 14.15 -1.16
CA ASN A 111 8.78 15.19 -0.30
C ASN A 111 10.24 14.85 0.03
N PRO A 112 11.20 15.65 -0.44
CA PRO A 112 12.62 15.42 -0.19
C PRO A 112 13.06 15.93 1.18
N ASN A 113 12.22 16.74 1.85
CA ASN A 113 12.60 17.37 3.11
C ASN A 113 12.65 16.38 4.28
N LEU A 114 12.01 15.22 4.16
CA LEU A 114 12.00 14.22 5.22
C LEU A 114 13.27 13.36 5.19
N SER A 115 14.10 13.52 4.15
CA SER A 115 15.37 12.81 4.03
C SER A 115 16.49 13.58 4.72
N GLY A 116 16.16 14.67 5.42
CA GLY A 116 17.12 15.51 6.13
C GLY A 116 17.61 14.89 7.44
N GLN A 117 17.33 13.59 7.64
CA GLN A 117 17.68 12.88 8.87
C GLN A 117 18.09 11.44 8.55
N GLY A 118 18.76 10.79 9.50
CA GLY A 118 19.22 9.42 9.34
C GLY A 118 19.97 8.95 10.58
N GLN A 1 -19.14 -2.79 -23.11
CA GLN A 1 -18.24 -3.92 -22.86
C GLN A 1 -19.02 -5.22 -22.75
N LYS A 2 -18.44 -6.34 -23.22
CA LYS A 2 -19.12 -7.64 -23.23
C LYS A 2 -19.22 -8.27 -21.86
N ILE A 3 -18.80 -7.56 -20.81
CA ILE A 3 -18.86 -8.05 -19.44
C ILE A 3 -18.94 -6.85 -18.48
N SER A 4 -19.51 -7.06 -17.29
CA SER A 4 -19.66 -6.01 -16.30
C SER A 4 -19.78 -6.61 -14.90
N ARG A 5 -19.73 -5.74 -13.87
CA ARG A 5 -19.80 -6.15 -12.49
C ARG A 5 -20.46 -5.05 -11.65
N PRO A 6 -20.97 -5.37 -10.45
CA PRO A 6 -21.66 -4.42 -9.59
C PRO A 6 -20.81 -3.22 -9.20
N GLY A 7 -21.47 -2.11 -8.88
CA GLY A 7 -20.79 -0.88 -8.45
C GLY A 7 -20.42 -0.95 -6.97
N ASP A 8 -20.82 -2.03 -6.28
CA ASP A 8 -20.53 -2.23 -4.87
C ASP A 8 -19.06 -2.63 -4.68
N SER A 9 -18.37 -2.98 -5.76
CA SER A 9 -16.95 -3.28 -5.71
C SER A 9 -16.16 -2.03 -5.38
N ASP A 10 -15.03 -2.17 -4.67
CA ASP A 10 -14.26 -1.02 -4.23
C ASP A 10 -13.73 -0.13 -5.36
N ASP A 11 -13.73 -0.66 -6.59
CA ASP A 11 -13.32 0.08 -7.78
C ASP A 11 -14.30 1.16 -8.25
N SER A 12 -15.44 1.29 -7.55
CA SER A 12 -16.47 2.24 -7.96
C SER A 12 -17.14 2.95 -6.78
N ARG A 13 -16.69 2.71 -5.55
CA ARG A 13 -17.27 3.36 -4.38
C ARG A 13 -16.27 3.64 -3.26
N SER A 14 -14.98 3.39 -3.52
CA SER A 14 -13.92 3.65 -2.54
C SER A 14 -12.61 4.08 -3.20
N VAL A 15 -12.63 4.42 -4.49
CA VAL A 15 -11.45 4.80 -5.23
C VAL A 15 -10.99 6.17 -4.72
N ASN A 16 -9.93 6.16 -3.91
CA ASN A 16 -9.32 7.37 -3.37
C ASN A 16 -7.80 7.39 -3.57
N SER A 17 -7.28 6.45 -4.36
CA SER A 17 -5.86 6.26 -4.60
C SER A 17 -5.07 5.83 -3.36
N VAL A 18 -5.74 5.26 -2.36
CA VAL A 18 -5.07 4.77 -1.15
C VAL A 18 -5.51 3.34 -0.83
N LEU A 19 -4.53 2.47 -0.51
CA LEU A 19 -4.79 1.07 -0.24
C LEU A 19 -4.31 0.70 1.16
N LEU A 20 -4.94 -0.33 1.74
CA LEU A 20 -4.50 -0.93 2.98
C LEU A 20 -3.85 -2.28 2.67
N PHE A 21 -2.68 -2.52 3.26
CA PHE A 21 -1.93 -3.75 3.14
C PHE A 21 -1.92 -4.60 4.41
N THR A 22 -2.16 -5.90 4.26
CA THR A 22 -2.07 -6.86 5.35
C THR A 22 -1.05 -7.96 5.11
N ILE A 23 -0.22 -8.25 6.11
CA ILE A 23 0.82 -9.26 6.00
C ILE A 23 0.39 -10.51 6.77
N LEU A 24 0.23 -11.62 6.04
CA LEU A 24 -0.36 -12.84 6.58
C LEU A 24 0.70 -13.75 7.22
N ASN A 25 1.98 -13.55 6.89
CA ASN A 25 3.07 -14.33 7.45
C ASN A 25 4.28 -13.43 7.72
N PRO A 26 4.24 -12.67 8.82
CA PRO A 26 5.25 -11.70 9.21
C PRO A 26 6.50 -12.37 9.82
N ILE A 27 6.99 -13.46 9.21
CA ILE A 27 8.17 -14.16 9.70
C ILE A 27 9.43 -13.31 9.47
N TYR A 28 9.28 -12.16 8.80
CA TYR A 28 10.36 -11.22 8.56
C TYR A 28 9.96 -9.75 8.73
N SER A 29 10.94 -8.88 8.96
CA SER A 29 10.68 -7.46 9.13
C SER A 29 10.27 -6.83 7.80
N ILE A 30 9.04 -6.29 7.74
CA ILE A 30 8.55 -5.62 6.56
C ILE A 30 9.12 -4.20 6.50
N THR A 31 9.40 -3.72 5.29
CA THR A 31 9.96 -2.39 5.07
C THR A 31 9.30 -1.57 3.98
N THR A 32 9.46 -0.25 4.01
CA THR A 32 8.91 0.64 3.00
C THR A 32 9.62 0.40 1.67
N ASP A 33 10.80 -0.21 1.68
CA ASP A 33 11.55 -0.49 0.47
C ASP A 33 10.98 -1.68 -0.30
N VAL A 34 10.69 -2.78 0.41
CA VAL A 34 10.14 -3.97 -0.24
C VAL A 34 8.70 -3.75 -0.69
N LEU A 35 7.93 -2.95 0.05
CA LEU A 35 6.57 -2.62 -0.34
C LEU A 35 6.60 -1.70 -1.56
N TYR A 36 7.61 -0.83 -1.65
CA TYR A 36 7.80 0.01 -2.82
C TYR A 36 8.32 -0.74 -4.04
N THR A 37 9.09 -1.81 -3.81
CA THR A 37 9.67 -2.60 -4.88
C THR A 37 8.54 -3.32 -5.61
N ILE A 38 7.47 -3.70 -4.89
CA ILE A 38 6.34 -4.37 -5.53
C ILE A 38 5.26 -3.37 -5.96
N CYS A 39 5.19 -2.19 -5.35
CA CYS A 39 4.18 -1.20 -5.72
C CYS A 39 4.64 -0.26 -6.84
N ASN A 40 5.95 -0.07 -7.01
CA ASN A 40 6.48 0.81 -8.04
C ASN A 40 6.14 0.35 -9.46
N PRO A 41 6.24 -0.95 -9.81
CA PRO A 41 5.87 -1.40 -11.14
C PRO A 41 4.36 -1.30 -11.36
N CYS A 42 3.58 -1.16 -10.28
CA CYS A 42 2.14 -1.01 -10.39
C CYS A 42 1.76 0.46 -10.64
N GLY A 43 2.69 1.39 -10.43
CA GLY A 43 2.45 2.80 -10.67
C GLY A 43 3.35 3.67 -9.79
N PRO A 44 3.33 5.00 -10.02
CA PRO A 44 4.12 5.95 -9.27
C PRO A 44 3.59 6.09 -7.85
N VAL A 45 4.27 5.44 -6.90
CA VAL A 45 3.93 5.50 -5.48
C VAL A 45 4.29 6.89 -4.95
N GLN A 46 3.52 7.38 -3.98
CA GLN A 46 3.74 8.70 -3.39
C GLN A 46 4.06 8.61 -1.91
N ARG A 47 3.42 7.68 -1.17
CA ARG A 47 3.70 7.53 0.27
C ARG A 47 3.50 6.09 0.74
N ILE A 48 4.24 5.71 1.79
CA ILE A 48 4.14 4.39 2.43
C ILE A 48 4.45 4.51 3.93
N VAL A 49 3.68 3.81 4.76
CA VAL A 49 3.91 3.70 6.20
C VAL A 49 3.53 2.30 6.68
N ILE A 50 4.03 1.90 7.86
CA ILE A 50 3.84 0.55 8.38
C ILE A 50 3.36 0.60 9.83
N PHE A 51 2.47 -0.32 10.21
CA PHE A 51 2.00 -0.45 11.59
C PHE A 51 1.68 -1.87 12.05
N ARG A 52 1.68 -2.07 13.37
CA ARG A 52 1.43 -3.38 13.96
C ARG A 52 0.53 -3.28 15.20
N LYS A 53 -0.37 -2.29 15.21
CA LYS A 53 -1.22 -2.01 16.37
C LYS A 53 -2.22 -3.13 16.67
N ASN A 54 -2.67 -3.87 15.66
CA ASN A 54 -3.62 -4.97 15.85
C ASN A 54 -3.18 -6.25 15.17
N GLY A 55 -2.01 -6.23 14.53
CA GLY A 55 -1.51 -7.34 13.73
C GLY A 55 -0.27 -6.89 13.00
N VAL A 56 -0.21 -7.09 11.67
CA VAL A 56 0.88 -6.58 10.86
C VAL A 56 0.35 -6.03 9.55
N GLN A 57 0.49 -4.71 9.35
CA GLN A 57 -0.10 -4.01 8.22
C GLN A 57 0.82 -2.90 7.70
N ALA A 58 0.44 -2.36 6.55
CA ALA A 58 1.11 -1.23 5.92
C ALA A 58 0.10 -0.47 5.06
N MET A 59 0.47 0.72 4.60
CA MET A 59 -0.40 1.55 3.78
C MET A 59 0.39 2.09 2.59
N VAL A 60 -0.30 2.34 1.48
CA VAL A 60 0.31 2.86 0.26
C VAL A 60 -0.61 3.86 -0.41
N GLU A 61 -0.02 4.90 -1.02
CA GLU A 61 -0.78 5.92 -1.73
C GLU A 61 -0.18 6.18 -3.11
N PHE A 62 -1.05 6.29 -4.11
CA PHE A 62 -0.70 6.49 -5.51
C PHE A 62 -1.01 7.87 -6.07
N ASP A 63 -0.40 8.21 -7.22
CA ASP A 63 -0.64 9.49 -7.87
C ASP A 63 -1.90 9.39 -8.74
N SER A 64 -2.47 8.19 -8.88
CA SER A 64 -3.62 7.98 -9.74
C SER A 64 -4.47 6.79 -9.28
N VAL A 65 -5.78 6.86 -9.54
CA VAL A 65 -6.72 5.81 -9.15
C VAL A 65 -6.44 4.56 -9.99
N GLN A 66 -6.06 4.73 -11.25
CA GLN A 66 -5.81 3.58 -12.12
C GLN A 66 -4.57 2.81 -11.67
N SER A 67 -3.62 3.51 -11.02
CA SER A 67 -2.43 2.87 -10.49
C SER A 67 -2.79 2.10 -9.22
N ALA A 68 -3.79 2.60 -8.47
CA ALA A 68 -4.23 1.97 -7.24
C ALA A 68 -5.06 0.73 -7.54
N GLN A 69 -5.84 0.74 -8.64
CA GLN A 69 -6.67 -0.40 -9.00
C GLN A 69 -5.83 -1.59 -9.44
N ARG A 70 -4.81 -1.36 -10.27
CA ARG A 70 -3.99 -2.45 -10.78
C ARG A 70 -3.04 -2.97 -9.69
N ALA A 71 -2.69 -2.12 -8.71
CA ALA A 71 -1.85 -2.55 -7.60
C ALA A 71 -2.65 -3.48 -6.68
N LYS A 72 -3.90 -3.13 -6.41
CA LYS A 72 -4.77 -3.92 -5.54
C LYS A 72 -5.27 -5.17 -6.25
N ALA A 73 -5.24 -5.19 -7.59
CA ALA A 73 -5.67 -6.34 -8.36
C ALA A 73 -4.52 -7.27 -8.74
N SER A 74 -3.27 -6.83 -8.55
CA SER A 74 -2.11 -7.64 -8.94
C SER A 74 -1.29 -8.09 -7.73
N LEU A 75 -1.18 -7.25 -6.69
CA LEU A 75 -0.38 -7.58 -5.52
C LEU A 75 -1.20 -8.31 -4.46
N ASN A 76 -2.52 -8.44 -4.66
CA ASN A 76 -3.36 -9.17 -3.72
C ASN A 76 -3.07 -10.67 -3.86
N GLY A 77 -2.86 -11.36 -2.74
CA GLY A 77 -2.54 -12.79 -2.73
C GLY A 77 -1.08 -13.05 -3.12
N ALA A 78 -0.33 -11.99 -3.48
CA ALA A 78 1.07 -12.11 -3.83
C ALA A 78 1.93 -12.18 -2.56
N ASP A 79 3.20 -12.56 -2.72
CA ASP A 79 4.15 -12.67 -1.62
C ASP A 79 5.41 -11.84 -1.79
N ILE A 80 5.88 -11.21 -0.71
CA ILE A 80 7.09 -10.40 -0.74
C ILE A 80 8.32 -11.30 -0.80
N TYR A 81 8.29 -12.40 -0.03
CA TYR A 81 9.35 -13.38 0.03
C TYR A 81 9.37 -14.47 -1.05
N SER A 82 8.28 -14.56 -1.83
CA SER A 82 8.09 -15.62 -2.82
C SER A 82 7.96 -16.99 -2.14
N GLY A 83 7.34 -16.99 -0.96
CA GLY A 83 7.10 -18.19 -0.17
C GLY A 83 6.47 -17.85 1.18
N CYS A 84 6.66 -16.61 1.65
CA CYS A 84 6.11 -16.11 2.90
C CYS A 84 5.79 -14.61 2.76
N CYS A 85 5.33 -13.98 3.82
CA CYS A 85 4.93 -12.57 3.80
C CYS A 85 3.82 -12.31 2.77
N THR A 86 2.89 -13.26 2.64
CA THR A 86 1.73 -13.11 1.76
C THR A 86 0.89 -11.87 2.03
N LEU A 87 0.27 -11.31 0.98
CA LEU A 87 -0.43 -10.04 1.08
C LEU A 87 -1.93 -10.17 0.83
N LYS A 88 -2.66 -9.20 1.39
CA LYS A 88 -4.06 -8.94 1.12
C LYS A 88 -4.24 -7.44 1.01
N ILE A 89 -5.08 -6.99 0.06
CA ILE A 89 -5.19 -5.57 -0.23
C ILE A 89 -6.63 -5.17 -0.54
N GLU A 90 -7.02 -3.99 -0.06
CA GLU A 90 -8.31 -3.39 -0.35
C GLU A 90 -8.22 -1.88 -0.17
N TYR A 91 -9.20 -1.14 -0.69
CA TYR A 91 -9.22 0.30 -0.52
C TYR A 91 -9.31 0.81 0.92
N ALA A 92 -8.53 1.84 1.23
CA ALA A 92 -8.50 2.44 2.56
C ALA A 92 -9.52 3.58 2.67
N LYS A 93 -9.96 3.91 3.88
CA LYS A 93 -10.94 4.97 4.05
C LYS A 93 -10.33 6.37 4.23
N PRO A 94 -9.14 6.56 4.81
CA PRO A 94 -8.52 7.88 4.91
C PRO A 94 -7.85 8.25 3.58
N THR A 95 -7.46 9.52 3.43
CA THR A 95 -6.90 10.01 2.17
C THR A 95 -5.68 10.93 2.25
N ARG A 96 -5.09 11.12 3.43
CA ARG A 96 -3.91 11.98 3.55
C ARG A 96 -3.07 11.63 4.77
N LEU A 97 -1.76 11.43 4.56
CA LEU A 97 -0.80 11.15 5.62
C LEU A 97 -0.17 12.43 6.13
N ASN A 98 0.35 12.38 7.36
CA ASN A 98 1.12 13.46 7.96
C ASN A 98 2.54 12.97 8.25
N VAL A 99 3.22 12.45 7.21
CA VAL A 99 4.56 11.88 7.35
C VAL A 99 5.58 12.84 7.96
N PHE A 100 6.53 12.29 8.72
CA PHE A 100 7.54 13.08 9.42
C PHE A 100 8.99 12.62 9.29
N LYS A 101 9.22 11.52 8.59
CA LYS A 101 10.55 10.92 8.50
C LYS A 101 10.63 9.96 7.31
N ASN A 102 11.86 9.66 6.87
CA ASN A 102 12.11 8.66 5.84
C ASN A 102 13.07 7.59 6.38
N ASP A 103 12.56 6.37 6.58
CA ASP A 103 13.33 5.23 7.07
C ASP A 103 12.60 3.95 6.65
N GLN A 104 13.04 2.81 7.18
CA GLN A 104 12.51 1.51 6.78
C GLN A 104 11.05 1.27 7.22
N ASP A 105 10.50 2.13 8.07
CA ASP A 105 9.12 1.97 8.55
C ASP A 105 8.15 3.03 8.04
N THR A 106 8.68 4.18 7.65
CA THR A 106 7.92 5.32 7.14
C THR A 106 8.62 6.03 6.00
N TRP A 107 7.91 6.44 4.95
CA TRP A 107 8.58 7.08 3.83
C TRP A 107 7.60 7.93 3.02
N ASP A 108 8.14 8.91 2.32
CA ASP A 108 7.39 9.75 1.39
C ASP A 108 8.16 9.95 0.09
N TYR A 109 7.59 9.44 -1.01
CA TYR A 109 8.24 9.39 -2.30
C TYR A 109 8.26 10.68 -3.14
N THR A 110 7.84 11.79 -2.55
CA THR A 110 7.80 13.08 -3.25
C THR A 110 8.25 14.25 -2.38
N ASN A 111 8.22 14.13 -1.06
CA ASN A 111 8.75 15.16 -0.18
C ASN A 111 10.20 14.82 0.20
N PRO A 112 11.18 15.60 -0.24
CA PRO A 112 12.59 15.36 0.03
C PRO A 112 13.01 15.89 1.41
N ASN A 113 12.17 16.73 2.04
CA ASN A 113 12.53 17.37 3.29
C ASN A 113 12.52 16.41 4.47
N LEU A 114 11.87 15.26 4.34
CA LEU A 114 11.80 14.28 5.42
C LEU A 114 13.03 13.37 5.44
N SER A 115 13.90 13.47 4.44
CA SER A 115 15.10 12.65 4.36
C SER A 115 16.19 13.16 5.32
N GLY A 116 16.03 14.36 5.86
CA GLY A 116 16.98 14.93 6.81
C GLY A 116 16.69 14.46 8.24
N GLN A 117 15.55 13.81 8.45
CA GLN A 117 15.15 13.32 9.76
C GLN A 117 15.71 11.91 10.01
N GLY A 118 15.75 11.50 11.28
CA GLY A 118 16.24 10.18 11.66
C GLY A 118 16.20 9.99 13.17
N GLN A 1 -31.62 2.32 -9.37
CA GLN A 1 -32.73 1.97 -8.47
C GLN A 1 -32.53 0.58 -7.88
N LYS A 2 -32.87 0.41 -6.60
CA LYS A 2 -32.69 -0.82 -5.83
C LYS A 2 -31.22 -1.22 -5.71
N ILE A 3 -30.89 -1.97 -4.66
CA ILE A 3 -29.53 -2.45 -4.42
C ILE A 3 -29.16 -3.53 -5.43
N SER A 4 -27.88 -3.59 -5.80
CA SER A 4 -27.39 -4.56 -6.76
C SER A 4 -25.90 -4.85 -6.51
N ARG A 5 -25.40 -5.95 -7.06
CA ARG A 5 -24.01 -6.37 -6.86
C ARG A 5 -22.99 -5.51 -7.60
N PRO A 6 -23.26 -5.05 -8.84
CA PRO A 6 -22.35 -4.19 -9.58
C PRO A 6 -22.04 -2.91 -8.82
N GLY A 7 -20.80 -2.41 -8.97
CA GLY A 7 -20.36 -1.16 -8.36
C GLY A 7 -20.13 -1.26 -6.86
N ASP A 8 -20.41 -2.41 -6.25
CA ASP A 8 -20.22 -2.62 -4.82
C ASP A 8 -18.74 -2.94 -4.53
N SER A 9 -17.95 -3.21 -5.58
CA SER A 9 -16.53 -3.50 -5.43
C SER A 9 -15.79 -2.24 -4.97
N ASP A 10 -14.70 -2.42 -4.22
CA ASP A 10 -13.98 -1.30 -3.65
C ASP A 10 -13.39 -0.35 -4.71
N ASP A 11 -13.19 -0.86 -5.93
CA ASP A 11 -12.68 -0.08 -7.05
C ASP A 11 -13.72 0.76 -7.77
N SER A 12 -14.94 0.84 -7.22
CA SER A 12 -16.03 1.58 -7.84
C SER A 12 -16.85 2.41 -6.84
N ARG A 13 -16.50 2.34 -5.55
CA ARG A 13 -17.20 3.11 -4.52
C ARG A 13 -16.28 3.51 -3.36
N SER A 14 -14.98 3.27 -3.50
CA SER A 14 -14.00 3.60 -2.47
C SER A 14 -12.66 4.03 -3.07
N VAL A 15 -12.66 4.39 -4.35
CA VAL A 15 -11.44 4.79 -5.07
C VAL A 15 -11.00 6.14 -4.51
N ASN A 16 -9.92 6.12 -3.71
CA ASN A 16 -9.31 7.31 -3.14
C ASN A 16 -7.79 7.34 -3.36
N SER A 17 -7.27 6.43 -4.20
CA SER A 17 -5.84 6.29 -4.44
C SER A 17 -5.05 5.85 -3.21
N VAL A 18 -5.70 5.24 -2.21
CA VAL A 18 -5.03 4.75 -1.01
C VAL A 18 -5.44 3.31 -0.71
N LEU A 19 -4.46 2.45 -0.43
CA LEU A 19 -4.66 1.03 -0.23
C LEU A 19 -4.15 0.60 1.14
N LEU A 20 -4.78 -0.44 1.70
CA LEU A 20 -4.30 -1.10 2.90
C LEU A 20 -3.64 -2.42 2.50
N PHE A 21 -2.48 -2.69 3.09
CA PHE A 21 -1.70 -3.90 2.88
C PHE A 21 -1.57 -4.78 4.12
N THR A 22 -2.31 -5.89 4.16
CA THR A 22 -2.20 -6.86 5.24
C THR A 22 -1.17 -7.95 4.97
N ILE A 23 -0.31 -8.25 5.96
CA ILE A 23 0.68 -9.31 5.83
C ILE A 23 0.20 -10.52 6.60
N LEU A 24 0.10 -11.67 5.92
CA LEU A 24 -0.48 -12.88 6.50
C LEU A 24 0.57 -13.75 7.18
N ASN A 25 1.86 -13.56 6.86
CA ASN A 25 2.95 -14.32 7.45
C ASN A 25 4.15 -13.41 7.68
N PRO A 26 4.12 -12.60 8.74
CA PRO A 26 5.15 -11.64 9.10
C PRO A 26 6.38 -12.31 9.74
N ILE A 27 6.87 -13.41 9.16
CA ILE A 27 8.03 -14.12 9.68
C ILE A 27 9.30 -13.29 9.47
N TYR A 28 9.18 -12.13 8.80
CA TYR A 28 10.27 -11.19 8.59
C TYR A 28 9.89 -9.73 8.77
N SER A 29 10.88 -8.88 9.07
CA SER A 29 10.64 -7.45 9.24
C SER A 29 10.29 -6.81 7.91
N ILE A 30 9.04 -6.34 7.79
CA ILE A 30 8.57 -5.65 6.59
C ILE A 30 9.08 -4.21 6.61
N THR A 31 9.45 -3.70 5.44
CA THR A 31 9.93 -2.33 5.28
C THR A 31 9.33 -1.58 4.11
N THR A 32 9.41 -0.26 4.11
CA THR A 32 8.91 0.54 3.00
C THR A 32 9.65 0.31 1.67
N ASP A 33 10.84 -0.27 1.72
CA ASP A 33 11.62 -0.52 0.52
C ASP A 33 11.08 -1.71 -0.27
N VAL A 34 10.78 -2.81 0.42
CA VAL A 34 10.22 -4.00 -0.24
C VAL A 34 8.79 -3.77 -0.71
N LEU A 35 8.02 -2.94 0.01
CA LEU A 35 6.67 -2.61 -0.40
C LEU A 35 6.71 -1.69 -1.61
N TYR A 36 7.71 -0.80 -1.69
CA TYR A 36 7.89 0.03 -2.86
C TYR A 36 8.39 -0.73 -4.08
N THR A 37 9.15 -1.81 -3.84
CA THR A 37 9.71 -2.63 -4.90
C THR A 37 8.58 -3.34 -5.63
N ILE A 38 7.52 -3.74 -4.90
CA ILE A 38 6.38 -4.41 -5.53
C ILE A 38 5.30 -3.41 -5.96
N CYS A 39 5.24 -2.21 -5.37
CA CYS A 39 4.23 -1.22 -5.72
C CYS A 39 4.66 -0.28 -6.83
N ASN A 40 5.97 -0.10 -7.03
CA ASN A 40 6.49 0.78 -8.06
C ASN A 40 6.14 0.33 -9.49
N PRO A 41 6.25 -0.97 -9.84
CA PRO A 41 5.87 -1.43 -11.17
C PRO A 41 4.36 -1.35 -11.38
N CYS A 42 3.58 -1.17 -10.30
CA CYS A 42 2.13 -1.02 -10.41
C CYS A 42 1.75 0.44 -10.67
N GLY A 43 2.68 1.38 -10.43
CA GLY A 43 2.44 2.79 -10.67
C GLY A 43 3.34 3.66 -9.79
N PRO A 44 3.33 4.98 -10.03
CA PRO A 44 4.13 5.94 -9.29
C PRO A 44 3.62 6.08 -7.86
N VAL A 45 4.27 5.38 -6.93
CA VAL A 45 3.94 5.45 -5.51
C VAL A 45 4.34 6.84 -5.00
N GLN A 46 3.57 7.37 -4.05
CA GLN A 46 3.86 8.67 -3.48
C GLN A 46 4.21 8.56 -1.99
N ARG A 47 3.55 7.67 -1.25
CA ARG A 47 3.80 7.49 0.17
C ARG A 47 3.60 6.05 0.64
N ILE A 48 4.33 5.66 1.70
CA ILE A 48 4.22 4.35 2.33
C ILE A 48 4.50 4.48 3.84
N VAL A 49 3.70 3.79 4.66
CA VAL A 49 3.91 3.71 6.09
C VAL A 49 3.53 2.32 6.61
N ILE A 50 4.00 1.97 7.81
CA ILE A 50 3.80 0.65 8.37
C ILE A 50 3.40 0.74 9.84
N PHE A 51 2.50 -0.14 10.27
CA PHE A 51 2.07 -0.22 11.66
C PHE A 51 1.90 -1.63 12.22
N ARG A 52 1.99 -1.75 13.55
CA ARG A 52 2.00 -3.03 14.25
C ARG A 52 0.95 -3.05 15.36
N LYS A 53 0.01 -2.10 15.34
CA LYS A 53 -0.91 -1.86 16.45
C LYS A 53 -1.85 -3.02 16.75
N ASN A 54 -2.26 -3.80 15.76
CA ASN A 54 -3.14 -4.95 15.95
C ASN A 54 -2.62 -6.21 15.27
N GLY A 55 -1.40 -6.15 14.74
CA GLY A 55 -0.81 -7.23 13.96
C GLY A 55 0.36 -6.68 13.16
N VAL A 56 0.33 -6.86 11.84
CA VAL A 56 1.34 -6.31 10.95
C VAL A 56 0.68 -5.84 9.66
N GLN A 57 0.70 -4.53 9.42
CA GLN A 57 0.07 -3.95 8.24
C GLN A 57 0.90 -2.81 7.69
N ALA A 58 0.59 -2.39 6.47
CA ALA A 58 1.22 -1.25 5.82
C ALA A 58 0.19 -0.54 4.95
N MET A 59 0.50 0.69 4.52
CA MET A 59 -0.39 1.48 3.69
C MET A 59 0.39 2.08 2.53
N VAL A 60 -0.30 2.34 1.42
CA VAL A 60 0.31 2.88 0.22
C VAL A 60 -0.59 3.94 -0.42
N GLU A 61 0.00 4.97 -1.00
CA GLU A 61 -0.73 6.04 -1.66
C GLU A 61 -0.17 6.30 -3.06
N PHE A 62 -1.08 6.39 -4.03
CA PHE A 62 -0.76 6.57 -5.44
C PHE A 62 -1.04 7.96 -6.03
N ASP A 63 -0.42 8.27 -7.16
CA ASP A 63 -0.63 9.55 -7.84
C ASP A 63 -1.90 9.46 -8.71
N SER A 64 -2.49 8.26 -8.84
CA SER A 64 -3.66 8.07 -9.68
C SER A 64 -4.48 6.88 -9.21
N VAL A 65 -5.80 6.95 -9.44
CA VAL A 65 -6.73 5.88 -9.06
C VAL A 65 -6.46 4.66 -9.91
N GLN A 66 -6.10 4.83 -11.18
CA GLN A 66 -5.88 3.70 -12.08
C GLN A 66 -4.63 2.92 -11.67
N SER A 67 -3.66 3.58 -11.04
CA SER A 67 -2.47 2.93 -10.55
C SER A 67 -2.82 2.14 -9.29
N ALA A 68 -3.77 2.64 -8.50
CA ALA A 68 -4.20 2.00 -7.28
C ALA A 68 -5.11 0.81 -7.58
N GLN A 69 -5.85 0.85 -8.69
CA GLN A 69 -6.73 -0.24 -9.08
C GLN A 69 -5.93 -1.46 -9.52
N ARG A 70 -4.89 -1.26 -10.33
CA ARG A 70 -4.10 -2.38 -10.82
C ARG A 70 -3.17 -2.92 -9.73
N ALA A 71 -2.82 -2.09 -8.74
CA ALA A 71 -1.99 -2.55 -7.62
C ALA A 71 -2.80 -3.47 -6.71
N LYS A 72 -4.08 -3.14 -6.50
CA LYS A 72 -4.96 -3.94 -5.65
C LYS A 72 -5.38 -5.22 -6.40
N ALA A 73 -5.38 -5.19 -7.73
CA ALA A 73 -5.77 -6.32 -8.54
C ALA A 73 -4.59 -7.23 -8.90
N SER A 74 -3.35 -6.80 -8.64
CA SER A 74 -2.18 -7.58 -9.02
C SER A 74 -1.35 -8.03 -7.81
N LEU A 75 -1.23 -7.20 -6.78
CA LEU A 75 -0.43 -7.54 -5.61
C LEU A 75 -1.23 -8.30 -4.56
N ASN A 76 -2.55 -8.42 -4.74
CA ASN A 76 -3.37 -9.16 -3.81
C ASN A 76 -3.09 -10.65 -3.96
N GLY A 77 -2.89 -11.36 -2.84
CA GLY A 77 -2.58 -12.78 -2.86
C GLY A 77 -1.12 -13.05 -3.22
N ALA A 78 -0.38 -12.01 -3.59
CA ALA A 78 1.04 -12.13 -3.92
C ALA A 78 1.88 -12.22 -2.65
N ASP A 79 3.15 -12.61 -2.78
CA ASP A 79 4.08 -12.71 -1.67
C ASP A 79 5.37 -11.90 -1.83
N ILE A 80 5.82 -11.28 -0.73
CA ILE A 80 7.04 -10.47 -0.74
C ILE A 80 8.26 -11.38 -0.78
N TYR A 81 8.22 -12.47 -0.01
CA TYR A 81 9.27 -13.47 0.07
C TYR A 81 9.28 -14.55 -1.01
N SER A 82 8.19 -14.65 -1.78
CA SER A 82 8.00 -15.70 -2.77
C SER A 82 7.88 -17.07 -2.10
N GLY A 83 7.25 -17.07 -0.92
CA GLY A 83 7.00 -18.28 -0.14
C GLY A 83 6.36 -17.94 1.20
N CYS A 84 6.56 -16.70 1.68
CA CYS A 84 6.00 -16.18 2.92
C CYS A 84 5.69 -14.70 2.74
N CYS A 85 5.22 -14.04 3.80
CA CYS A 85 4.83 -12.63 3.75
C CYS A 85 3.73 -12.37 2.70
N THR A 86 2.80 -13.32 2.57
CA THR A 86 1.65 -13.16 1.69
C THR A 86 0.82 -11.90 1.94
N LEU A 87 0.19 -11.36 0.90
CA LEU A 87 -0.51 -10.10 0.99
C LEU A 87 -2.01 -10.20 0.75
N LYS A 88 -2.73 -9.24 1.34
CA LYS A 88 -4.14 -8.99 1.09
C LYS A 88 -4.31 -7.47 0.97
N ILE A 89 -5.12 -7.02 0.00
CA ILE A 89 -5.18 -5.60 -0.32
C ILE A 89 -6.61 -5.17 -0.61
N GLU A 90 -6.95 -3.94 -0.17
CA GLU A 90 -8.24 -3.33 -0.46
C GLU A 90 -8.13 -1.82 -0.24
N TYR A 91 -9.08 -1.05 -0.79
CA TYR A 91 -9.11 0.38 -0.57
C TYR A 91 -9.22 0.83 0.89
N ALA A 92 -8.49 1.88 1.24
CA ALA A 92 -8.45 2.38 2.60
C ALA A 92 -9.55 3.41 2.89
N LYS A 93 -9.78 3.69 4.17
CA LYS A 93 -10.79 4.66 4.60
C LYS A 93 -10.28 6.11 4.47
N PRO A 94 -9.10 6.45 5.01
CA PRO A 94 -8.55 7.80 4.91
C PRO A 94 -7.98 8.06 3.51
N THR A 95 -7.53 9.30 3.27
CA THR A 95 -7.03 9.71 1.96
C THR A 95 -5.71 10.50 1.93
N ARG A 96 -5.13 10.83 3.07
CA ARG A 96 -3.90 11.62 3.10
C ARG A 96 -3.13 11.46 4.41
N LEU A 97 -1.82 11.18 4.30
CA LEU A 97 -0.91 11.04 5.43
C LEU A 97 -0.36 12.40 5.87
N ASN A 98 0.22 12.42 7.07
CA ASN A 98 0.97 13.55 7.60
C ASN A 98 2.40 13.11 7.91
N VAL A 99 3.08 12.52 6.91
CA VAL A 99 4.42 11.96 7.07
C VAL A 99 5.43 12.93 7.68
N PHE A 100 6.38 12.39 8.45
CA PHE A 100 7.38 13.18 9.15
C PHE A 100 8.82 12.64 9.14
N LYS A 101 9.04 11.48 8.51
CA LYS A 101 10.33 10.81 8.58
C LYS A 101 10.51 9.82 7.42
N ASN A 102 11.76 9.45 7.16
CA ASN A 102 12.12 8.43 6.17
C ASN A 102 12.98 7.36 6.85
N ASP A 103 12.43 6.16 7.04
CA ASP A 103 13.13 5.03 7.62
C ASP A 103 12.39 3.74 7.20
N GLN A 104 12.69 2.62 7.85
CA GLN A 104 12.15 1.33 7.48
C GLN A 104 10.65 1.19 7.75
N ASP A 105 10.03 2.14 8.47
CA ASP A 105 8.61 2.09 8.80
C ASP A 105 7.78 3.25 8.22
N THR A 106 8.43 4.33 7.80
CA THR A 106 7.79 5.51 7.26
C THR A 106 8.56 6.11 6.09
N TRP A 107 7.87 6.60 5.06
CA TRP A 107 8.57 7.19 3.92
C TRP A 107 7.61 8.03 3.08
N ASP A 108 8.17 8.98 2.33
CA ASP A 108 7.42 9.76 1.35
C ASP A 108 8.27 10.02 0.11
N TYR A 109 7.78 9.55 -1.04
CA TYR A 109 8.51 9.57 -2.31
C TYR A 109 8.49 10.89 -3.09
N THR A 110 7.91 11.95 -2.51
CA THR A 110 7.79 13.23 -3.18
C THR A 110 8.00 14.45 -2.29
N ASN A 111 8.03 14.26 -0.96
CA ASN A 111 8.27 15.35 -0.03
C ASN A 111 9.76 15.41 0.35
N PRO A 112 10.47 16.48 -0.06
CA PRO A 112 11.89 16.65 0.23
C PRO A 112 12.15 17.22 1.63
N ASN A 113 11.11 17.74 2.29
CA ASN A 113 11.26 18.43 3.57
C ASN A 113 11.54 17.49 4.73
N LEU A 114 11.48 16.17 4.50
CA LEU A 114 11.71 15.19 5.55
C LEU A 114 13.20 14.97 5.82
N SER A 115 14.07 15.68 5.09
CA SER A 115 15.51 15.56 5.25
C SER A 115 15.99 16.20 6.56
N GLY A 116 15.08 16.80 7.33
CA GLY A 116 15.40 17.43 8.60
C GLY A 116 15.67 16.40 9.70
N GLN A 117 15.38 15.12 9.44
CA GLN A 117 15.63 14.05 10.38
C GLN A 117 17.12 13.75 10.52
N GLY A 118 17.51 13.08 11.61
CA GLY A 118 18.90 12.73 11.87
C GLY A 118 19.02 11.98 13.20
N GLN A 1 -26.89 -6.64 -13.61
CA GLN A 1 -28.10 -7.13 -14.31
C GLN A 1 -29.36 -6.51 -13.74
N LYS A 2 -29.70 -6.84 -12.48
CA LYS A 2 -30.85 -6.28 -11.80
C LYS A 2 -30.61 -6.32 -10.29
N ILE A 3 -31.17 -5.35 -9.57
CA ILE A 3 -30.93 -5.17 -8.14
C ILE A 3 -29.43 -5.05 -7.83
N SER A 4 -28.63 -4.67 -8.84
CA SER A 4 -27.19 -4.53 -8.68
C SER A 4 -26.86 -3.32 -7.82
N ARG A 5 -25.67 -3.33 -7.20
CA ARG A 5 -25.19 -2.26 -6.33
C ARG A 5 -23.70 -2.04 -6.55
N PRO A 6 -23.21 -0.81 -6.34
CA PRO A 6 -21.80 -0.46 -6.50
C PRO A 6 -20.93 -1.10 -5.41
N GLY A 7 -21.55 -1.62 -4.34
CA GLY A 7 -20.85 -2.25 -3.23
C GLY A 7 -20.24 -3.60 -3.62
N ASP A 8 -20.46 -4.03 -4.86
CA ASP A 8 -19.97 -5.33 -5.34
C ASP A 8 -18.44 -5.35 -5.46
N SER A 9 -17.83 -4.16 -5.53
CA SER A 9 -16.38 -4.02 -5.63
C SER A 9 -15.96 -2.64 -5.17
N ASP A 10 -14.73 -2.52 -4.64
CA ASP A 10 -14.21 -1.25 -4.18
C ASP A 10 -13.77 -0.30 -5.30
N ASP A 11 -13.79 -0.78 -6.54
CA ASP A 11 -13.40 -0.01 -7.71
C ASP A 11 -14.37 1.08 -8.15
N SER A 12 -15.48 1.26 -7.42
CA SER A 12 -16.49 2.26 -7.81
C SER A 12 -17.18 2.90 -6.61
N ARG A 13 -16.72 2.62 -5.38
CA ARG A 13 -17.33 3.19 -4.18
C ARG A 13 -16.32 3.47 -3.07
N SER A 14 -15.03 3.27 -3.34
CA SER A 14 -13.97 3.52 -2.36
C SER A 14 -12.67 3.98 -3.02
N VAL A 15 -12.72 4.35 -4.30
CA VAL A 15 -11.52 4.75 -5.05
C VAL A 15 -11.06 6.10 -4.52
N ASN A 16 -9.98 6.10 -3.74
CA ASN A 16 -9.37 7.30 -3.19
C ASN A 16 -7.86 7.33 -3.42
N SER A 17 -7.34 6.42 -4.24
CA SER A 17 -5.91 6.28 -4.52
C SER A 17 -5.09 5.83 -3.31
N VAL A 18 -5.74 5.23 -2.30
CA VAL A 18 -5.05 4.72 -1.11
C VAL A 18 -5.45 3.26 -0.85
N LEU A 19 -4.51 2.45 -0.38
CA LEU A 19 -4.73 1.03 -0.17
C LEU A 19 -4.17 0.57 1.17
N LEU A 20 -4.81 -0.45 1.76
CA LEU A 20 -4.32 -1.11 2.95
C LEU A 20 -3.66 -2.43 2.55
N PHE A 21 -2.49 -2.69 3.13
CA PHE A 21 -1.70 -3.90 2.92
C PHE A 21 -1.59 -4.80 4.13
N THR A 22 -2.37 -5.88 4.17
CA THR A 22 -2.29 -6.88 5.23
C THR A 22 -1.26 -7.97 4.97
N ILE A 23 -0.44 -8.29 5.98
CA ILE A 23 0.55 -9.35 5.85
C ILE A 23 0.05 -10.58 6.61
N LEU A 24 0.01 -11.73 5.93
CA LEU A 24 -0.60 -12.94 6.46
C LEU A 24 0.42 -13.85 7.12
N ASN A 25 1.72 -13.66 6.84
CA ASN A 25 2.79 -14.45 7.44
C ASN A 25 3.99 -13.54 7.73
N PRO A 26 3.93 -12.78 8.83
CA PRO A 26 4.94 -11.82 9.24
C PRO A 26 6.15 -12.51 9.88
N ILE A 27 6.70 -13.54 9.23
CA ILE A 27 7.88 -14.24 9.73
C ILE A 27 9.11 -13.33 9.63
N TYR A 28 8.97 -12.17 9.00
CA TYR A 28 9.98 -11.14 8.88
C TYR A 28 9.41 -9.73 9.00
N SER A 29 10.24 -8.76 9.41
CA SER A 29 9.76 -7.39 9.52
C SER A 29 9.62 -6.76 8.13
N ILE A 30 8.48 -6.14 7.88
CA ILE A 30 8.21 -5.48 6.60
C ILE A 30 8.87 -4.11 6.57
N THR A 31 9.29 -3.66 5.39
CA THR A 31 9.88 -2.35 5.18
C THR A 31 9.34 -1.59 3.98
N THR A 32 9.46 -0.26 3.97
CA THR A 32 9.00 0.52 2.83
C THR A 32 9.74 0.24 1.52
N ASP A 33 10.92 -0.36 1.59
CA ASP A 33 11.71 -0.66 0.42
C ASP A 33 11.13 -1.83 -0.37
N VAL A 34 10.78 -2.92 0.33
CA VAL A 34 10.20 -4.08 -0.31
C VAL A 34 8.78 -3.82 -0.78
N LEU A 35 8.04 -2.97 -0.06
CA LEU A 35 6.69 -2.60 -0.47
C LEU A 35 6.77 -1.70 -1.69
N TYR A 36 7.77 -0.82 -1.76
CA TYR A 36 7.97 0.02 -2.94
C TYR A 36 8.46 -0.77 -4.16
N THR A 37 9.21 -1.84 -3.91
CA THR A 37 9.77 -2.66 -4.98
C THR A 37 8.60 -3.37 -5.69
N ILE A 38 7.54 -3.73 -4.97
CA ILE A 38 6.40 -4.40 -5.59
C ILE A 38 5.33 -3.39 -6.04
N CYS A 39 5.26 -2.21 -5.41
CA CYS A 39 4.25 -1.22 -5.76
C CYS A 39 4.68 -0.29 -6.90
N ASN A 40 5.98 -0.07 -7.07
CA ASN A 40 6.49 0.82 -8.10
C ASN A 40 6.20 0.35 -9.53
N PRO A 41 6.34 -0.95 -9.86
CA PRO A 41 6.01 -1.44 -11.19
C PRO A 41 4.50 -1.40 -11.44
N CYS A 42 3.70 -1.22 -10.39
CA CYS A 42 2.24 -1.11 -10.52
C CYS A 42 1.81 0.35 -10.70
N GLY A 43 2.74 1.30 -10.54
CA GLY A 43 2.45 2.72 -10.73
C GLY A 43 3.35 3.58 -9.85
N PRO A 44 3.37 4.90 -10.10
CA PRO A 44 4.18 5.85 -9.36
C PRO A 44 3.66 6.00 -7.93
N VAL A 45 4.34 5.37 -6.97
CA VAL A 45 4.00 5.46 -5.57
C VAL A 45 4.32 6.86 -5.06
N GLN A 46 3.51 7.36 -4.13
CA GLN A 46 3.71 8.68 -3.55
C GLN A 46 4.07 8.59 -2.07
N ARG A 47 3.44 7.67 -1.32
CA ARG A 47 3.73 7.52 0.11
C ARG A 47 3.54 6.08 0.58
N ILE A 48 4.28 5.71 1.63
CA ILE A 48 4.19 4.39 2.26
C ILE A 48 4.46 4.50 3.76
N VAL A 49 3.64 3.83 4.57
CA VAL A 49 3.84 3.72 6.01
C VAL A 49 3.52 2.34 6.54
N ILE A 50 4.02 2.00 7.72
CA ILE A 50 3.89 0.66 8.30
C ILE A 50 3.51 0.77 9.78
N PHE A 51 2.67 -0.16 10.24
CA PHE A 51 2.28 -0.25 11.65
C PHE A 51 2.10 -1.66 12.19
N ARG A 52 2.24 -1.81 13.52
CA ARG A 52 2.21 -3.10 14.19
C ARG A 52 1.18 -3.10 15.32
N LYS A 53 0.25 -2.14 15.29
CA LYS A 53 -0.66 -1.87 16.41
C LYS A 53 -1.62 -3.02 16.73
N ASN A 54 -2.05 -3.78 15.73
CA ASN A 54 -2.97 -4.89 15.93
C ASN A 54 -2.48 -6.18 15.26
N GLY A 55 -1.26 -6.14 14.71
CA GLY A 55 -0.71 -7.23 13.93
C GLY A 55 0.47 -6.70 13.12
N VAL A 56 0.42 -6.88 11.80
CA VAL A 56 1.44 -6.34 10.91
C VAL A 56 0.78 -5.88 9.62
N GLN A 57 0.82 -4.56 9.39
CA GLN A 57 0.16 -3.96 8.24
C GLN A 57 1.00 -2.82 7.67
N ALA A 58 0.64 -2.39 6.46
CA ALA A 58 1.26 -1.26 5.80
C ALA A 58 0.23 -0.54 4.94
N MET A 59 0.54 0.68 4.52
CA MET A 59 -0.36 1.47 3.69
C MET A 59 0.41 2.06 2.51
N VAL A 60 -0.28 2.31 1.40
CA VAL A 60 0.33 2.84 0.18
C VAL A 60 -0.60 3.87 -0.47
N GLU A 61 -0.02 4.89 -1.09
CA GLU A 61 -0.79 5.91 -1.78
C GLU A 61 -0.20 6.17 -3.17
N PHE A 62 -1.09 6.28 -4.16
CA PHE A 62 -0.74 6.44 -5.56
C PHE A 62 -1.01 7.83 -6.15
N ASP A 63 -0.40 8.11 -7.30
CA ASP A 63 -0.57 9.39 -7.98
C ASP A 63 -1.94 9.41 -8.68
N SER A 64 -2.57 8.23 -8.88
CA SER A 64 -3.85 8.15 -9.55
C SER A 64 -4.62 6.90 -9.13
N VAL A 65 -5.94 6.92 -9.34
CA VAL A 65 -6.81 5.81 -8.98
C VAL A 65 -6.49 4.62 -9.86
N GLN A 66 -6.13 4.84 -11.13
CA GLN A 66 -5.85 3.76 -12.05
C GLN A 66 -4.60 3.00 -11.64
N SER A 67 -3.67 3.66 -10.95
CA SER A 67 -2.46 3.00 -10.46
C SER A 67 -2.80 2.17 -9.23
N ALA A 68 -3.76 2.61 -8.42
CA ALA A 68 -4.18 1.88 -7.24
C ALA A 68 -5.06 0.68 -7.61
N GLN A 69 -5.85 0.79 -8.68
CA GLN A 69 -6.71 -0.31 -9.11
C GLN A 69 -5.89 -1.50 -9.61
N ARG A 70 -4.85 -1.24 -10.42
CA ARG A 70 -4.03 -2.31 -10.95
C ARG A 70 -3.09 -2.87 -9.89
N ALA A 71 -2.73 -2.05 -8.89
CA ALA A 71 -1.87 -2.51 -7.82
C ALA A 71 -2.64 -3.42 -6.87
N LYS A 72 -3.90 -3.06 -6.57
CA LYS A 72 -4.75 -3.82 -5.67
C LYS A 72 -5.23 -5.11 -6.34
N ALA A 73 -5.25 -5.15 -7.67
CA ALA A 73 -5.69 -6.32 -8.41
C ALA A 73 -4.53 -7.25 -8.76
N SER A 74 -3.29 -6.77 -8.70
CA SER A 74 -2.13 -7.56 -9.09
C SER A 74 -1.30 -8.02 -7.88
N LEU A 75 -1.19 -7.20 -6.84
CA LEU A 75 -0.38 -7.54 -5.67
C LEU A 75 -1.19 -8.30 -4.63
N ASN A 76 -2.50 -8.42 -4.80
CA ASN A 76 -3.32 -9.17 -3.87
C ASN A 76 -3.02 -10.66 -4.03
N GLY A 77 -2.85 -11.36 -2.90
CA GLY A 77 -2.52 -12.78 -2.90
C GLY A 77 -1.05 -13.04 -3.24
N ALA A 78 -0.31 -12.00 -3.63
CA ALA A 78 1.12 -12.11 -3.92
C ALA A 78 1.92 -12.19 -2.63
N ASP A 79 3.20 -12.57 -2.74
CA ASP A 79 4.10 -12.65 -1.60
C ASP A 79 5.38 -11.82 -1.72
N ILE A 80 5.80 -11.19 -0.61
CA ILE A 80 6.99 -10.36 -0.59
C ILE A 80 8.24 -11.23 -0.62
N TYR A 81 8.23 -12.31 0.17
CA TYR A 81 9.31 -13.27 0.28
C TYR A 81 9.38 -14.36 -0.78
N SER A 82 8.34 -14.47 -1.60
CA SER A 82 8.21 -15.52 -2.62
C SER A 82 8.08 -16.91 -1.96
N GLY A 83 7.40 -16.94 -0.82
CA GLY A 83 7.13 -18.16 -0.07
C GLY A 83 6.43 -17.86 1.26
N CYS A 84 6.62 -16.63 1.77
CA CYS A 84 5.99 -16.15 3.00
C CYS A 84 5.67 -14.65 2.85
N CYS A 85 5.15 -14.02 3.90
CA CYS A 85 4.71 -12.64 3.85
C CYS A 85 3.65 -12.39 2.78
N THR A 86 2.72 -13.35 2.63
CA THR A 86 1.59 -13.20 1.72
C THR A 86 0.75 -11.96 1.95
N LEU A 87 0.19 -11.40 0.89
CA LEU A 87 -0.50 -10.12 0.95
C LEU A 87 -2.00 -10.24 0.74
N LYS A 88 -2.71 -9.26 1.30
CA LYS A 88 -4.13 -9.00 1.09
C LYS A 88 -4.28 -7.50 0.95
N ILE A 89 -5.07 -7.03 -0.02
CA ILE A 89 -5.15 -5.62 -0.33
C ILE A 89 -6.59 -5.19 -0.61
N GLU A 90 -6.95 -4.00 -0.13
CA GLU A 90 -8.26 -3.41 -0.38
C GLU A 90 -8.18 -1.90 -0.19
N TYR A 91 -9.18 -1.16 -0.68
CA TYR A 91 -9.22 0.28 -0.49
C TYR A 91 -9.30 0.75 0.95
N ALA A 92 -8.49 1.76 1.28
CA ALA A 92 -8.44 2.33 2.62
C ALA A 92 -9.53 3.39 2.78
N LYS A 93 -9.85 3.77 4.02
CA LYS A 93 -10.85 4.81 4.25
C LYS A 93 -10.27 6.22 4.43
N PRO A 94 -9.05 6.43 4.99
CA PRO A 94 -8.47 7.76 5.07
C PRO A 94 -7.91 8.15 3.71
N THR A 95 -7.49 9.42 3.56
CA THR A 95 -7.03 9.94 2.29
C THR A 95 -5.76 10.80 2.27
N ARG A 96 -5.14 11.06 3.43
CA ARG A 96 -3.97 11.91 3.49
C ARG A 96 -3.10 11.61 4.71
N LEU A 97 -1.79 11.43 4.48
CA LEU A 97 -0.81 11.17 5.53
C LEU A 97 -0.20 12.47 6.05
N ASN A 98 0.33 12.41 7.27
CA ASN A 98 1.06 13.49 7.90
C ASN A 98 2.47 13.02 8.24
N VAL A 99 3.17 12.42 7.26
CA VAL A 99 4.50 11.86 7.45
C VAL A 99 5.48 12.85 8.07
N PHE A 100 6.39 12.35 8.91
CA PHE A 100 7.39 13.18 9.58
C PHE A 100 8.84 12.68 9.52
N LYS A 101 9.08 11.55 8.85
CA LYS A 101 10.39 10.94 8.78
C LYS A 101 10.49 9.99 7.59
N ASN A 102 11.73 9.59 7.27
CA ASN A 102 12.04 8.58 6.27
C ASN A 102 12.91 7.50 6.90
N ASP A 103 12.38 6.27 7.03
CA ASP A 103 13.11 5.16 7.61
C ASP A 103 12.48 3.86 7.08
N GLN A 104 12.83 2.72 7.70
CA GLN A 104 12.36 1.41 7.24
C GLN A 104 10.86 1.21 7.48
N ASP A 105 10.23 2.06 8.29
CA ASP A 105 8.80 1.95 8.58
C ASP A 105 7.92 2.91 7.79
N THR A 106 8.41 4.12 7.51
CA THR A 106 7.67 5.12 6.75
C THR A 106 8.53 5.92 5.78
N TRP A 107 7.94 6.35 4.67
CA TRP A 107 8.68 7.06 3.64
C TRP A 107 7.71 7.88 2.80
N ASP A 108 8.21 8.96 2.19
CA ASP A 108 7.43 9.78 1.29
C ASP A 108 8.20 10.12 0.02
N TYR A 109 7.67 9.69 -1.13
CA TYR A 109 8.35 9.75 -2.41
C TYR A 109 8.26 11.07 -3.17
N THR A 110 7.68 12.11 -2.57
CA THR A 110 7.47 13.39 -3.24
C THR A 110 7.66 14.63 -2.38
N ASN A 111 7.66 14.49 -1.05
CA ASN A 111 7.87 15.62 -0.15
C ASN A 111 9.35 15.71 0.26
N PRO A 112 10.07 16.74 -0.17
CA PRO A 112 11.46 16.97 0.20
C PRO A 112 11.61 17.64 1.57
N ASN A 113 10.51 18.18 2.13
CA ASN A 113 10.57 18.96 3.36
C ASN A 113 10.83 18.11 4.61
N LEU A 114 10.79 16.78 4.49
CA LEU A 114 11.06 15.92 5.62
C LEU A 114 12.56 15.90 5.94
N SER A 115 13.40 16.20 4.94
CA SER A 115 14.85 16.25 5.05
C SER A 115 15.48 14.98 5.65
N GLY A 116 14.70 13.90 5.80
CA GLY A 116 15.20 12.68 6.42
C GLY A 116 15.61 12.91 7.87
N GLN A 117 15.15 14.01 8.48
CA GLN A 117 15.55 14.44 9.81
C GLN A 117 17.08 14.62 9.94
N GLY A 118 17.77 14.78 8.80
CA GLY A 118 19.21 14.96 8.78
C GLY A 118 19.60 16.34 9.31
N GLN A 1 -26.40 -7.39 -25.60
CA GLN A 1 -25.56 -6.43 -24.86
C GLN A 1 -24.43 -7.14 -24.13
N LYS A 2 -23.21 -6.60 -24.22
CA LYS A 2 -22.04 -7.17 -23.58
C LYS A 2 -22.12 -7.01 -22.06
N ILE A 3 -21.70 -8.04 -21.32
CA ILE A 3 -21.74 -8.03 -19.86
C ILE A 3 -20.66 -7.10 -19.31
N SER A 4 -20.96 -6.41 -18.21
CA SER A 4 -20.03 -5.50 -17.56
C SER A 4 -20.43 -5.31 -16.10
N ARG A 5 -19.47 -4.91 -15.25
CA ARG A 5 -19.72 -4.71 -13.83
C ARG A 5 -20.63 -3.51 -13.57
N PRO A 6 -21.49 -3.60 -12.53
CA PRO A 6 -22.32 -2.50 -12.09
C PRO A 6 -21.46 -1.46 -11.36
N GLY A 7 -22.02 -0.28 -11.11
CA GLY A 7 -21.32 0.75 -10.36
C GLY A 7 -21.12 0.36 -8.90
N ASP A 8 -21.75 -0.75 -8.46
CA ASP A 8 -21.64 -1.23 -7.09
C ASP A 8 -20.35 -1.99 -6.78
N SER A 9 -19.52 -2.23 -7.80
CA SER A 9 -18.24 -2.92 -7.61
C SER A 9 -17.25 -2.05 -6.85
N ASP A 10 -16.31 -2.69 -6.15
CA ASP A 10 -15.32 -1.99 -5.33
C ASP A 10 -14.56 -0.92 -6.10
N ASP A 11 -14.31 -1.18 -7.39
CA ASP A 11 -13.60 -0.27 -8.28
C ASP A 11 -14.39 0.96 -8.76
N SER A 12 -15.60 1.17 -8.24
CA SER A 12 -16.46 2.25 -8.71
C SER A 12 -17.23 2.97 -7.60
N ARG A 13 -17.06 2.59 -6.34
CA ARG A 13 -17.76 3.26 -5.23
C ARG A 13 -16.96 3.27 -3.92
N SER A 14 -15.68 2.89 -3.98
CA SER A 14 -14.82 2.90 -2.81
C SER A 14 -13.38 3.32 -3.13
N VAL A 15 -13.13 3.70 -4.38
CA VAL A 15 -11.79 4.10 -4.81
C VAL A 15 -11.41 5.50 -4.35
N ASN A 16 -10.28 5.60 -3.64
CA ASN A 16 -9.74 6.88 -3.16
C ASN A 16 -8.25 7.03 -3.48
N SER A 17 -7.71 6.14 -4.31
CA SER A 17 -6.28 6.06 -4.66
C SER A 17 -5.38 5.81 -3.45
N VAL A 18 -5.91 5.20 -2.39
CA VAL A 18 -5.15 4.79 -1.22
C VAL A 18 -5.47 3.35 -0.88
N LEU A 19 -4.46 2.55 -0.51
CA LEU A 19 -4.63 1.13 -0.29
C LEU A 19 -4.08 0.70 1.06
N LEU A 20 -4.58 -0.45 1.55
CA LEU A 20 -4.11 -1.07 2.76
C LEU A 20 -3.49 -2.42 2.42
N PHE A 21 -2.33 -2.70 3.02
CA PHE A 21 -1.59 -3.94 2.83
C PHE A 21 -1.49 -4.82 4.07
N THR A 22 -2.24 -5.93 4.08
CA THR A 22 -2.14 -6.92 5.16
C THR A 22 -1.08 -7.98 4.91
N ILE A 23 -0.38 -8.43 5.95
CA ILE A 23 0.61 -9.48 5.83
C ILE A 23 0.16 -10.70 6.63
N LEU A 24 0.06 -11.86 5.97
CA LEU A 24 -0.50 -13.06 6.59
C LEU A 24 0.52 -13.86 7.38
N ASN A 25 1.80 -13.73 7.05
CA ASN A 25 2.85 -14.50 7.71
C ASN A 25 4.09 -13.61 7.89
N PRO A 26 4.07 -12.74 8.91
CA PRO A 26 5.13 -11.80 9.23
C PRO A 26 6.32 -12.46 9.90
N ILE A 27 6.83 -13.57 9.33
CA ILE A 27 8.01 -14.25 9.87
C ILE A 27 9.25 -13.38 9.70
N TYR A 28 9.11 -12.26 8.99
CA TYR A 28 10.13 -11.24 8.79
C TYR A 28 9.57 -9.83 8.84
N SER A 29 10.38 -8.85 9.25
CA SER A 29 9.91 -7.48 9.34
C SER A 29 9.77 -6.87 7.96
N ILE A 30 8.64 -6.21 7.71
CA ILE A 30 8.37 -5.54 6.45
C ILE A 30 9.00 -4.15 6.45
N THR A 31 9.40 -3.65 5.27
CA THR A 31 9.97 -2.32 5.11
C THR A 31 9.39 -1.52 3.94
N THR A 32 9.47 -0.19 4.02
CA THR A 32 8.96 0.66 2.94
C THR A 32 9.70 0.52 1.61
N ASP A 33 10.94 0.02 1.65
CA ASP A 33 11.73 -0.16 0.44
C ASP A 33 11.26 -1.44 -0.26
N VAL A 34 10.88 -2.46 0.52
CA VAL A 34 10.41 -3.72 -0.01
C VAL A 34 9.02 -3.53 -0.60
N LEU A 35 8.17 -2.77 0.10
CA LEU A 35 6.82 -2.50 -0.38
C LEU A 35 6.88 -1.59 -1.61
N TYR A 36 7.88 -0.70 -1.68
CA TYR A 36 8.08 0.11 -2.87
C TYR A 36 8.58 -0.68 -4.08
N THR A 37 9.32 -1.76 -3.82
CA THR A 37 9.88 -2.58 -4.88
C THR A 37 8.74 -3.34 -5.56
N ILE A 38 7.68 -3.69 -4.82
CA ILE A 38 6.55 -4.40 -5.43
C ILE A 38 5.45 -3.43 -5.88
N CYS A 39 5.40 -2.20 -5.34
CA CYS A 39 4.37 -1.24 -5.71
C CYS A 39 4.77 -0.31 -6.85
N ASN A 40 6.08 -0.06 -7.02
CA ASN A 40 6.57 0.83 -8.07
C ASN A 40 6.29 0.31 -9.48
N PRO A 41 6.42 -0.99 -9.78
CA PRO A 41 6.10 -1.50 -11.11
C PRO A 41 4.60 -1.47 -11.39
N CYS A 42 3.78 -1.21 -10.37
CA CYS A 42 2.34 -1.10 -10.53
C CYS A 42 1.89 0.36 -10.69
N GLY A 43 2.81 1.32 -10.54
CA GLY A 43 2.49 2.73 -10.71
C GLY A 43 3.41 3.61 -9.84
N PRO A 44 3.39 4.93 -10.10
CA PRO A 44 4.18 5.90 -9.35
C PRO A 44 3.64 6.04 -7.93
N VAL A 45 4.33 5.41 -6.98
CA VAL A 45 3.98 5.48 -5.56
C VAL A 45 4.32 6.88 -5.04
N GLN A 46 3.50 7.38 -4.11
CA GLN A 46 3.70 8.69 -3.52
C GLN A 46 4.06 8.59 -2.05
N ARG A 47 3.45 7.67 -1.30
CA ARG A 47 3.73 7.48 0.12
C ARG A 47 3.56 6.02 0.56
N ILE A 48 4.30 5.64 1.60
CA ILE A 48 4.23 4.32 2.22
C ILE A 48 4.44 4.46 3.73
N VAL A 49 3.68 3.70 4.52
CA VAL A 49 3.77 3.73 5.97
C VAL A 49 3.50 2.31 6.47
N ILE A 50 4.05 1.96 7.64
CA ILE A 50 3.93 0.62 8.20
C ILE A 50 3.56 0.69 9.68
N PHE A 51 2.71 -0.22 10.13
CA PHE A 51 2.33 -0.33 11.53
C PHE A 51 2.13 -1.74 12.07
N ARG A 52 2.28 -1.90 13.40
CA ARG A 52 2.25 -3.21 14.04
C ARG A 52 1.24 -3.21 15.19
N LYS A 53 0.30 -2.24 15.20
CA LYS A 53 -0.57 -1.99 16.34
C LYS A 53 -1.55 -3.11 16.66
N ASN A 54 -2.01 -3.86 15.65
CA ASN A 54 -2.95 -4.96 15.85
C ASN A 54 -2.49 -6.24 15.16
N GLY A 55 -1.29 -6.22 14.60
CA GLY A 55 -0.76 -7.31 13.80
C GLY A 55 0.43 -6.77 13.00
N VAL A 56 0.41 -6.96 11.69
CA VAL A 56 1.45 -6.41 10.81
C VAL A 56 0.80 -5.95 9.52
N GLN A 57 0.84 -4.64 9.27
CA GLN A 57 0.19 -4.04 8.11
C GLN A 57 1.02 -2.88 7.57
N ALA A 58 0.63 -2.42 6.38
CA ALA A 58 1.22 -1.25 5.75
C ALA A 58 0.15 -0.50 4.96
N MET A 59 0.46 0.72 4.53
CA MET A 59 -0.44 1.53 3.74
C MET A 59 0.33 2.14 2.57
N VAL A 60 -0.37 2.38 1.46
CA VAL A 60 0.25 2.91 0.25
C VAL A 60 -0.67 3.94 -0.41
N GLU A 61 -0.07 4.94 -1.05
CA GLU A 61 -0.81 5.99 -1.73
C GLU A 61 -0.24 6.23 -3.12
N PHE A 62 -1.13 6.34 -4.12
CA PHE A 62 -0.78 6.50 -5.52
C PHE A 62 -1.04 7.88 -6.13
N ASP A 63 -0.42 8.14 -7.29
CA ASP A 63 -0.59 9.41 -7.99
C ASP A 63 -1.97 9.45 -8.65
N SER A 64 -2.63 8.29 -8.81
CA SER A 64 -3.93 8.23 -9.46
C SER A 64 -4.70 6.97 -9.03
N VAL A 65 -6.01 7.00 -9.25
CA VAL A 65 -6.88 5.88 -8.92
C VAL A 65 -6.54 4.70 -9.83
N GLN A 66 -6.14 4.97 -11.08
CA GLN A 66 -5.85 3.91 -12.03
C GLN A 66 -4.61 3.12 -11.61
N SER A 67 -3.67 3.78 -10.92
CA SER A 67 -2.48 3.12 -10.42
C SER A 67 -2.81 2.28 -9.20
N ALA A 68 -3.81 2.70 -8.41
CA ALA A 68 -4.23 1.95 -7.25
C ALA A 68 -5.07 0.73 -7.65
N GLN A 69 -5.85 0.83 -8.74
CA GLN A 69 -6.68 -0.28 -9.17
C GLN A 69 -5.82 -1.45 -9.68
N ARG A 70 -4.78 -1.16 -10.46
CA ARG A 70 -3.94 -2.21 -11.00
C ARG A 70 -3.01 -2.79 -9.93
N ALA A 71 -2.65 -1.99 -8.93
CA ALA A 71 -1.81 -2.47 -7.84
C ALA A 71 -2.61 -3.36 -6.89
N LYS A 72 -3.87 -3.00 -6.61
CA LYS A 72 -4.72 -3.76 -5.71
C LYS A 72 -5.22 -5.04 -6.37
N ALA A 73 -5.26 -5.08 -7.70
CA ALA A 73 -5.72 -6.25 -8.43
C ALA A 73 -4.56 -7.18 -8.82
N SER A 74 -3.31 -6.71 -8.77
CA SER A 74 -2.16 -7.51 -9.16
C SER A 74 -1.33 -7.99 -7.98
N LEU A 75 -1.20 -7.17 -6.93
CA LEU A 75 -0.37 -7.52 -5.78
C LEU A 75 -1.16 -8.27 -4.71
N ASN A 76 -2.48 -8.38 -4.86
CA ASN A 76 -3.30 -9.12 -3.92
C ASN A 76 -3.03 -10.63 -4.06
N GLY A 77 -2.89 -11.32 -2.94
CA GLY A 77 -2.62 -12.75 -2.93
C GLY A 77 -1.16 -13.08 -3.27
N ALA A 78 -0.38 -12.06 -3.67
CA ALA A 78 1.03 -12.22 -3.95
C ALA A 78 1.82 -12.32 -2.65
N ASP A 79 3.08 -12.74 -2.73
CA ASP A 79 3.95 -12.85 -1.57
C ASP A 79 5.26 -12.07 -1.69
N ILE A 80 5.66 -11.40 -0.60
CA ILE A 80 6.88 -10.59 -0.58
C ILE A 80 8.11 -11.50 -0.60
N TYR A 81 8.07 -12.57 0.21
CA TYR A 81 9.14 -13.54 0.32
C TYR A 81 9.18 -14.65 -0.72
N SER A 82 8.11 -14.78 -1.52
CA SER A 82 7.95 -15.85 -2.50
C SER A 82 7.85 -17.21 -1.81
N GLY A 83 7.17 -17.22 -0.65
CA GLY A 83 6.94 -18.42 0.14
C GLY A 83 6.25 -18.08 1.46
N CYS A 84 6.42 -16.84 1.92
CA CYS A 84 5.83 -16.31 3.14
C CYS A 84 5.52 -14.82 2.95
N CYS A 85 5.02 -14.16 3.99
CA CYS A 85 4.63 -12.75 3.91
C CYS A 85 3.56 -12.49 2.85
N THR A 86 2.61 -13.42 2.71
CA THR A 86 1.48 -13.27 1.81
C THR A 86 0.68 -11.98 2.00
N LEU A 87 0.15 -11.43 0.91
CA LEU A 87 -0.52 -10.14 0.93
C LEU A 87 -2.03 -10.25 0.75
N LYS A 88 -2.71 -9.22 1.27
CA LYS A 88 -4.12 -8.95 1.05
C LYS A 88 -4.25 -7.44 0.90
N ILE A 89 -5.05 -6.99 -0.06
CA ILE A 89 -5.12 -5.56 -0.38
C ILE A 89 -6.55 -5.12 -0.63
N GLU A 90 -6.88 -3.91 -0.14
CA GLU A 90 -8.19 -3.31 -0.33
C GLU A 90 -8.09 -1.80 -0.16
N TYR A 91 -9.11 -1.07 -0.62
CA TYR A 91 -9.16 0.37 -0.46
C TYR A 91 -9.23 0.88 0.99
N ALA A 92 -8.45 1.92 1.29
CA ALA A 92 -8.40 2.49 2.63
C ALA A 92 -9.49 3.56 2.80
N LYS A 93 -9.86 3.88 4.05
CA LYS A 93 -10.88 4.90 4.29
C LYS A 93 -10.32 6.32 4.49
N PRO A 94 -9.12 6.54 5.05
CA PRO A 94 -8.54 7.87 5.12
C PRO A 94 -7.96 8.25 3.76
N THR A 95 -7.56 9.52 3.60
CA THR A 95 -7.10 10.01 2.31
C THR A 95 -5.83 10.84 2.28
N ARG A 96 -5.20 11.10 3.43
CA ARG A 96 -4.00 11.92 3.48
C ARG A 96 -3.14 11.60 4.71
N LEU A 97 -1.85 11.39 4.49
CA LEU A 97 -0.88 11.12 5.55
C LEU A 97 -0.25 12.42 6.05
N ASN A 98 0.26 12.36 7.28
CA ASN A 98 1.03 13.45 7.88
C ASN A 98 2.46 13.00 8.13
N VAL A 99 3.11 12.43 7.10
CA VAL A 99 4.47 11.90 7.21
C VAL A 99 5.47 12.88 7.80
N PHE A 100 6.43 12.37 8.57
CA PHE A 100 7.44 13.18 9.24
C PHE A 100 8.88 12.69 9.15
N LYS A 101 9.11 11.52 8.53
CA LYS A 101 10.41 10.88 8.54
C LYS A 101 10.54 9.88 7.39
N ASN A 102 11.78 9.50 7.08
CA ASN A 102 12.09 8.48 6.08
C ASN A 102 12.97 7.39 6.71
N ASP A 103 12.42 6.19 6.90
CA ASP A 103 13.14 5.05 7.44
C ASP A 103 12.41 3.77 7.03
N GLN A 104 12.75 2.64 7.67
CA GLN A 104 12.19 1.33 7.31
C GLN A 104 10.70 1.19 7.60
N ASP A 105 10.09 2.14 8.31
CA ASP A 105 8.67 2.09 8.66
C ASP A 105 7.82 3.26 8.14
N THR A 106 8.49 4.33 7.72
CA THR A 106 7.84 5.54 7.21
C THR A 106 8.56 6.15 6.02
N TRP A 107 7.83 6.65 5.03
CA TRP A 107 8.50 7.26 3.89
C TRP A 107 7.52 8.12 3.09
N ASP A 108 8.06 9.09 2.33
CA ASP A 108 7.30 9.88 1.37
C ASP A 108 8.11 10.13 0.12
N TYR A 109 7.63 9.64 -1.02
CA TYR A 109 8.33 9.65 -2.30
C TYR A 109 8.28 10.94 -3.11
N THR A 110 7.68 12.00 -2.56
CA THR A 110 7.53 13.26 -3.27
C THR A 110 7.72 14.52 -2.43
N ASN A 111 7.74 14.40 -1.10
CA ASN A 111 7.96 15.53 -0.21
C ASN A 111 9.44 15.61 0.17
N PRO A 112 10.14 16.68 -0.26
CA PRO A 112 11.54 16.89 0.06
C PRO A 112 11.72 17.57 1.42
N ASN A 113 10.65 18.12 1.99
CA ASN A 113 10.75 18.91 3.21
C ASN A 113 11.06 18.07 4.45
N LEU A 114 11.03 16.75 4.34
CA LEU A 114 11.33 15.87 5.47
C LEU A 114 12.83 15.82 5.74
N SER A 115 13.64 16.22 4.74
CA SER A 115 15.09 16.23 4.83
C SER A 115 15.69 14.88 5.24
N GLY A 116 14.89 13.82 5.23
CA GLY A 116 15.32 12.49 5.64
C GLY A 116 15.63 12.41 7.13
N GLN A 117 15.35 13.48 7.88
CA GLN A 117 15.68 13.60 9.30
C GLN A 117 17.15 13.31 9.59
N GLY A 118 18.02 13.47 8.59
CA GLY A 118 19.44 13.22 8.71
C GLY A 118 20.11 14.31 9.54
N GLN A 1 -21.77 -17.90 -13.15
CA GLN A 1 -21.94 -16.44 -13.01
C GLN A 1 -22.72 -16.11 -11.74
N LYS A 2 -22.70 -14.84 -11.34
CA LYS A 2 -23.41 -14.38 -10.15
C LYS A 2 -23.71 -12.88 -10.27
N ILE A 3 -24.79 -12.43 -9.63
CA ILE A 3 -25.21 -11.03 -9.67
C ILE A 3 -24.19 -10.17 -8.91
N SER A 4 -23.99 -8.94 -9.40
CA SER A 4 -23.06 -7.99 -8.78
C SER A 4 -23.50 -6.57 -9.12
N ARG A 5 -23.00 -5.60 -8.34
CA ARG A 5 -23.33 -4.19 -8.50
C ARG A 5 -22.10 -3.34 -8.16
N PRO A 6 -22.04 -2.09 -8.66
CA PRO A 6 -20.93 -1.19 -8.41
C PRO A 6 -20.69 -0.90 -6.93
N GLY A 7 -21.67 -1.21 -6.06
CA GLY A 7 -21.56 -1.00 -4.63
C GLY A 7 -20.80 -2.12 -3.93
N ASP A 8 -20.59 -3.25 -4.62
CA ASP A 8 -19.89 -4.39 -4.05
C ASP A 8 -18.36 -4.25 -4.08
N SER A 9 -17.79 -4.21 -5.29
CA SER A 9 -16.36 -4.05 -5.46
C SER A 9 -15.91 -2.66 -5.06
N ASP A 10 -14.68 -2.52 -4.54
CA ASP A 10 -14.15 -1.24 -4.13
C ASP A 10 -13.73 -0.32 -5.29
N ASP A 11 -13.71 -0.86 -6.51
CA ASP A 11 -13.34 -0.13 -7.71
C ASP A 11 -14.32 0.94 -8.18
N SER A 12 -15.46 1.09 -7.50
CA SER A 12 -16.50 2.03 -7.91
C SER A 12 -17.18 2.73 -6.74
N ARG A 13 -16.70 2.52 -5.51
CA ARG A 13 -17.30 3.15 -4.33
C ARG A 13 -16.31 3.47 -3.23
N SER A 14 -15.01 3.24 -3.48
CA SER A 14 -13.96 3.51 -2.50
C SER A 14 -12.66 3.95 -3.15
N VAL A 15 -12.68 4.27 -4.45
CA VAL A 15 -11.48 4.66 -5.18
C VAL A 15 -11.05 6.04 -4.66
N ASN A 16 -9.99 6.05 -3.85
CA ASN A 16 -9.41 7.27 -3.30
C ASN A 16 -7.89 7.32 -3.50
N SER A 17 -7.34 6.40 -4.29
CA SER A 17 -5.91 6.27 -4.53
C SER A 17 -5.10 5.88 -3.29
N VAL A 18 -5.75 5.28 -2.29
CA VAL A 18 -5.07 4.80 -1.09
C VAL A 18 -5.49 3.37 -0.75
N LEU A 19 -4.52 2.50 -0.45
CA LEU A 19 -4.77 1.09 -0.19
C LEU A 19 -4.27 0.70 1.19
N LEU A 20 -4.90 -0.33 1.76
CA LEU A 20 -4.44 -0.97 2.98
C LEU A 20 -3.77 -2.28 2.63
N PHE A 21 -2.62 -2.55 3.26
CA PHE A 21 -1.86 -3.78 3.12
C PHE A 21 -1.84 -4.64 4.38
N THR A 22 -2.10 -5.94 4.22
CA THR A 22 -2.03 -6.91 5.30
C THR A 22 -1.05 -8.04 5.03
N ILE A 23 -0.16 -8.32 5.98
CA ILE A 23 0.83 -9.38 5.83
C ILE A 23 0.36 -10.61 6.62
N LEU A 24 0.15 -11.71 5.90
CA LEU A 24 -0.44 -12.92 6.47
C LEU A 24 0.59 -13.81 7.15
N ASN A 25 1.87 -13.63 6.81
CA ASN A 25 2.95 -14.41 7.42
C ASN A 25 4.16 -13.49 7.64
N PRO A 26 4.13 -12.68 8.70
CA PRO A 26 5.17 -11.71 9.03
C PRO A 26 6.38 -12.37 9.69
N ILE A 27 6.88 -13.46 9.11
CA ILE A 27 8.04 -14.18 9.64
C ILE A 27 9.32 -13.35 9.44
N TYR A 28 9.22 -12.20 8.76
CA TYR A 28 10.30 -11.26 8.55
C TYR A 28 9.93 -9.80 8.74
N SER A 29 10.91 -8.94 9.04
CA SER A 29 10.66 -7.53 9.24
C SER A 29 10.29 -6.87 7.90
N ILE A 30 9.05 -6.40 7.79
CA ILE A 30 8.58 -5.70 6.61
C ILE A 30 9.08 -4.25 6.64
N THR A 31 9.45 -3.73 5.48
CA THR A 31 9.92 -2.36 5.32
C THR A 31 9.31 -1.61 4.14
N THR A 32 9.37 -0.28 4.14
CA THR A 32 8.85 0.50 3.02
C THR A 32 9.59 0.29 1.70
N ASP A 33 10.79 -0.30 1.75
CA ASP A 33 11.58 -0.55 0.56
C ASP A 33 11.04 -1.75 -0.22
N VAL A 34 10.72 -2.84 0.48
CA VAL A 34 10.17 -4.03 -0.16
C VAL A 34 8.74 -3.82 -0.65
N LEU A 35 7.97 -3.00 0.07
CA LEU A 35 6.61 -2.68 -0.34
C LEU A 35 6.66 -1.76 -1.55
N TYR A 36 7.67 -0.88 -1.62
CA TYR A 36 7.87 -0.05 -2.80
C TYR A 36 8.38 -0.82 -4.00
N THR A 37 9.16 -1.88 -3.76
CA THR A 37 9.74 -2.69 -4.82
C THR A 37 8.61 -3.40 -5.55
N ILE A 38 7.54 -3.78 -4.86
CA ILE A 38 6.42 -4.43 -5.51
C ILE A 38 5.35 -3.44 -5.97
N CYS A 39 5.26 -2.25 -5.34
CA CYS A 39 4.25 -1.27 -5.72
C CYS A 39 4.71 -0.32 -6.83
N ASN A 40 6.02 -0.11 -6.97
CA ASN A 40 6.56 0.79 -7.99
C ASN A 40 6.27 0.32 -9.42
N PRO A 41 6.43 -0.97 -9.76
CA PRO A 41 6.12 -1.45 -11.09
C PRO A 41 4.62 -1.43 -11.36
N CYS A 42 3.80 -1.24 -10.31
CA CYS A 42 2.35 -1.16 -10.46
C CYS A 42 1.88 0.28 -10.63
N GLY A 43 2.76 1.26 -10.43
CA GLY A 43 2.42 2.66 -10.60
C GLY A 43 3.31 3.58 -9.76
N PRO A 44 3.24 4.89 -9.99
CA PRO A 44 4.02 5.89 -9.30
C PRO A 44 3.53 6.03 -7.85
N VAL A 45 4.22 5.35 -6.92
CA VAL A 45 3.93 5.42 -5.49
C VAL A 45 4.29 6.81 -4.98
N GLN A 46 3.51 7.32 -4.02
CA GLN A 46 3.75 8.63 -3.44
C GLN A 46 4.10 8.53 -1.96
N ARG A 47 3.44 7.64 -1.21
CA ARG A 47 3.72 7.48 0.23
C ARG A 47 3.50 6.04 0.71
N ILE A 48 4.23 5.66 1.76
CA ILE A 48 4.13 4.35 2.40
C ILE A 48 4.44 4.48 3.89
N VAL A 49 3.65 3.80 4.72
CA VAL A 49 3.87 3.70 6.17
C VAL A 49 3.50 2.31 6.67
N ILE A 50 3.97 1.96 7.86
CA ILE A 50 3.79 0.62 8.43
C ILE A 50 3.36 0.71 9.88
N PHE A 51 2.48 -0.19 10.31
CA PHE A 51 2.03 -0.27 11.70
C PHE A 51 1.81 -1.68 12.24
N ARG A 52 1.89 -1.82 13.58
CA ARG A 52 1.86 -3.12 14.24
C ARG A 52 0.78 -3.14 15.34
N LYS A 53 -0.12 -2.16 15.33
CA LYS A 53 -1.06 -1.92 16.43
C LYS A 53 -2.01 -3.08 16.71
N ASN A 54 -2.42 -3.84 15.69
CA ASN A 54 -3.32 -4.97 15.86
C ASN A 54 -2.81 -6.24 15.17
N GLY A 55 -1.58 -6.20 14.66
CA GLY A 55 -1.01 -7.28 13.88
C GLY A 55 0.19 -6.76 13.11
N VAL A 56 0.20 -6.95 11.79
CA VAL A 56 1.24 -6.41 10.92
C VAL A 56 0.63 -5.92 9.63
N GLN A 57 0.66 -4.60 9.41
CA GLN A 57 0.03 -3.98 8.26
C GLN A 57 0.88 -2.83 7.73
N ALA A 58 0.52 -2.36 6.54
CA ALA A 58 1.16 -1.22 5.90
C ALA A 58 0.12 -0.49 5.04
N MET A 59 0.48 0.69 4.55
CA MET A 59 -0.42 1.49 3.73
C MET A 59 0.34 2.06 2.55
N VAL A 60 -0.36 2.34 1.45
CA VAL A 60 0.24 2.87 0.23
C VAL A 60 -0.66 3.93 -0.41
N GLU A 61 -0.05 4.95 -1.00
CA GLU A 61 -0.78 6.03 -1.66
C GLU A 61 -0.22 6.26 -3.06
N PHE A 62 -1.12 6.37 -4.04
CA PHE A 62 -0.79 6.54 -5.45
C PHE A 62 -1.08 7.92 -6.04
N ASP A 63 -0.45 8.23 -7.18
CA ASP A 63 -0.67 9.50 -7.86
C ASP A 63 -1.97 9.43 -8.66
N SER A 64 -2.56 8.24 -8.82
CA SER A 64 -3.74 8.07 -9.65
C SER A 64 -4.56 6.85 -9.22
N VAL A 65 -5.86 6.89 -9.49
CA VAL A 65 -6.78 5.82 -9.13
C VAL A 65 -6.48 4.58 -9.97
N GLN A 66 -6.15 4.76 -11.25
CA GLN A 66 -5.89 3.63 -12.13
C GLN A 66 -4.61 2.89 -11.71
N SER A 67 -3.68 3.60 -11.07
CA SER A 67 -2.47 2.99 -10.54
C SER A 67 -2.79 2.21 -9.27
N ALA A 68 -3.78 2.67 -8.51
CA ALA A 68 -4.21 2.01 -7.28
C ALA A 68 -5.04 0.76 -7.58
N GLN A 69 -5.82 0.79 -8.68
CA GLN A 69 -6.64 -0.36 -9.05
C GLN A 69 -5.78 -1.53 -9.53
N ARG A 70 -4.77 -1.27 -10.35
CA ARG A 70 -3.94 -2.35 -10.88
C ARG A 70 -2.99 -2.88 -9.81
N ALA A 71 -2.60 -2.05 -8.83
CA ALA A 71 -1.75 -2.49 -7.75
C ALA A 71 -2.52 -3.39 -6.79
N LYS A 72 -3.79 -3.05 -6.51
CA LYS A 72 -4.63 -3.81 -5.61
C LYS A 72 -5.14 -5.09 -6.29
N ALA A 73 -5.20 -5.10 -7.62
CA ALA A 73 -5.65 -6.26 -8.38
C ALA A 73 -4.49 -7.20 -8.73
N SER A 74 -3.24 -6.75 -8.62
CA SER A 74 -2.09 -7.57 -8.99
C SER A 74 -1.28 -8.05 -7.79
N LEU A 75 -1.19 -7.23 -6.74
CA LEU A 75 -0.39 -7.58 -5.56
C LEU A 75 -1.21 -8.31 -4.51
N ASN A 76 -2.53 -8.41 -4.69
CA ASN A 76 -3.37 -9.14 -3.77
C ASN A 76 -3.10 -10.64 -3.93
N GLY A 77 -2.90 -11.34 -2.81
CA GLY A 77 -2.59 -12.77 -2.82
C GLY A 77 -1.14 -13.03 -3.21
N ALA A 78 -0.39 -11.98 -3.59
CA ALA A 78 1.02 -12.11 -3.93
C ALA A 78 1.87 -12.19 -2.66
N ASP A 79 3.12 -12.58 -2.81
CA ASP A 79 4.07 -12.69 -1.70
C ASP A 79 5.35 -11.88 -1.84
N ILE A 80 5.81 -11.26 -0.76
CA ILE A 80 7.02 -10.46 -0.76
C ILE A 80 8.24 -11.36 -0.85
N TYR A 81 8.21 -12.46 -0.08
CA TYR A 81 9.27 -13.46 -0.04
C TYR A 81 9.26 -14.54 -1.12
N SER A 82 8.16 -14.63 -1.88
CA SER A 82 7.96 -15.68 -2.86
C SER A 82 7.87 -17.06 -2.19
N GLY A 83 7.24 -17.07 -1.01
CA GLY A 83 7.03 -18.29 -0.23
C GLY A 83 6.38 -17.97 1.12
N CYS A 84 6.57 -16.74 1.60
CA CYS A 84 6.00 -16.24 2.85
C CYS A 84 5.70 -14.76 2.70
N CYS A 85 5.23 -14.10 3.77
CA CYS A 85 4.84 -12.70 3.73
C CYS A 85 3.74 -12.42 2.71
N THR A 86 2.79 -13.35 2.56
CA THR A 86 1.64 -13.18 1.67
C THR A 86 0.83 -11.93 1.94
N LEU A 87 0.21 -11.36 0.91
CA LEU A 87 -0.47 -10.08 1.01
C LEU A 87 -1.98 -10.16 0.77
N LYS A 88 -2.68 -9.18 1.34
CA LYS A 88 -4.09 -8.91 1.10
C LYS A 88 -4.27 -7.41 1.00
N ILE A 89 -5.08 -6.94 0.04
CA ILE A 89 -5.17 -5.51 -0.26
C ILE A 89 -6.62 -5.10 -0.54
N GLU A 90 -6.97 -3.90 -0.10
CA GLU A 90 -8.27 -3.29 -0.37
C GLU A 90 -8.17 -1.78 -0.18
N TYR A 91 -9.15 -1.03 -0.72
CA TYR A 91 -9.16 0.41 -0.53
C TYR A 91 -9.30 0.91 0.90
N ALA A 92 -8.53 1.95 1.25
CA ALA A 92 -8.53 2.50 2.59
C ALA A 92 -9.61 3.56 2.77
N LYS A 93 -9.95 3.87 4.02
CA LYS A 93 -10.93 4.89 4.36
C LYS A 93 -10.36 6.31 4.31
N PRO A 94 -9.24 6.61 4.98
CA PRO A 94 -8.61 7.92 4.94
C PRO A 94 -7.93 8.17 3.60
N THR A 95 -7.47 9.41 3.38
CA THR A 95 -6.89 9.82 2.10
C THR A 95 -5.62 10.66 2.14
N ARG A 96 -5.06 10.94 3.32
CA ARG A 96 -3.85 11.75 3.41
C ARG A 96 -3.10 11.50 4.72
N LEU A 97 -1.79 11.26 4.61
CA LEU A 97 -0.89 11.08 5.74
C LEU A 97 -0.34 12.41 6.24
N ASN A 98 0.27 12.39 7.43
CA ASN A 98 1.01 13.51 7.95
C ASN A 98 2.47 13.09 8.20
N VAL A 99 3.09 12.47 7.19
CA VAL A 99 4.45 11.93 7.30
C VAL A 99 5.46 12.92 7.88
N PHE A 100 6.39 12.41 8.68
CA PHE A 100 7.39 13.24 9.38
C PHE A 100 8.86 12.87 9.21
N LYS A 101 9.16 11.74 8.57
CA LYS A 101 10.53 11.28 8.37
C LYS A 101 10.59 10.22 7.28
N ASN A 102 11.80 9.79 6.93
CA ASN A 102 12.04 8.71 5.99
C ASN A 102 12.94 7.66 6.63
N ASP A 103 12.43 6.44 6.81
CA ASP A 103 13.16 5.31 7.37
C ASP A 103 12.49 4.00 6.93
N GLN A 104 12.88 2.87 7.55
CA GLN A 104 12.39 1.55 7.15
C GLN A 104 10.91 1.34 7.47
N ASP A 105 10.29 2.21 8.25
CA ASP A 105 8.88 2.09 8.63
C ASP A 105 7.95 3.16 8.07
N THR A 106 8.53 4.27 7.62
CA THR A 106 7.81 5.41 7.08
C THR A 106 8.54 6.10 5.93
N TRP A 107 7.83 6.55 4.89
CA TRP A 107 8.52 7.16 3.77
C TRP A 107 7.55 8.00 2.94
N ASP A 108 8.11 8.95 2.19
CA ASP A 108 7.36 9.74 1.22
C ASP A 108 8.20 9.93 -0.05
N TYR A 109 7.70 9.38 -1.17
CA TYR A 109 8.40 9.33 -2.44
C TYR A 109 8.41 10.60 -3.28
N THR A 110 7.88 11.70 -2.73
CA THR A 110 7.82 12.97 -3.44
C THR A 110 8.22 14.18 -2.58
N ASN A 111 8.17 14.06 -1.26
CA ASN A 111 8.63 15.11 -0.37
C ASN A 111 10.08 14.83 0.05
N PRO A 112 11.04 15.66 -0.38
CA PRO A 112 12.46 15.49 -0.06
C PRO A 112 12.80 16.02 1.33
N ASN A 113 11.91 16.82 1.94
CA ASN A 113 12.19 17.48 3.21
C ASN A 113 12.16 16.51 4.40
N LEU A 114 11.57 15.32 4.22
CA LEU A 114 11.46 14.35 5.30
C LEU A 114 12.73 13.50 5.42
N SER A 115 13.69 13.67 4.51
CA SER A 115 14.96 12.96 4.55
C SER A 115 15.93 13.60 5.54
N GLY A 116 15.51 14.69 6.19
CA GLY A 116 16.34 15.40 7.14
C GLY A 116 17.40 16.26 6.45
N GLN A 117 18.31 16.86 7.23
CA GLN A 117 19.37 17.71 6.71
C GLN A 117 20.42 16.86 5.97
N GLY A 118 21.20 17.50 5.10
CA GLY A 118 22.26 16.85 4.35
C GLY A 118 23.44 16.52 5.23
N GLN A 1 -18.47 -12.23 -4.71
CA GLN A 1 -17.49 -13.30 -4.88
C GLN A 1 -17.79 -14.16 -6.11
N LYS A 2 -18.89 -14.94 -6.05
CA LYS A 2 -19.29 -15.82 -7.15
C LYS A 2 -19.88 -15.02 -8.32
N ILE A 3 -20.13 -13.73 -8.13
CA ILE A 3 -20.75 -12.87 -9.12
C ILE A 3 -20.31 -11.43 -8.90
N SER A 4 -20.34 -10.62 -9.95
CA SER A 4 -19.97 -9.20 -9.89
C SER A 4 -20.67 -8.43 -11.01
N ARG A 5 -20.82 -7.12 -10.82
CA ARG A 5 -21.50 -6.24 -11.78
C ARG A 5 -20.83 -4.87 -11.78
N PRO A 6 -20.91 -4.15 -12.91
CA PRO A 6 -20.33 -2.82 -13.03
C PRO A 6 -21.07 -1.85 -12.12
N GLY A 7 -20.36 -0.84 -11.62
CA GLY A 7 -20.90 0.14 -10.69
C GLY A 7 -21.04 -0.41 -9.27
N ASP A 8 -20.95 -1.73 -9.11
CA ASP A 8 -21.03 -2.38 -7.81
C ASP A 8 -19.68 -2.89 -7.29
N SER A 9 -18.67 -2.96 -8.17
CA SER A 9 -17.33 -3.38 -7.81
C SER A 9 -16.59 -2.24 -7.13
N ASP A 10 -15.57 -2.57 -6.32
CA ASP A 10 -14.80 -1.57 -5.61
C ASP A 10 -14.09 -0.58 -6.53
N ASP A 11 -13.82 -1.01 -7.77
CA ASP A 11 -13.19 -0.20 -8.79
C ASP A 11 -14.07 0.90 -9.40
N SER A 12 -15.27 1.09 -8.86
CA SER A 12 -16.20 2.07 -9.41
C SER A 12 -17.02 2.79 -8.32
N ARG A 13 -16.92 2.36 -7.06
CA ARG A 13 -17.65 3.01 -5.97
C ARG A 13 -16.88 3.03 -4.65
N SER A 14 -15.60 2.68 -4.68
CA SER A 14 -14.77 2.68 -3.49
C SER A 14 -13.33 3.11 -3.78
N VAL A 15 -13.07 3.62 -4.98
CA VAL A 15 -11.74 4.07 -5.38
C VAL A 15 -11.27 5.27 -4.56
N ASN A 16 -10.11 5.13 -3.90
CA ASN A 16 -9.58 6.16 -3.02
C ASN A 16 -8.12 6.51 -3.30
N SER A 17 -7.49 5.94 -4.33
CA SER A 17 -6.07 6.12 -4.61
C SER A 17 -5.17 5.71 -3.45
N VAL A 18 -5.71 5.02 -2.44
CA VAL A 18 -4.97 4.59 -1.26
C VAL A 18 -5.42 3.20 -0.86
N LEU A 19 -4.47 2.32 -0.57
CA LEU A 19 -4.76 0.92 -0.27
C LEU A 19 -4.24 0.53 1.12
N LEU A 20 -4.89 -0.47 1.72
CA LEU A 20 -4.40 -1.11 2.93
C LEU A 20 -3.71 -2.42 2.55
N PHE A 21 -2.55 -2.67 3.16
CA PHE A 21 -1.78 -3.89 2.99
C PHE A 21 -1.70 -4.78 4.23
N THR A 22 -2.32 -5.95 4.18
CA THR A 22 -2.25 -6.93 5.25
C THR A 22 -1.24 -8.04 5.02
N ILE A 23 -0.32 -8.24 5.96
CA ILE A 23 0.69 -9.29 5.84
C ILE A 23 0.23 -10.52 6.61
N LEU A 24 0.17 -11.67 5.94
CA LEU A 24 -0.38 -12.89 6.52
C LEU A 24 0.65 -13.68 7.32
N ASN A 25 1.93 -13.54 6.98
CA ASN A 25 3.00 -14.30 7.60
C ASN A 25 4.23 -13.40 7.80
N PRO A 26 4.21 -12.54 8.83
CA PRO A 26 5.24 -11.58 9.15
C PRO A 26 6.47 -12.24 9.80
N ILE A 27 6.95 -13.36 9.24
CA ILE A 27 8.11 -14.06 9.77
C ILE A 27 9.39 -13.24 9.55
N TYR A 28 9.29 -12.11 8.85
CA TYR A 28 10.39 -11.20 8.60
C TYR A 28 10.04 -9.73 8.77
N SER A 29 11.05 -8.88 9.00
CA SER A 29 10.83 -7.46 9.17
C SER A 29 10.38 -6.83 7.86
N ILE A 30 9.13 -6.37 7.79
CA ILE A 30 8.60 -5.69 6.63
C ILE A 30 9.10 -4.26 6.60
N THR A 31 9.45 -3.76 5.42
CA THR A 31 9.94 -2.39 5.24
C THR A 31 9.31 -1.65 4.06
N THR A 32 9.38 -0.32 4.06
CA THR A 32 8.86 0.47 2.95
C THR A 32 9.60 0.26 1.62
N ASP A 33 10.81 -0.32 1.67
CA ASP A 33 11.61 -0.56 0.48
C ASP A 33 11.06 -1.74 -0.33
N VAL A 34 10.75 -2.85 0.36
CA VAL A 34 10.21 -4.03 -0.30
C VAL A 34 8.77 -3.81 -0.76
N LEU A 35 8.01 -2.99 -0.02
CA LEU A 35 6.65 -2.66 -0.41
C LEU A 35 6.69 -1.73 -1.62
N TYR A 36 7.69 -0.85 -1.70
CA TYR A 36 7.87 0.00 -2.86
C TYR A 36 8.36 -0.75 -4.10
N THR A 37 9.15 -1.81 -3.88
CA THR A 37 9.71 -2.61 -4.95
C THR A 37 8.57 -3.32 -5.67
N ILE A 38 7.52 -3.72 -4.94
CA ILE A 38 6.38 -4.39 -5.57
C ILE A 38 5.29 -3.39 -5.99
N CYS A 39 5.24 -2.19 -5.39
CA CYS A 39 4.20 -1.22 -5.73
C CYS A 39 4.62 -0.24 -6.84
N ASN A 40 5.92 -0.01 -7.02
CA ASN A 40 6.41 0.91 -8.03
C ASN A 40 6.10 0.44 -9.46
N PRO A 41 6.22 -0.84 -9.82
CA PRO A 41 5.88 -1.28 -11.17
C PRO A 41 4.38 -1.21 -11.42
N CYS A 42 3.57 -1.04 -10.37
CA CYS A 42 2.13 -0.90 -10.50
C CYS A 42 1.71 0.56 -10.68
N GLY A 43 2.65 1.49 -10.54
CA GLY A 43 2.39 2.91 -10.75
C GLY A 43 3.22 3.78 -9.81
N PRO A 44 3.26 5.10 -10.06
CA PRO A 44 4.00 6.05 -9.26
C PRO A 44 3.52 6.08 -7.81
N VAL A 45 4.29 5.47 -6.90
CA VAL A 45 4.00 5.49 -5.48
C VAL A 45 4.38 6.87 -4.93
N GLN A 46 3.59 7.38 -3.98
CA GLN A 46 3.85 8.69 -3.39
C GLN A 46 4.20 8.58 -1.91
N ARG A 47 3.53 7.69 -1.17
CA ARG A 47 3.79 7.51 0.26
C ARG A 47 3.58 6.08 0.72
N ILE A 48 4.30 5.68 1.79
CA ILE A 48 4.20 4.37 2.40
C ILE A 48 4.48 4.48 3.90
N VAL A 49 3.68 3.80 4.72
CA VAL A 49 3.89 3.70 6.16
C VAL A 49 3.53 2.30 6.67
N ILE A 50 4.02 1.93 7.85
CA ILE A 50 3.82 0.60 8.40
C ILE A 50 3.40 0.68 9.87
N PHE A 51 2.50 -0.21 10.29
CA PHE A 51 2.04 -0.28 11.67
C PHE A 51 1.82 -1.68 12.23
N ARG A 52 1.87 -1.80 13.56
CA ARG A 52 1.80 -3.09 14.25
C ARG A 52 0.72 -3.07 15.33
N LYS A 53 -0.19 -2.08 15.29
CA LYS A 53 -1.12 -1.81 16.38
C LYS A 53 -2.11 -2.95 16.65
N ASN A 54 -2.48 -3.72 15.63
CA ASN A 54 -3.41 -4.85 15.79
C ASN A 54 -2.89 -6.14 15.15
N GLY A 55 -1.65 -6.11 14.68
CA GLY A 55 -1.06 -7.21 13.93
C GLY A 55 0.15 -6.70 13.17
N VAL A 56 0.14 -6.87 11.84
CA VAL A 56 1.19 -6.35 10.99
C VAL A 56 0.58 -5.89 9.66
N GLN A 57 0.64 -4.57 9.41
CA GLN A 57 0.03 -3.98 8.24
C GLN A 57 0.87 -2.85 7.69
N ALA A 58 0.55 -2.41 6.48
CA ALA A 58 1.19 -1.27 5.84
C ALA A 58 0.16 -0.55 4.98
N MET A 59 0.48 0.68 4.55
CA MET A 59 -0.42 1.46 3.71
C MET A 59 0.37 2.06 2.55
N VAL A 60 -0.30 2.30 1.42
CA VAL A 60 0.33 2.83 0.22
C VAL A 60 -0.57 3.87 -0.44
N GLU A 61 0.03 4.92 -0.99
CA GLU A 61 -0.71 6.00 -1.65
C GLU A 61 -0.13 6.25 -3.04
N PHE A 62 -1.03 6.32 -4.03
CA PHE A 62 -0.69 6.49 -5.44
C PHE A 62 -0.95 7.87 -6.03
N ASP A 63 -0.31 8.16 -7.17
CA ASP A 63 -0.48 9.43 -7.86
C ASP A 63 -1.80 9.44 -8.63
N SER A 64 -2.45 8.27 -8.78
CA SER A 64 -3.67 8.17 -9.57
C SER A 64 -4.52 6.97 -9.14
N VAL A 65 -5.83 7.05 -9.41
CA VAL A 65 -6.78 6.01 -9.05
C VAL A 65 -6.46 4.75 -9.85
N GLN A 66 -6.13 4.89 -11.14
CA GLN A 66 -5.88 3.74 -12.00
C GLN A 66 -4.60 3.00 -11.59
N SER A 67 -3.67 3.70 -10.95
CA SER A 67 -2.45 3.06 -10.45
C SER A 67 -2.79 2.26 -9.20
N ALA A 68 -3.77 2.72 -8.42
CA ALA A 68 -4.20 2.03 -7.22
C ALA A 68 -5.06 0.81 -7.56
N GLN A 69 -5.79 0.86 -8.68
CA GLN A 69 -6.63 -0.27 -9.09
C GLN A 69 -5.78 -1.47 -9.51
N ARG A 70 -4.76 -1.23 -10.35
CA ARG A 70 -3.94 -2.33 -10.85
C ARG A 70 -2.99 -2.84 -9.76
N ALA A 71 -2.64 -2.00 -8.77
CA ALA A 71 -1.82 -2.45 -7.66
C ALA A 71 -2.61 -3.37 -6.75
N LYS A 72 -3.88 -3.03 -6.49
CA LYS A 72 -4.76 -3.82 -5.64
C LYS A 72 -5.25 -5.08 -6.36
N ALA A 73 -5.27 -5.05 -7.69
CA ALA A 73 -5.71 -6.19 -8.48
C ALA A 73 -4.57 -7.14 -8.85
N SER A 74 -3.31 -6.72 -8.68
CA SER A 74 -2.17 -7.54 -9.08
C SER A 74 -1.34 -8.02 -7.89
N LEU A 75 -1.21 -7.20 -6.84
CA LEU A 75 -0.40 -7.55 -5.69
C LEU A 75 -1.20 -8.29 -4.61
N ASN A 76 -2.52 -8.40 -4.78
CA ASN A 76 -3.35 -9.12 -3.82
C ASN A 76 -3.09 -10.63 -3.94
N GLY A 77 -2.89 -11.29 -2.80
CA GLY A 77 -2.60 -12.72 -2.75
C GLY A 77 -1.15 -13.03 -3.12
N ALA A 78 -0.38 -12.01 -3.52
CA ALA A 78 1.02 -12.17 -3.86
C ALA A 78 1.86 -12.24 -2.58
N ASP A 79 3.11 -12.66 -2.71
CA ASP A 79 4.05 -12.75 -1.60
C ASP A 79 5.33 -11.96 -1.77
N ILE A 80 5.80 -11.31 -0.70
CA ILE A 80 7.02 -10.51 -0.75
C ILE A 80 8.24 -11.43 -0.80
N TYR A 81 8.20 -12.51 0.00
CA TYR A 81 9.25 -13.51 0.06
C TYR A 81 9.24 -14.60 -1.01
N SER A 82 8.14 -14.70 -1.77
CA SER A 82 7.93 -15.76 -2.74
C SER A 82 7.78 -17.12 -2.04
N GLY A 83 7.22 -17.10 -0.84
CA GLY A 83 6.97 -18.29 -0.05
C GLY A 83 6.32 -17.94 1.30
N CYS A 84 6.54 -16.71 1.77
CA CYS A 84 5.97 -16.18 3.01
C CYS A 84 5.68 -14.69 2.84
N CYS A 85 5.21 -14.03 3.90
CA CYS A 85 4.85 -12.62 3.85
C CYS A 85 3.74 -12.34 2.83
N THR A 86 2.81 -13.28 2.67
CA THR A 86 1.64 -13.13 1.81
C THR A 86 0.83 -11.87 2.05
N LEU A 87 0.17 -11.35 1.00
CA LEU A 87 -0.51 -10.07 1.07
C LEU A 87 -2.01 -10.18 0.81
N LYS A 88 -2.73 -9.19 1.34
CA LYS A 88 -4.14 -8.93 1.07
C LYS A 88 -4.28 -7.42 0.92
N ILE A 89 -5.09 -6.97 -0.05
CA ILE A 89 -5.18 -5.55 -0.37
C ILE A 89 -6.60 -5.13 -0.64
N GLU A 90 -6.97 -3.93 -0.18
CA GLU A 90 -8.28 -3.35 -0.42
C GLU A 90 -8.22 -1.83 -0.25
N TYR A 91 -9.21 -1.12 -0.80
CA TYR A 91 -9.27 0.33 -0.64
C TYR A 91 -9.39 0.84 0.79
N ALA A 92 -8.62 1.89 1.10
CA ALA A 92 -8.59 2.48 2.43
C ALA A 92 -9.65 3.56 2.59
N LYS A 93 -9.95 3.90 3.85
CA LYS A 93 -10.93 4.93 4.20
C LYS A 93 -10.32 6.34 4.23
N PRO A 94 -9.22 6.58 4.96
CA PRO A 94 -8.56 7.88 4.98
C PRO A 94 -7.84 8.12 3.65
N THR A 95 -7.43 9.36 3.38
CA THR A 95 -6.83 9.71 2.10
C THR A 95 -5.63 10.65 2.13
N ARG A 96 -5.10 10.97 3.31
CA ARG A 96 -3.94 11.85 3.43
C ARG A 96 -3.14 11.57 4.69
N LEU A 97 -1.84 11.33 4.52
CA LEU A 97 -0.90 11.11 5.61
C LEU A 97 -0.32 12.43 6.12
N ASN A 98 0.25 12.37 7.32
CA ASN A 98 1.01 13.46 7.91
C ASN A 98 2.44 12.99 8.21
N VAL A 99 3.13 12.46 7.20
CA VAL A 99 4.46 11.88 7.36
C VAL A 99 5.47 12.82 8.01
N PHE A 100 6.40 12.26 8.79
CA PHE A 100 7.39 13.03 9.53
C PHE A 100 8.86 12.66 9.36
N LYS A 101 9.15 11.55 8.67
CA LYS A 101 10.52 11.07 8.48
C LYS A 101 10.59 10.05 7.36
N ASN A 102 11.81 9.65 6.99
CA ASN A 102 12.06 8.59 6.03
C ASN A 102 12.98 7.53 6.65
N ASP A 103 12.49 6.30 6.81
CA ASP A 103 13.26 5.17 7.33
C ASP A 103 12.56 3.88 6.89
N GLN A 104 12.94 2.73 7.48
CA GLN A 104 12.43 1.43 7.08
C GLN A 104 10.94 1.23 7.40
N ASP A 105 10.34 2.12 8.21
CA ASP A 105 8.93 2.00 8.59
C ASP A 105 8.01 3.08 8.01
N THR A 106 8.60 4.21 7.60
CA THR A 106 7.86 5.33 7.03
C THR A 106 8.61 6.02 5.90
N TRP A 107 7.93 6.49 4.86
CA TRP A 107 8.62 7.13 3.76
C TRP A 107 7.66 7.98 2.94
N ASP A 108 8.21 8.98 2.24
CA ASP A 108 7.47 9.79 1.30
C ASP A 108 8.31 10.00 0.03
N TYR A 109 7.77 9.52 -1.10
CA TYR A 109 8.47 9.49 -2.37
C TYR A 109 8.46 10.77 -3.21
N THR A 110 7.95 11.87 -2.64
CA THR A 110 7.85 13.14 -3.35
C THR A 110 8.20 14.36 -2.50
N ASN A 111 8.16 14.24 -1.17
CA ASN A 111 8.56 15.31 -0.28
C ASN A 111 10.03 15.11 0.11
N PRO A 112 10.94 16.00 -0.32
CA PRO A 112 12.35 15.91 -0.01
C PRO A 112 12.67 16.39 1.41
N ASN A 113 11.75 17.12 2.04
CA ASN A 113 11.99 17.70 3.36
C ASN A 113 11.98 16.63 4.46
N LEU A 114 11.48 15.43 4.17
CA LEU A 114 11.43 14.34 5.14
C LEU A 114 12.66 13.44 5.05
N SER A 115 13.49 13.63 4.02
CA SER A 115 14.69 12.82 3.84
C SER A 115 15.82 13.28 4.77
N GLY A 116 15.81 14.56 5.16
CA GLY A 116 16.83 15.12 6.02
C GLY A 116 16.58 14.82 7.50
N GLN A 117 15.46 14.15 7.80
CA GLN A 117 15.06 13.84 9.17
C GLN A 117 15.79 12.60 9.69
N GLY A 118 16.60 11.96 8.84
CA GLY A 118 17.36 10.76 9.21
C GLY A 118 18.47 11.09 10.20
N GLN A 1 -19.28 -15.07 -5.21
CA GLN A 1 -18.02 -14.31 -5.33
C GLN A 1 -18.30 -12.88 -5.78
N LYS A 2 -17.51 -11.92 -5.28
CA LYS A 2 -17.68 -10.51 -5.60
C LYS A 2 -17.35 -10.25 -7.07
N ILE A 3 -18.03 -9.26 -7.67
CA ILE A 3 -17.85 -8.89 -9.06
C ILE A 3 -17.59 -7.39 -9.13
N SER A 4 -16.78 -6.95 -10.11
CA SER A 4 -16.38 -5.56 -10.22
C SER A 4 -17.22 -4.73 -11.19
N ARG A 5 -18.31 -5.31 -11.69
CA ARG A 5 -19.21 -4.62 -12.60
C ARG A 5 -20.24 -3.73 -11.90
N PRO A 6 -20.85 -4.16 -10.78
CA PRO A 6 -21.79 -3.36 -10.02
C PRO A 6 -21.15 -2.08 -9.49
N GLY A 7 -21.98 -1.07 -9.22
CA GLY A 7 -21.50 0.20 -8.69
C GLY A 7 -21.07 0.06 -7.23
N ASP A 8 -21.47 -1.03 -6.57
CA ASP A 8 -21.06 -1.33 -5.20
C ASP A 8 -19.65 -1.88 -5.08
N SER A 9 -18.97 -2.08 -6.22
CA SER A 9 -17.60 -2.55 -6.25
C SER A 9 -16.65 -1.51 -5.67
N ASP A 10 -15.56 -1.94 -5.03
CA ASP A 10 -14.59 -1.02 -4.46
C ASP A 10 -13.93 -0.13 -5.50
N ASP A 11 -14.03 -0.51 -6.76
CA ASP A 11 -13.51 0.27 -7.88
C ASP A 11 -14.42 1.41 -8.34
N SER A 12 -15.57 1.61 -7.68
CA SER A 12 -16.55 2.60 -8.10
C SER A 12 -17.21 3.38 -6.95
N ARG A 13 -16.85 3.12 -5.69
CA ARG A 13 -17.43 3.85 -4.57
C ARG A 13 -16.47 4.03 -3.40
N SER A 14 -15.18 3.72 -3.59
CA SER A 14 -14.17 3.93 -2.56
C SER A 14 -12.79 4.21 -3.15
N VAL A 15 -12.72 4.54 -4.44
CA VAL A 15 -11.45 4.83 -5.11
C VAL A 15 -10.96 6.18 -4.60
N ASN A 16 -9.88 6.14 -3.81
CA ASN A 16 -9.24 7.34 -3.28
C ASN A 16 -7.72 7.33 -3.50
N SER A 17 -7.23 6.39 -4.32
CA SER A 17 -5.80 6.20 -4.58
C SER A 17 -5.01 5.75 -3.36
N VAL A 18 -5.68 5.19 -2.35
CA VAL A 18 -5.03 4.67 -1.15
C VAL A 18 -5.46 3.23 -0.90
N LEU A 19 -4.53 2.40 -0.42
CA LEU A 19 -4.78 0.97 -0.22
C LEU A 19 -4.21 0.50 1.11
N LEU A 20 -4.90 -0.45 1.74
CA LEU A 20 -4.41 -1.12 2.94
C LEU A 20 -3.72 -2.42 2.54
N PHE A 21 -2.56 -2.68 3.14
CA PHE A 21 -1.75 -3.88 2.92
C PHE A 21 -1.61 -4.78 4.14
N THR A 22 -2.37 -5.86 4.20
CA THR A 22 -2.23 -6.84 5.27
C THR A 22 -1.07 -7.81 5.07
N ILE A 23 -0.34 -8.15 6.15
CA ILE A 23 0.74 -9.12 6.08
C ILE A 23 0.31 -10.38 6.83
N LEU A 24 0.20 -11.49 6.10
CA LEU A 24 -0.37 -12.72 6.62
C LEU A 24 0.67 -13.63 7.26
N ASN A 25 1.95 -13.42 6.96
CA ASN A 25 3.04 -14.21 7.53
C ASN A 25 4.24 -13.31 7.78
N PRO A 26 4.22 -12.54 8.88
CA PRO A 26 5.25 -11.58 9.25
C PRO A 26 6.50 -12.25 9.84
N ILE A 27 6.96 -13.36 9.26
CA ILE A 27 8.12 -14.08 9.75
C ILE A 27 9.40 -13.27 9.51
N TYR A 28 9.29 -12.13 8.82
CA TYR A 28 10.38 -11.20 8.56
C TYR A 28 10.00 -9.74 8.69
N SER A 29 11.00 -8.87 8.95
CA SER A 29 10.76 -7.44 9.09
C SER A 29 10.37 -6.85 7.74
N ILE A 30 9.15 -6.29 7.66
CA ILE A 30 8.65 -5.63 6.47
C ILE A 30 9.26 -4.23 6.38
N THR A 31 9.54 -3.76 5.17
CA THR A 31 10.11 -2.44 4.95
C THR A 31 9.45 -1.61 3.84
N THR A 32 9.65 -0.30 3.87
CA THR A 32 9.10 0.61 2.88
C THR A 32 9.78 0.33 1.54
N ASP A 33 10.98 -0.26 1.56
CA ASP A 33 11.72 -0.57 0.33
C ASP A 33 11.12 -1.75 -0.42
N VAL A 34 10.84 -2.86 0.28
CA VAL A 34 10.26 -4.02 -0.36
C VAL A 34 8.82 -3.77 -0.80
N LEU A 35 8.08 -2.94 -0.06
CA LEU A 35 6.73 -2.59 -0.44
C LEU A 35 6.76 -1.68 -1.66
N TYR A 36 7.77 -0.80 -1.76
CA TYR A 36 7.94 0.03 -2.94
C TYR A 36 8.42 -0.75 -4.16
N THR A 37 9.17 -1.82 -3.94
CA THR A 37 9.71 -2.63 -5.02
C THR A 37 8.56 -3.36 -5.71
N ILE A 38 7.52 -3.74 -4.97
CA ILE A 38 6.37 -4.43 -5.57
C ILE A 38 5.28 -3.45 -5.99
N CYS A 39 5.24 -2.23 -5.42
CA CYS A 39 4.20 -1.27 -5.75
C CYS A 39 4.59 -0.30 -6.86
N ASN A 40 5.89 -0.05 -7.05
CA ASN A 40 6.38 0.87 -8.07
C ASN A 40 6.05 0.40 -9.50
N PRO A 41 6.14 -0.89 -9.86
CA PRO A 41 5.79 -1.33 -11.20
C PRO A 41 4.29 -1.20 -11.46
N CYS A 42 3.47 -1.01 -10.43
CA CYS A 42 2.04 -0.81 -10.58
C CYS A 42 1.71 0.68 -10.76
N GLY A 43 2.69 1.56 -10.58
CA GLY A 43 2.50 2.99 -10.75
C GLY A 43 3.42 3.78 -9.80
N PRO A 44 3.55 5.09 -10.02
CA PRO A 44 4.39 5.95 -9.21
C PRO A 44 3.79 6.10 -7.81
N VAL A 45 4.41 5.43 -6.83
CA VAL A 45 3.99 5.50 -5.44
C VAL A 45 4.37 6.87 -4.87
N GLN A 46 3.55 7.42 -3.98
CA GLN A 46 3.80 8.72 -3.39
C GLN A 46 4.16 8.60 -1.91
N ARG A 47 3.53 7.67 -1.18
CA ARG A 47 3.81 7.48 0.24
C ARG A 47 3.62 6.03 0.68
N ILE A 48 4.32 5.63 1.74
CA ILE A 48 4.23 4.29 2.32
C ILE A 48 4.40 4.38 3.85
N VAL A 49 3.67 3.56 4.59
CA VAL A 49 3.71 3.53 6.05
C VAL A 49 3.53 2.08 6.50
N ILE A 50 4.04 1.74 7.70
CA ILE A 50 3.91 0.42 8.28
C ILE A 50 3.49 0.54 9.74
N PHE A 51 2.59 -0.36 10.18
CA PHE A 51 2.15 -0.42 11.57
C PHE A 51 1.78 -1.81 12.08
N ARG A 52 1.76 -1.98 13.41
CA ARG A 52 1.51 -3.27 14.04
C ARG A 52 0.60 -3.14 15.26
N LYS A 53 -0.31 -2.16 15.24
CA LYS A 53 -1.16 -1.86 16.40
C LYS A 53 -2.16 -2.97 16.73
N ASN A 54 -2.61 -3.74 15.73
CA ASN A 54 -3.57 -4.82 15.92
C ASN A 54 -3.12 -6.12 15.27
N GLY A 55 -1.93 -6.13 14.68
CA GLY A 55 -1.43 -7.24 13.90
C GLY A 55 -0.19 -6.79 13.14
N VAL A 56 -0.16 -7.00 11.82
CA VAL A 56 0.89 -6.48 10.96
C VAL A 56 0.31 -5.96 9.66
N GLN A 57 0.47 -4.66 9.40
CA GLN A 57 -0.12 -4.01 8.24
C GLN A 57 0.81 -2.93 7.68
N ALA A 58 0.45 -2.44 6.50
CA ALA A 58 1.16 -1.36 5.83
C ALA A 58 0.16 -0.59 4.97
N MET A 59 0.52 0.62 4.55
CA MET A 59 -0.33 1.45 3.72
C MET A 59 0.48 2.05 2.57
N VAL A 60 -0.21 2.33 1.46
CA VAL A 60 0.41 2.90 0.26
C VAL A 60 -0.53 3.92 -0.38
N GLU A 61 0.03 4.97 -0.96
CA GLU A 61 -0.74 5.99 -1.67
C GLU A 61 -0.15 6.23 -3.05
N PHE A 62 -1.03 6.23 -4.06
CA PHE A 62 -0.69 6.40 -5.46
C PHE A 62 -0.95 7.78 -6.06
N ASP A 63 -0.31 8.08 -7.20
CA ASP A 63 -0.50 9.35 -7.89
C ASP A 63 -1.80 9.28 -8.72
N SER A 64 -2.39 8.09 -8.87
CA SER A 64 -3.58 7.92 -9.70
C SER A 64 -4.42 6.72 -9.25
N VAL A 65 -5.73 6.80 -9.49
CA VAL A 65 -6.66 5.74 -9.10
C VAL A 65 -6.40 4.50 -9.95
N GLN A 66 -6.07 4.66 -11.23
CA GLN A 66 -5.83 3.52 -12.10
C GLN A 66 -4.57 2.76 -11.69
N SER A 67 -3.63 3.45 -11.02
CA SER A 67 -2.43 2.80 -10.51
C SER A 67 -2.77 1.98 -9.26
N ALA A 68 -3.74 2.45 -8.47
CA ALA A 68 -4.17 1.74 -7.29
C ALA A 68 -5.08 0.56 -7.65
N GLN A 69 -5.87 0.69 -8.73
CA GLN A 69 -6.75 -0.39 -9.14
C GLN A 69 -5.96 -1.61 -9.62
N ARG A 70 -4.89 -1.40 -10.38
CA ARG A 70 -4.08 -2.52 -10.86
C ARG A 70 -3.19 -3.05 -9.75
N ALA A 71 -2.78 -2.21 -8.79
CA ALA A 71 -1.98 -2.65 -7.67
C ALA A 71 -2.80 -3.55 -6.74
N LYS A 72 -4.07 -3.18 -6.51
CA LYS A 72 -4.97 -3.93 -5.67
C LYS A 72 -5.45 -5.20 -6.38
N ALA A 73 -5.36 -5.23 -7.71
CA ALA A 73 -5.79 -6.38 -8.50
C ALA A 73 -4.62 -7.29 -8.91
N SER A 74 -3.37 -6.90 -8.60
CA SER A 74 -2.21 -7.69 -9.00
C SER A 74 -1.32 -8.08 -7.82
N LEU A 75 -1.26 -7.25 -6.77
CA LEU A 75 -0.43 -7.52 -5.61
C LEU A 75 -1.23 -8.24 -4.52
N ASN A 76 -2.54 -8.37 -4.69
CA ASN A 76 -3.38 -9.07 -3.74
C ASN A 76 -3.10 -10.57 -3.83
N GLY A 77 -2.89 -11.23 -2.69
CA GLY A 77 -2.58 -12.64 -2.64
C GLY A 77 -1.12 -12.94 -3.03
N ALA A 78 -0.37 -11.91 -3.44
CA ALA A 78 1.03 -12.06 -3.80
C ALA A 78 1.89 -12.12 -2.54
N ASP A 79 3.15 -12.54 -2.70
CA ASP A 79 4.09 -12.65 -1.59
C ASP A 79 5.39 -11.85 -1.77
N ILE A 80 5.87 -11.21 -0.68
CA ILE A 80 7.08 -10.41 -0.72
C ILE A 80 8.30 -11.34 -0.78
N TYR A 81 8.26 -12.41 0.01
CA TYR A 81 9.31 -13.42 0.08
C TYR A 81 9.30 -14.51 -0.99
N SER A 82 8.19 -14.60 -1.76
CA SER A 82 7.97 -15.66 -2.73
C SER A 82 7.84 -17.03 -2.04
N GLY A 83 7.25 -17.02 -0.84
CA GLY A 83 6.99 -18.21 -0.05
C GLY A 83 6.36 -17.84 1.30
N CYS A 84 6.58 -16.61 1.76
CA CYS A 84 6.03 -16.08 3.00
C CYS A 84 5.73 -14.58 2.82
N CYS A 85 5.30 -13.92 3.90
CA CYS A 85 4.92 -12.52 3.85
C CYS A 85 3.80 -12.25 2.84
N THR A 86 2.87 -13.20 2.72
CA THR A 86 1.71 -13.06 1.85
C THR A 86 0.88 -11.81 2.10
N LEU A 87 0.27 -11.26 1.04
CA LEU A 87 -0.43 -9.99 1.12
C LEU A 87 -1.93 -10.13 0.89
N LYS A 88 -2.67 -9.15 1.41
CA LYS A 88 -4.09 -8.93 1.15
C LYS A 88 -4.28 -7.43 0.99
N ILE A 89 -5.10 -7.01 0.02
CA ILE A 89 -5.21 -5.60 -0.31
C ILE A 89 -6.67 -5.19 -0.55
N GLU A 90 -7.02 -3.99 -0.10
CA GLU A 90 -8.34 -3.42 -0.31
C GLU A 90 -8.29 -1.90 -0.15
N TYR A 91 -9.30 -1.20 -0.67
CA TYR A 91 -9.37 0.25 -0.53
C TYR A 91 -9.45 0.79 0.88
N ALA A 92 -8.67 1.84 1.16
CA ALA A 92 -8.59 2.44 2.48
C ALA A 92 -9.56 3.61 2.59
N LYS A 93 -9.95 3.97 3.83
CA LYS A 93 -10.90 5.07 4.04
C LYS A 93 -10.23 6.44 4.23
N PRO A 94 -9.02 6.57 4.81
CA PRO A 94 -8.37 7.86 4.93
C PRO A 94 -7.72 8.25 3.61
N THR A 95 -7.41 9.54 3.44
CA THR A 95 -6.82 10.04 2.19
C THR A 95 -5.65 11.02 2.33
N ARG A 96 -5.07 11.13 3.52
CA ARG A 96 -3.94 12.02 3.74
C ARG A 96 -3.10 11.58 4.95
N LEU A 97 -1.80 11.40 4.74
CA LEU A 97 -0.85 11.09 5.81
C LEU A 97 -0.30 12.37 6.43
N ASN A 98 0.31 12.25 7.61
CA ASN A 98 1.03 13.35 8.23
C ASN A 98 2.48 12.94 8.50
N VAL A 99 3.12 12.28 7.52
CA VAL A 99 4.48 11.76 7.66
C VAL A 99 5.48 12.77 8.23
N PHE A 100 6.38 12.30 9.10
CA PHE A 100 7.36 13.14 9.76
C PHE A 100 8.84 12.77 9.58
N LYS A 101 9.12 11.63 8.94
CA LYS A 101 10.47 11.19 8.67
C LYS A 101 10.47 10.09 7.59
N ASN A 102 11.65 9.77 7.07
CA ASN A 102 11.83 8.69 6.13
C ASN A 102 12.79 7.64 6.70
N ASP A 103 12.33 6.39 6.78
CA ASP A 103 13.10 5.27 7.29
C ASP A 103 12.49 3.97 6.77
N GLN A 104 12.91 2.82 7.31
CA GLN A 104 12.45 1.52 6.85
C GLN A 104 10.98 1.25 7.22
N ASP A 105 10.36 2.09 8.06
CA ASP A 105 8.97 1.90 8.47
C ASP A 105 7.99 2.82 7.77
N THR A 106 8.42 4.04 7.45
CA THR A 106 7.64 5.04 6.72
C THR A 106 8.47 5.86 5.76
N TRP A 107 7.89 6.24 4.61
CA TRP A 107 8.64 6.97 3.61
C TRP A 107 7.68 7.82 2.78
N ASP A 108 8.21 8.90 2.21
CA ASP A 108 7.47 9.77 1.31
C ASP A 108 8.27 10.07 0.04
N TYR A 109 7.72 9.63 -1.10
CA TYR A 109 8.39 9.68 -2.39
C TYR A 109 8.32 10.98 -3.17
N THR A 110 7.80 12.05 -2.55
CA THR A 110 7.65 13.33 -3.22
C THR A 110 8.04 14.53 -2.35
N ASN A 111 8.02 14.38 -1.02
CA ASN A 111 8.48 15.44 -0.12
C ASN A 111 9.94 15.18 0.25
N PRO A 112 10.87 16.04 -0.19
CA PRO A 112 12.29 15.88 0.09
C PRO A 112 12.66 16.30 1.51
N ASN A 113 11.78 17.04 2.19
CA ASN A 113 12.07 17.60 3.51
C ASN A 113 12.03 16.53 4.61
N LEU A 114 11.46 15.36 4.33
CA LEU A 114 11.35 14.30 5.31
C LEU A 114 12.58 13.37 5.27
N SER A 115 13.47 13.59 4.30
CA SER A 115 14.68 12.78 4.16
C SER A 115 15.71 13.16 5.22
N GLY A 116 16.48 12.18 5.70
CA GLY A 116 17.55 12.40 6.65
C GLY A 116 17.06 12.77 8.05
N GLN A 117 15.74 12.82 8.27
CA GLN A 117 15.18 13.18 9.56
C GLN A 117 15.45 12.08 10.59
N GLY A 118 15.57 12.49 11.86
CA GLY A 118 15.80 11.58 12.98
C GLY A 118 14.50 10.91 13.42
#